data_3E2B
# 
_entry.id   3E2B 
# 
_audit_conform.dict_name       mmcif_pdbx.dic 
_audit_conform.dict_version    5.377 
_audit_conform.dict_location   http://mmcif.pdb.org/dictionaries/ascii/mmcif_pdbx.dic 
# 
loop_
_database_2.database_id 
_database_2.database_code 
_database_2.pdbx_database_accession 
_database_2.pdbx_DOI 
PDB   3E2B         pdb_00003e2b 10.2210/pdb3e2b/pdb 
RCSB  RCSB048785   ?            ?                   
WWPDB D_1000048785 ?            ?                   
# 
_pdbx_database_PDB_obs_spr.id               SPRSDE 
_pdbx_database_PDB_obs_spr.date             2008-08-12 
_pdbx_database_PDB_obs_spr.pdb_id           3E2B 
_pdbx_database_PDB_obs_spr.replace_pdb_id   2P1K 
_pdbx_database_PDB_obs_spr.details          ? 
# 
_pdbx_database_related.db_name        PDB 
_pdbx_database_related.db_id          2p1k 
_pdbx_database_related.details        'replaces pdb.2p1k' 
_pdbx_database_related.content_type   unspecified 
# 
_pdbx_database_status.status_code                     REL 
_pdbx_database_status.entry_id                        3E2B 
_pdbx_database_status.recvd_initial_deposition_date   2008-08-05 
_pdbx_database_status.deposit_site                    RCSB 
_pdbx_database_status.process_site                    RCSB 
_pdbx_database_status.status_code_sf                  REL 
_pdbx_database_status.status_code_mr                  ? 
_pdbx_database_status.SG_entry                        ? 
_pdbx_database_status.pdb_format_compatible           Y 
_pdbx_database_status.status_code_cs                  ? 
_pdbx_database_status.status_code_nmr_data            ? 
_pdbx_database_status.methods_development_category    ? 
# 
loop_
_audit_author.name 
_audit_author.pdbx_ordinal 
'Benison, G.'   1 
'Barbar, E.'    2 
'Karplus, P.A.' 3 
# 
loop_
_citation.id 
_citation.title 
_citation.journal_abbrev 
_citation.journal_volume 
_citation.page_first 
_citation.page_last 
_citation.year 
_citation.journal_id_ASTM 
_citation.country 
_citation.journal_id_ISSN 
_citation.journal_id_CSD 
_citation.book_publisher 
_citation.pdbx_database_id_PubMed 
_citation.pdbx_database_id_DOI 
primary 'The interplay of ligand binding and quaternary structure in the diverse interactions of dynein light chain LC8.' 
J.Mol.Biol. 384 954 966 2008 JMOBAK UK 0022-2836 0070 ? 18948118 10.1016/j.jmb.2008.09.083 
1       
'Structure and dynamics of LC8 complexes with KXTQT-motif peptides: swallow and dynein intermediate chain compete for a common site.' 
J.Mol.Biol. 371 457 468 2007 JMOBAK UK 0022-2836 0070 ? 17570393 10.1016/j.jmb.2007.05.046 
# 
loop_
_citation_author.citation_id 
_citation_author.name 
_citation_author.ordinal 
_citation_author.identifier_ORCID 
primary 'Benison, G.'   1 ? 
primary 'Karplus, P.A.' 2 ? 
primary 'Barbar, E.'    3 ? 
1       'Benison, G.'   4 ? 
1       'Karplus, P.A.' 5 ? 
1       'Barbar, E.'    6 ? 
# 
_cell.entry_id           3E2B 
_cell.length_a           44.158 
_cell.length_b           44.158 
_cell.length_c           203.718 
_cell.angle_alpha        90.00 
_cell.angle_beta         90.00 
_cell.angle_gamma        120.00 
_cell.Z_PDB              12 
_cell.pdbx_unique_axis   ? 
_cell.length_a_esd       ? 
_cell.length_b_esd       ? 
_cell.length_c_esd       ? 
_cell.angle_alpha_esd    ? 
_cell.angle_beta_esd     ? 
_cell.angle_gamma_esd    ? 
# 
_symmetry.entry_id                         3E2B 
_symmetry.space_group_name_H-M             'P 61 2 2' 
_symmetry.pdbx_full_space_group_name_H-M   ? 
_symmetry.cell_setting                     ? 
_symmetry.Int_Tables_number                178 
_symmetry.space_group_name_Hall            ? 
# 
loop_
_entity.id 
_entity.type 
_entity.src_method 
_entity.pdbx_description 
_entity.formula_weight 
_entity.pdbx_number_of_molecules 
_entity.pdbx_ec 
_entity.pdbx_mutation 
_entity.pdbx_fragment 
_entity.details 
1 polymer     man 'Dynein light chain 1, cytoplasmic'  10388.849 1  ? ? ? ? 
2 polymer     syn 'Protein swallow 16-residue peptide' 1783.980  1  ? ? ? ? 
3 non-polymer syn 'ACETATE ION'                        59.044    1  ? ? ? ? 
4 water       nat water                                18.015    61 ? ? ? ? 
# 
_entity_name_com.entity_id   1 
_entity_name_com.name        '8 kDa dynein light chain, Cut up protein' 
# 
loop_
_entity_poly.entity_id 
_entity_poly.type 
_entity_poly.nstd_linkage 
_entity_poly.nstd_monomer 
_entity_poly.pdbx_seq_one_letter_code 
_entity_poly.pdbx_seq_one_letter_code_can 
_entity_poly.pdbx_strand_id 
_entity_poly.pdbx_target_identifier 
1 'polypeptide(L)' no no 
;MSDRKAVIKNADMSEEMQQDAVDCATQALEKYNIEKDIAAYIKKEFDKKYNPTWHCIVGRNFGSYVTHETRHFIYFYLGQ
VAILLFKSG
;
;MSDRKAVIKNADMSEEMQQDAVDCATQALEKYNIEKDIAAYIKKEFDKKYNPTWHCIVGRNFGSYVTHETRHFIYFYLGQ
VAILLFKSG
;
A ? 
2 'polypeptide(L)' no no MYHIRSATSAKATQTD                                                                             
MYHIRSATSAKATQTD                                                                             C ? 
# 
loop_
_entity_poly_seq.entity_id 
_entity_poly_seq.num 
_entity_poly_seq.mon_id 
_entity_poly_seq.hetero 
1 1  MET n 
1 2  SER n 
1 3  ASP n 
1 4  ARG n 
1 5  LYS n 
1 6  ALA n 
1 7  VAL n 
1 8  ILE n 
1 9  LYS n 
1 10 ASN n 
1 11 ALA n 
1 12 ASP n 
1 13 MET n 
1 14 SER n 
1 15 GLU n 
1 16 GLU n 
1 17 MET n 
1 18 GLN n 
1 19 GLN n 
1 20 ASP n 
1 21 ALA n 
1 22 VAL n 
1 23 ASP n 
1 24 CYS n 
1 25 ALA n 
1 26 THR n 
1 27 GLN n 
1 28 ALA n 
1 29 LEU n 
1 30 GLU n 
1 31 LYS n 
1 32 TYR n 
1 33 ASN n 
1 34 ILE n 
1 35 GLU n 
1 36 LYS n 
1 37 ASP n 
1 38 ILE n 
1 39 ALA n 
1 40 ALA n 
1 41 TYR n 
1 42 ILE n 
1 43 LYS n 
1 44 LYS n 
1 45 GLU n 
1 46 PHE n 
1 47 ASP n 
1 48 LYS n 
1 49 LYS n 
1 50 TYR n 
1 51 ASN n 
1 52 PRO n 
1 53 THR n 
1 54 TRP n 
1 55 HIS n 
1 56 CYS n 
1 57 ILE n 
1 58 VAL n 
1 59 GLY n 
1 60 ARG n 
1 61 ASN n 
1 62 PHE n 
1 63 GLY n 
1 64 SER n 
1 65 TYR n 
1 66 VAL n 
1 67 THR n 
1 68 HIS n 
1 69 GLU n 
1 70 THR n 
1 71 ARG n 
1 72 HIS n 
1 73 PHE n 
1 74 ILE n 
1 75 TYR n 
1 76 PHE n 
1 77 TYR n 
1 78 LEU n 
1 79 GLY n 
1 80 GLN n 
1 81 VAL n 
1 82 ALA n 
1 83 ILE n 
1 84 LEU n 
1 85 LEU n 
1 86 PHE n 
1 87 LYS n 
1 88 SER n 
1 89 GLY n 
2 1  MET n 
2 2  TYR n 
2 3  HIS n 
2 4  ILE n 
2 5  ARG n 
2 6  SER n 
2 7  ALA n 
2 8  THR n 
2 9  SER n 
2 10 ALA n 
2 11 LYS n 
2 12 ALA n 
2 13 THR n 
2 14 GLN n 
2 15 THR n 
2 16 ASP n 
# 
_entity_src_gen.entity_id                          1 
_entity_src_gen.pdbx_src_id                        1 
_entity_src_gen.pdbx_alt_source_flag               sample 
_entity_src_gen.pdbx_seq_type                      ? 
_entity_src_gen.pdbx_beg_seq_num                   ? 
_entity_src_gen.pdbx_end_seq_num                   ? 
_entity_src_gen.gene_src_common_name               'Fruit fly' 
_entity_src_gen.gene_src_genus                     ? 
_entity_src_gen.pdbx_gene_src_gene                 'ctp, Cdlc1, ddlc1, CG6998' 
_entity_src_gen.gene_src_species                   ? 
_entity_src_gen.gene_src_strain                    ? 
_entity_src_gen.gene_src_tissue                    ? 
_entity_src_gen.gene_src_tissue_fraction           ? 
_entity_src_gen.gene_src_details                   ? 
_entity_src_gen.pdbx_gene_src_fragment             ? 
_entity_src_gen.pdbx_gene_src_scientific_name      'Drosophila melanogaster' 
_entity_src_gen.pdbx_gene_src_ncbi_taxonomy_id     7227 
_entity_src_gen.pdbx_gene_src_variant              ? 
_entity_src_gen.pdbx_gene_src_cell_line            ? 
_entity_src_gen.pdbx_gene_src_atcc                 ? 
_entity_src_gen.pdbx_gene_src_organ                ? 
_entity_src_gen.pdbx_gene_src_organelle            ? 
_entity_src_gen.pdbx_gene_src_cell                 ? 
_entity_src_gen.pdbx_gene_src_cellular_location    ? 
_entity_src_gen.host_org_common_name               ? 
_entity_src_gen.pdbx_host_org_scientific_name      'Escherichia coli' 
_entity_src_gen.pdbx_host_org_ncbi_taxonomy_id     562 
_entity_src_gen.host_org_genus                     ? 
_entity_src_gen.pdbx_host_org_gene                 ? 
_entity_src_gen.pdbx_host_org_organ                ? 
_entity_src_gen.host_org_species                   ? 
_entity_src_gen.pdbx_host_org_tissue               ? 
_entity_src_gen.pdbx_host_org_tissue_fraction      ? 
_entity_src_gen.pdbx_host_org_strain               'BL21(DE3)' 
_entity_src_gen.pdbx_host_org_variant              ? 
_entity_src_gen.pdbx_host_org_cell_line            ? 
_entity_src_gen.pdbx_host_org_atcc                 ? 
_entity_src_gen.pdbx_host_org_culture_collection   ? 
_entity_src_gen.pdbx_host_org_cell                 ? 
_entity_src_gen.pdbx_host_org_organelle            ? 
_entity_src_gen.pdbx_host_org_cellular_location    ? 
_entity_src_gen.pdbx_host_org_vector_type          pET15DA 
_entity_src_gen.pdbx_host_org_vector               ? 
_entity_src_gen.host_org_details                   ? 
_entity_src_gen.expression_system_id               ? 
_entity_src_gen.plasmid_name                       ? 
_entity_src_gen.plasmid_details                    ? 
_entity_src_gen.pdbx_description                   ? 
# 
_pdbx_entity_src_syn.entity_id              2 
_pdbx_entity_src_syn.pdbx_src_id            1 
_pdbx_entity_src_syn.pdbx_alt_source_flag   sample 
_pdbx_entity_src_syn.pdbx_beg_seq_num       ? 
_pdbx_entity_src_syn.pdbx_end_seq_num       ? 
_pdbx_entity_src_syn.organism_scientific    ? 
_pdbx_entity_src_syn.organism_common_name   ? 
_pdbx_entity_src_syn.ncbi_taxonomy_id       ? 
_pdbx_entity_src_syn.details                
'The peptide was chemically synthesized. The sequence of the peptide can be naturally found in Drosophila melanogaster (Fruit fly).' 
# 
loop_
_struct_ref.id 
_struct_ref.db_name 
_struct_ref.db_code 
_struct_ref.pdbx_db_accession 
_struct_ref.entity_id 
_struct_ref.pdbx_seq_one_letter_code 
_struct_ref.pdbx_align_begin 
_struct_ref.pdbx_db_isoform 
1 UNP DYL1_DROME Q24117 1 
;MSDRKAVIKNADMSEEMQQDAVDCATQALEKYNIEKDIAAYIKKEFDKKYNPTWHCIVGRNFGSYVTHETRHFIYFYLGQ
VAILLFKSG
;
1   ? 
2 UNP SWA_DROME  P40688 2 MYHIRSATSAKATQTD                                                                             281 ? 
# 
loop_
_struct_ref_seq.align_id 
_struct_ref_seq.ref_id 
_struct_ref_seq.pdbx_PDB_id_code 
_struct_ref_seq.pdbx_strand_id 
_struct_ref_seq.seq_align_beg 
_struct_ref_seq.pdbx_seq_align_beg_ins_code 
_struct_ref_seq.seq_align_end 
_struct_ref_seq.pdbx_seq_align_end_ins_code 
_struct_ref_seq.pdbx_db_accession 
_struct_ref_seq.db_align_beg 
_struct_ref_seq.pdbx_db_align_beg_ins_code 
_struct_ref_seq.db_align_end 
_struct_ref_seq.pdbx_db_align_end_ins_code 
_struct_ref_seq.pdbx_auth_seq_align_beg 
_struct_ref_seq.pdbx_auth_seq_align_end 
1 1 3E2B A 1 ? 89 ? Q24117 1   ? 89  ? 1   89  
2 2 3E2B C 1 ? 16 ? P40688 281 ? 296 ? 281 296 
# 
loop_
_chem_comp.id 
_chem_comp.type 
_chem_comp.mon_nstd_flag 
_chem_comp.name 
_chem_comp.pdbx_synonyms 
_chem_comp.formula 
_chem_comp.formula_weight 
ACT non-polymer         . 'ACETATE ION'   ? 'C2 H3 O2 -1'    59.044  
ALA 'L-peptide linking' y ALANINE         ? 'C3 H7 N O2'     89.093  
ARG 'L-peptide linking' y ARGININE        ? 'C6 H15 N4 O2 1' 175.209 
ASN 'L-peptide linking' y ASPARAGINE      ? 'C4 H8 N2 O3'    132.118 
ASP 'L-peptide linking' y 'ASPARTIC ACID' ? 'C4 H7 N O4'     133.103 
CYS 'L-peptide linking' y CYSTEINE        ? 'C3 H7 N O2 S'   121.158 
GLN 'L-peptide linking' y GLUTAMINE       ? 'C5 H10 N2 O3'   146.144 
GLU 'L-peptide linking' y 'GLUTAMIC ACID' ? 'C5 H9 N O4'     147.129 
GLY 'peptide linking'   y GLYCINE         ? 'C2 H5 N O2'     75.067  
HIS 'L-peptide linking' y HISTIDINE       ? 'C6 H10 N3 O2 1' 156.162 
HOH non-polymer         . WATER           ? 'H2 O'           18.015  
ILE 'L-peptide linking' y ISOLEUCINE      ? 'C6 H13 N O2'    131.173 
LEU 'L-peptide linking' y LEUCINE         ? 'C6 H13 N O2'    131.173 
LYS 'L-peptide linking' y LYSINE          ? 'C6 H15 N2 O2 1' 147.195 
MET 'L-peptide linking' y METHIONINE      ? 'C5 H11 N O2 S'  149.211 
PHE 'L-peptide linking' y PHENYLALANINE   ? 'C9 H11 N O2'    165.189 
PRO 'L-peptide linking' y PROLINE         ? 'C5 H9 N O2'     115.130 
SER 'L-peptide linking' y SERINE          ? 'C3 H7 N O3'     105.093 
THR 'L-peptide linking' y THREONINE       ? 'C4 H9 N O3'     119.119 
TRP 'L-peptide linking' y TRYPTOPHAN      ? 'C11 H12 N2 O2'  204.225 
TYR 'L-peptide linking' y TYROSINE        ? 'C9 H11 N O3'    181.189 
VAL 'L-peptide linking' y VALINE          ? 'C5 H11 N O2'    117.146 
# 
_exptl.entry_id          3E2B 
_exptl.method            'X-RAY DIFFRACTION' 
_exptl.crystals_number   1 
# 
_exptl_crystal.id                    1 
_exptl_crystal.density_meas          ? 
_exptl_crystal.density_Matthews      2.36 
_exptl_crystal.density_percent_sol   47.77 
_exptl_crystal.description           ? 
_exptl_crystal.F_000                 ? 
_exptl_crystal.preparation           ? 
# 
_exptl_crystal_grow.crystal_id      1 
_exptl_crystal_grow.method          'VAPOR DIFFUSION, HANGING DROP' 
_exptl_crystal_grow.temp            298 
_exptl_crystal_grow.temp_details    ? 
_exptl_crystal_grow.pH              5.5 
_exptl_crystal_grow.pdbx_details    
'0.2M sodium potassium tartrate, 0.1M sodium citrate, 2.0M ammonium sulfate, pH 5.5, VAPOR DIFFUSION, HANGING DROP, temperature 298K' 
_exptl_crystal_grow.pdbx_pH_range   ? 
# 
_diffrn.id                     1 
_diffrn.ambient_temp           77 
_diffrn.ambient_temp_details   ? 
_diffrn.crystal_id             1 
# 
_diffrn_detector.diffrn_id              1 
_diffrn_detector.detector               'AREA DETECTOR' 
_diffrn_detector.type                   ? 
_diffrn_detector.pdbx_collection_date   2008-02-27 
_diffrn_detector.details                ? 
# 
_diffrn_radiation.diffrn_id                        1 
_diffrn_radiation.wavelength_id                    1 
_diffrn_radiation.pdbx_monochromatic_or_laue_m_l   M 
_diffrn_radiation.monochromator                    ? 
_diffrn_radiation.pdbx_diffrn_protocol             'SINGLE WAVELENGTH' 
_diffrn_radiation.pdbx_scattering_type             x-ray 
# 
_diffrn_radiation_wavelength.id           1 
_diffrn_radiation_wavelength.wavelength   0.979 
_diffrn_radiation_wavelength.wt           1.0 
# 
_diffrn_source.diffrn_id                   1 
_diffrn_source.source                      SYNCHROTRON 
_diffrn_source.type                        'ALS BEAMLINE 8.2.1' 
_diffrn_source.pdbx_synchrotron_site       ALS 
_diffrn_source.pdbx_synchrotron_beamline   8.2.1 
_diffrn_source.pdbx_wavelength             ? 
_diffrn_source.pdbx_wavelength_list        0.979 
# 
_reflns.entry_id                     3E2B 
_reflns.observed_criterion_sigma_F   ? 
_reflns.observed_criterion_sigma_I   ? 
_reflns.d_resolution_high            1.9 
_reflns.d_resolution_low             40.7 
_reflns.number_all                   10184 
_reflns.number_obs                   10184 
_reflns.percent_possible_obs         100 
_reflns.pdbx_Rmerge_I_obs            ? 
_reflns.pdbx_Rsym_value              0.07 
_reflns.pdbx_netI_over_sigmaI        23.5 
_reflns.B_iso_Wilson_estimate        28.4 
_reflns.pdbx_redundancy              13.7 
_reflns.R_free_details               ? 
_reflns.limit_h_max                  ? 
_reflns.limit_h_min                  ? 
_reflns.limit_k_max                  ? 
_reflns.limit_k_min                  ? 
_reflns.limit_l_max                  ? 
_reflns.limit_l_min                  ? 
_reflns.observed_criterion_F_max     ? 
_reflns.observed_criterion_F_min     ? 
_reflns.pdbx_chi_squared             ? 
_reflns.pdbx_scaling_rejects         ? 
_reflns.pdbx_diffrn_id               1 
_reflns.pdbx_ordinal                 1 
# 
_reflns_shell.d_res_high             1.9 
_reflns_shell.d_res_low              2.0 
_reflns_shell.percent_possible_all   100 
_reflns_shell.Rmerge_I_obs           ? 
_reflns_shell.pdbx_Rsym_value        0.63 
_reflns_shell.meanI_over_sigI_obs    5.1 
_reflns_shell.pdbx_redundancy        14.3 
_reflns_shell.percent_possible_obs   ? 
_reflns_shell.number_unique_all      1436 
_reflns_shell.number_measured_all    ? 
_reflns_shell.number_measured_obs    ? 
_reflns_shell.number_unique_obs      ? 
_reflns_shell.pdbx_chi_squared       ? 
_reflns_shell.pdbx_diffrn_id         ? 
_reflns_shell.pdbx_ordinal           1 
# 
_refine.entry_id                                 3E2B 
_refine.ls_number_reflns_obs                     7844 
_refine.ls_number_reflns_all                     ? 
_refine.pdbx_ls_sigma_I                          ? 
_refine.pdbx_ls_sigma_F                          ? 
_refine.pdbx_data_cutoff_high_absF               ? 
_refine.pdbx_data_cutoff_low_absF                ? 
_refine.pdbx_data_cutoff_high_rms_absF           ? 
_refine.ls_d_res_low                             35.81 
_refine.ls_d_res_high                            2.00 
_refine.ls_percent_reflns_obs                    99.94 
_refine.ls_R_factor_obs                          0.22084 
_refine.ls_R_factor_all                          ? 
_refine.ls_R_factor_R_work                       0.21591 
_refine.ls_R_factor_R_free                       0.26599 
_refine.ls_R_factor_R_free_error                 ? 
_refine.ls_R_factor_R_free_error_details         ? 
_refine.ls_percent_reflns_R_free                 10.0 
_refine.ls_number_reflns_R_free                  869 
_refine.ls_number_parameters                     ? 
_refine.ls_number_restraints                     ? 
_refine.occupancy_min                            ? 
_refine.occupancy_max                            ? 
_refine.correlation_coeff_Fo_to_Fc               0.950 
_refine.correlation_coeff_Fo_to_Fc_free          0.925 
_refine.B_iso_mean                               34.422 
_refine.aniso_B[1][1]                            0.08 
_refine.aniso_B[2][2]                            0.08 
_refine.aniso_B[3][3]                            -0.11 
_refine.aniso_B[1][2]                            0.04 
_refine.aniso_B[1][3]                            0.00 
_refine.aniso_B[2][3]                            0.00 
_refine.solvent_model_details                    'BABINET MODEL WITH MASK' 
_refine.solvent_model_param_ksol                 ? 
_refine.solvent_model_param_bsol                 ? 
_refine.pdbx_solvent_vdw_probe_radii             1.40 
_refine.pdbx_solvent_ion_probe_radii             0.80 
_refine.pdbx_solvent_shrinkage_radii             0.80 
_refine.pdbx_ls_cross_valid_method               THROUGHOUT 
_refine.details                                  'HYDROGENS HAVE BEEN ADDED IN THE RIDING POSITIONS' 
_refine.pdbx_starting_model                      'pdb entry 2p1k' 
_refine.pdbx_method_to_determine_struct          'MOLECULAR REPLACEMENT' 
_refine.pdbx_isotropic_thermal_model             ? 
_refine.pdbx_stereochemistry_target_values       'MAXIMUM LIKELIHOOD' 
_refine.pdbx_stereochem_target_val_spec_case     ? 
_refine.pdbx_R_Free_selection_details            RANDOM 
_refine.pdbx_overall_ESU_R                       0.200 
_refine.pdbx_overall_ESU_R_Free                  0.183 
_refine.overall_SU_ML                            0.154 
_refine.overall_SU_B                             11.277 
_refine.ls_redundancy_reflns_obs                 ? 
_refine.B_iso_min                                ? 
_refine.B_iso_max                                ? 
_refine.overall_SU_R_Cruickshank_DPI             ? 
_refine.overall_SU_R_free                        ? 
_refine.ls_wR_factor_R_free                      ? 
_refine.ls_wR_factor_R_work                      ? 
_refine.overall_FOM_free_R_set                   ? 
_refine.overall_FOM_work_R_set                   ? 
_refine.pdbx_overall_phase_error                 ? 
_refine.pdbx_refine_id                           'X-RAY DIFFRACTION' 
_refine.pdbx_diffrn_id                           1 
_refine.pdbx_TLS_residual_ADP_flag               ? 
_refine.pdbx_overall_SU_R_free_Cruickshank_DPI   ? 
_refine.pdbx_overall_SU_R_Blow_DPI               ? 
_refine.pdbx_overall_SU_R_free_Blow_DPI          ? 
# 
_refine_hist.pdbx_refine_id                   'X-RAY DIFFRACTION' 
_refine_hist.cycle_id                         LAST 
_refine_hist.pdbx_number_atoms_protein        804 
_refine_hist.pdbx_number_atoms_nucleic_acid   0 
_refine_hist.pdbx_number_atoms_ligand         4 
_refine_hist.number_atoms_solvent             61 
_refine_hist.number_atoms_total               869 
_refine_hist.d_res_high                       2.00 
_refine_hist.d_res_low                        35.81 
# 
loop_
_refine_ls_restr.type 
_refine_ls_restr.dev_ideal 
_refine_ls_restr.dev_ideal_target 
_refine_ls_restr.weight 
_refine_ls_restr.number 
_refine_ls_restr.pdbx_refine_id 
_refine_ls_restr.pdbx_restraint_function 
r_bond_refined_d         0.007  0.022  ? 826  'X-RAY DIFFRACTION' ? 
r_angle_refined_deg      0.880  1.934  ? 1116 'X-RAY DIFFRACTION' ? 
r_dihedral_angle_1_deg   5.181  5.000  ? 102  'X-RAY DIFFRACTION' ? 
r_dihedral_angle_2_deg   30.908 25.000 ? 42   'X-RAY DIFFRACTION' ? 
r_dihedral_angle_3_deg   14.433 15.000 ? 151  'X-RAY DIFFRACTION' ? 
r_dihedral_angle_4_deg   9.856  15.000 ? 3    'X-RAY DIFFRACTION' ? 
r_chiral_restr           0.063  0.200  ? 120  'X-RAY DIFFRACTION' ? 
r_gen_planes_refined     0.003  0.020  ? 630  'X-RAY DIFFRACTION' ? 
r_nbd_refined            0.208  0.300  ? 365  'X-RAY DIFFRACTION' ? 
r_nbtor_refined          0.317  0.500  ? 558  'X-RAY DIFFRACTION' ? 
r_xyhbond_nbd_refined    0.188  0.500  ? 72   'X-RAY DIFFRACTION' ? 
r_symmetry_vdw_refined   0.200  0.300  ? 43   'X-RAY DIFFRACTION' ? 
r_symmetry_hbond_refined 0.135  0.500  ? 10   'X-RAY DIFFRACTION' ? 
r_mcbond_it              2.242  2.000  ? 508  'X-RAY DIFFRACTION' ? 
r_mcangle_it             3.056  3.000  ? 797  'X-RAY DIFFRACTION' ? 
r_scbond_it              2.539  2.000  ? 360  'X-RAY DIFFRACTION' ? 
r_scangle_it             3.570  3.000  ? 315  'X-RAY DIFFRACTION' ? 
# 
_refine_ls_shell.pdbx_total_number_of_bins_used   20 
_refine_ls_shell.d_res_high                       2.000 
_refine_ls_shell.d_res_low                        2.052 
_refine_ls_shell.number_reflns_R_work             552 
_refine_ls_shell.R_factor_R_work                  0.263 
_refine_ls_shell.percent_reflns_obs               100.00 
_refine_ls_shell.R_factor_R_free                  0.347 
_refine_ls_shell.R_factor_R_free_error            ? 
_refine_ls_shell.percent_reflns_R_free            ? 
_refine_ls_shell.number_reflns_R_free             53 
_refine_ls_shell.number_reflns_all                ? 
_refine_ls_shell.R_factor_all                     ? 
_refine_ls_shell.number_reflns_obs                ? 
_refine_ls_shell.redundancy_reflns_obs            ? 
_refine_ls_shell.pdbx_refine_id                   'X-RAY DIFFRACTION' 
# 
_struct.entry_id                  3E2B 
_struct.title                     'Crystal structure of Dynein Light chain LC8 in complex with a peptide derived from Swallow' 
_struct.pdbx_model_details        ? 
_struct.pdbx_CASP_flag            N 
_struct.pdbx_model_type_details   ? 
# 
_struct_keywords.entry_id        3E2B 
_struct_keywords.pdbx_keywords   'TRANSPORT PROTEIN' 
_struct_keywords.text            'protein-peptide complex, transport protein, Cytoplasm, Dynein, Microtubule, Motor protein' 
# 
loop_
_struct_asym.id 
_struct_asym.pdbx_blank_PDB_chainid_flag 
_struct_asym.pdbx_modified 
_struct_asym.entity_id 
_struct_asym.details 
A N N 1 ? 
B N N 2 ? 
C N N 3 ? 
D N N 4 ? 
E N N 4 ? 
# 
_struct_biol.id        1 
_struct_biol.details   ? 
# 
loop_
_struct_conf.conf_type_id 
_struct_conf.id 
_struct_conf.pdbx_PDB_helix_id 
_struct_conf.beg_label_comp_id 
_struct_conf.beg_label_asym_id 
_struct_conf.beg_label_seq_id 
_struct_conf.pdbx_beg_PDB_ins_code 
_struct_conf.end_label_comp_id 
_struct_conf.end_label_asym_id 
_struct_conf.end_label_seq_id 
_struct_conf.pdbx_end_PDB_ins_code 
_struct_conf.beg_auth_comp_id 
_struct_conf.beg_auth_asym_id 
_struct_conf.beg_auth_seq_id 
_struct_conf.end_auth_comp_id 
_struct_conf.end_auth_asym_id 
_struct_conf.end_auth_seq_id 
_struct_conf.pdbx_PDB_helix_class 
_struct_conf.details 
_struct_conf.pdbx_PDB_helix_length 
HELX_P HELX_P1 1 SER A 14 ? TYR A 32 ? SER A 14 TYR A 32 1 ? 19 
HELX_P HELX_P2 2 ILE A 34 ? ASN A 51 ? ILE A 34 ASN A 51 1 ? 18 
# 
_struct_conf_type.id          HELX_P 
_struct_conf_type.criteria    ? 
_struct_conf_type.reference   ? 
# 
_struct_mon_prot_cis.pdbx_id                1 
_struct_mon_prot_cis.label_comp_id          PRO 
_struct_mon_prot_cis.label_seq_id           52 
_struct_mon_prot_cis.label_asym_id          A 
_struct_mon_prot_cis.label_alt_id           . 
_struct_mon_prot_cis.pdbx_PDB_ins_code      ? 
_struct_mon_prot_cis.auth_comp_id           PRO 
_struct_mon_prot_cis.auth_seq_id            52 
_struct_mon_prot_cis.auth_asym_id           A 
_struct_mon_prot_cis.pdbx_label_comp_id_2   THR 
_struct_mon_prot_cis.pdbx_label_seq_id_2    53 
_struct_mon_prot_cis.pdbx_label_asym_id_2   A 
_struct_mon_prot_cis.pdbx_PDB_ins_code_2    ? 
_struct_mon_prot_cis.pdbx_auth_comp_id_2    THR 
_struct_mon_prot_cis.pdbx_auth_seq_id_2     53 
_struct_mon_prot_cis.pdbx_auth_asym_id_2    A 
_struct_mon_prot_cis.pdbx_PDB_model_num     1 
_struct_mon_prot_cis.pdbx_omega_angle       7.99 
# 
loop_
_struct_sheet.id 
_struct_sheet.type 
_struct_sheet.number_strands 
_struct_sheet.details 
A ? 4 ? 
B ? 2 ? 
# 
loop_
_struct_sheet_order.sheet_id 
_struct_sheet_order.range_id_1 
_struct_sheet_order.range_id_2 
_struct_sheet_order.offset 
_struct_sheet_order.sense 
A 1 2 ? anti-parallel 
A 2 3 ? anti-parallel 
A 3 4 ? anti-parallel 
B 1 2 ? anti-parallel 
# 
loop_
_struct_sheet_range.sheet_id 
_struct_sheet_range.id 
_struct_sheet_range.beg_label_comp_id 
_struct_sheet_range.beg_label_asym_id 
_struct_sheet_range.beg_label_seq_id 
_struct_sheet_range.pdbx_beg_PDB_ins_code 
_struct_sheet_range.end_label_comp_id 
_struct_sheet_range.end_label_asym_id 
_struct_sheet_range.end_label_seq_id 
_struct_sheet_range.pdbx_end_PDB_ins_code 
_struct_sheet_range.beg_auth_comp_id 
_struct_sheet_range.beg_auth_asym_id 
_struct_sheet_range.beg_auth_seq_id 
_struct_sheet_range.end_auth_comp_id 
_struct_sheet_range.end_auth_asym_id 
_struct_sheet_range.end_auth_seq_id 
A 1 ALA A 6  ? MET A 13 ? ALA A 6   MET A 13  
A 2 HIS A 72 ? LEU A 78 ? HIS A 72  LEU A 78  
A 3 VAL A 81 ? LYS A 87 ? VAL A 81  LYS A 87  
A 4 TRP A 54 ? GLY A 59 ? TRP A 54  GLY A 59  
B 1 GLY A 63 ? GLU A 69 ? GLY A 63  GLU A 69  
B 2 THR B 8  ? GLN B 14 ? THR C 288 GLN C 294 
# 
loop_
_pdbx_struct_sheet_hbond.sheet_id 
_pdbx_struct_sheet_hbond.range_id_1 
_pdbx_struct_sheet_hbond.range_id_2 
_pdbx_struct_sheet_hbond.range_1_label_atom_id 
_pdbx_struct_sheet_hbond.range_1_label_comp_id 
_pdbx_struct_sheet_hbond.range_1_label_asym_id 
_pdbx_struct_sheet_hbond.range_1_label_seq_id 
_pdbx_struct_sheet_hbond.range_1_PDB_ins_code 
_pdbx_struct_sheet_hbond.range_1_auth_atom_id 
_pdbx_struct_sheet_hbond.range_1_auth_comp_id 
_pdbx_struct_sheet_hbond.range_1_auth_asym_id 
_pdbx_struct_sheet_hbond.range_1_auth_seq_id 
_pdbx_struct_sheet_hbond.range_2_label_atom_id 
_pdbx_struct_sheet_hbond.range_2_label_comp_id 
_pdbx_struct_sheet_hbond.range_2_label_asym_id 
_pdbx_struct_sheet_hbond.range_2_label_seq_id 
_pdbx_struct_sheet_hbond.range_2_PDB_ins_code 
_pdbx_struct_sheet_hbond.range_2_auth_atom_id 
_pdbx_struct_sheet_hbond.range_2_auth_comp_id 
_pdbx_struct_sheet_hbond.range_2_auth_asym_id 
_pdbx_struct_sheet_hbond.range_2_auth_seq_id 
A 1 2 N ASP A 12 ? N ASP A 12 O PHE A 73 ? O PHE A 73  
A 2 3 N PHE A 76 ? N PHE A 76 O ILE A 83 ? O ILE A 83  
A 3 4 O LEU A 84 ? O LEU A 84 N ILE A 57 ? N ILE A 57  
B 1 2 N VAL A 66 ? N VAL A 66 O LYS B 11 ? O LYS C 291 
# 
_struct_site.id                   AC1 
_struct_site.pdbx_evidence_code   Software 
_struct_site.pdbx_auth_asym_id    A 
_struct_site.pdbx_auth_comp_id    ACT 
_struct_site.pdbx_auth_seq_id     91 
_struct_site.pdbx_auth_ins_code   ? 
_struct_site.pdbx_num_residues    3 
_struct_site.details              'BINDING SITE FOR RESIDUE ACT A 91' 
# 
loop_
_struct_site_gen.id 
_struct_site_gen.site_id 
_struct_site_gen.pdbx_num_res 
_struct_site_gen.label_comp_id 
_struct_site_gen.label_asym_id 
_struct_site_gen.label_seq_id 
_struct_site_gen.pdbx_auth_ins_code 
_struct_site_gen.auth_comp_id 
_struct_site_gen.auth_asym_id 
_struct_site_gen.auth_seq_id 
_struct_site_gen.label_atom_id 
_struct_site_gen.label_alt_id 
_struct_site_gen.symmetry 
_struct_site_gen.details 
1 AC1 3 SER A 14 ? SER A 14 . ? 1_555 ? 
2 AC1 3 GLU A 15 ? GLU A 15 . ? 1_555 ? 
3 AC1 3 ARG A 71 ? ARG A 71 . ? 1_555 ? 
# 
_atom_sites.entry_id                    3E2B 
_atom_sites.fract_transf_matrix[1][1]   -0.01604250 
_atom_sites.fract_transf_matrix[1][2]   -0.01485817 
_atom_sites.fract_transf_matrix[1][3]   0.01434119 
_atom_sites.fract_transf_matrix[2][1]   -0.00118010 
_atom_sites.fract_transf_matrix[2][2]   -0.02578366 
_atom_sites.fract_transf_matrix[2][3]   -0.00419293 
_atom_sites.fract_transf_matrix[3][1]   0.00358177 
_atom_sites.fract_transf_matrix[3][2]   -0.00069791 
_atom_sites.fract_transf_matrix[3][3]   0.00328361 
_atom_sites.fract_transf_vector[1]      0.184531 
_atom_sites.fract_transf_vector[2]      -0.407912 
_atom_sites.fract_transf_vector[3]      -0.041725 
# 
loop_
_atom_type.symbol 
C 
N 
O 
S 
# 
loop_
_atom_site.group_PDB 
_atom_site.id 
_atom_site.type_symbol 
_atom_site.label_atom_id 
_atom_site.label_alt_id 
_atom_site.label_comp_id 
_atom_site.label_asym_id 
_atom_site.label_entity_id 
_atom_site.label_seq_id 
_atom_site.pdbx_PDB_ins_code 
_atom_site.Cartn_x 
_atom_site.Cartn_y 
_atom_site.Cartn_z 
_atom_site.occupancy 
_atom_site.B_iso_or_equiv 
_atom_site.pdbx_formal_charge 
_atom_site.auth_seq_id 
_atom_site.auth_comp_id 
_atom_site.auth_asym_id 
_atom_site.auth_atom_id 
_atom_site.pdbx_PDB_model_num 
ATOM   1   N N   . ASP A 1 3  ? 18.142  -4.438  -1.644  1.00 85.50 ? 3   ASP A N   1 
ATOM   2   C CA  . ASP A 1 3  ? 17.434  -5.421  -2.512  1.00 80.87 ? 3   ASP A CA  1 
ATOM   3   C C   . ASP A 1 3  ? 16.516  -4.721  -3.519  1.00 78.12 ? 3   ASP A C   1 
ATOM   4   O O   . ASP A 1 3  ? 16.888  -4.534  -4.678  1.00 81.60 ? 3   ASP A O   1 
ATOM   5   C CB  . ASP A 1 3  ? 16.643  -6.416  -1.653  1.00 78.95 ? 3   ASP A CB  1 
ATOM   6   C CG  . ASP A 1 3  ? 16.224  -7.662  -2.421  1.00 76.15 ? 3   ASP A CG  1 
ATOM   7   O OD1 . ASP A 1 3  ? 16.479  -8.780  -1.922  1.00 80.21 ? 3   ASP A OD1 1 
ATOM   8   O OD2 . ASP A 1 3  ? 15.642  -7.531  -3.516  1.00 72.64 ? 3   ASP A OD2 1 
ATOM   9   N N   . ARG A 1 4  ? 15.332  -4.316  -3.061  1.00 72.66 ? 4   ARG A N   1 
ATOM   10  C CA  . ARG A 1 4  ? 14.269  -3.817  -3.941  1.00 67.58 ? 4   ARG A CA  1 
ATOM   11  C C   . ARG A 1 4  ? 14.034  -2.307  -3.840  1.00 65.90 ? 4   ARG A C   1 
ATOM   12  O O   . ARG A 1 4  ? 14.129  -1.721  -2.763  1.00 66.32 ? 4   ARG A O   1 
ATOM   13  C CB  . ARG A 1 4  ? 12.973  -4.558  -3.627  1.00 67.27 ? 4   ARG A CB  1 
ATOM   14  C CG  . ARG A 1 4  ? 12.813  -4.853  -2.146  1.00 69.54 ? 4   ARG A CG  1 
ATOM   15  C CD  . ARG A 1 4  ? 11.648  -5.779  -1.873  1.00 69.07 ? 4   ARG A CD  1 
ATOM   16  N NE  . ARG A 1 4  ? 11.673  -6.263  -0.497  1.00 71.42 ? 4   ARG A NE  1 
ATOM   17  C CZ  . ARG A 1 4  ? 12.048  -7.487  -0.141  1.00 73.88 ? 4   ARG A CZ  1 
ATOM   18  N NH1 . ARG A 1 4  ? 12.419  -8.370  -1.061  1.00 75.75 ? 4   ARG A NH1 1 
ATOM   19  N NH2 . ARG A 1 4  ? 12.040  -7.833  1.137   1.00 74.45 ? 4   ARG A NH2 1 
ATOM   20  N N   . LYS A 1 5  ? 13.697  -1.689  -4.968  1.00 61.74 ? 5   LYS A N   1 
ATOM   21  C CA  . LYS A 1 5  ? 13.587  -0.233  -5.044  1.00 57.89 ? 5   LYS A CA  1 
ATOM   22  C C   . LYS A 1 5  ? 12.174  0.293   -4.798  1.00 52.64 ? 5   LYS A C   1 
ATOM   23  O O   . LYS A 1 5  ? 11.240  -0.048  -5.520  1.00 51.34 ? 5   LYS A O   1 
ATOM   24  C CB  . LYS A 1 5  ? 14.092  0.264   -6.397  1.00 61.54 ? 5   LYS A CB  1 
ATOM   25  C CG  . LYS A 1 5  ? 14.034  1.773   -6.548  1.00 62.24 ? 5   LYS A CG  1 
ATOM   26  C CD  . LYS A 1 5  ? 14.773  2.246   -7.784  1.00 68.72 ? 5   LYS A CD  1 
ATOM   27  C CE  . LYS A 1 5  ? 13.973  2.021   -9.054  1.00 68.35 ? 5   LYS A CE  1 
ATOM   28  N NZ  . LYS A 1 5  ? 14.658  2.648   -10.218 1.00 73.12 ? 5   LYS A NZ  1 
ATOM   29  N N   . ALA A 1 6  ? 12.032  1.135   -3.777  1.00 50.47 ? 6   ALA A N   1 
ATOM   30  C CA  . ALA A 1 6  ? 10.752  1.755   -3.453  1.00 45.41 ? 6   ALA A CA  1 
ATOM   31  C C   . ALA A 1 6  ? 10.535  3.033   -4.249  1.00 47.92 ? 6   ALA A C   1 
ATOM   32  O O   . ALA A 1 6  ? 11.243  4.023   -4.060  1.00 48.33 ? 6   ALA A O   1 
ATOM   33  C CB  . ALA A 1 6  ? 10.662  2.046   -1.967  1.00 47.12 ? 6   ALA A CB  1 
ATOM   34  N N   . VAL A 1 7  ? 9.553   3.006   -5.141  1.00 45.26 ? 7   VAL A N   1 
ATOM   35  C CA  . VAL A 1 7  ? 9.183   4.187   -5.911  1.00 44.82 ? 7   VAL A CA  1 
ATOM   36  C C   . VAL A 1 7  ? 7.733   4.537   -5.613  1.00 43.69 ? 7   VAL A C   1 
ATOM   37  O O   . VAL A 1 7  ? 6.819   3.800   -5.989  1.00 38.91 ? 7   VAL A O   1 
ATOM   38  C CB  . VAL A 1 7  ? 9.355   3.950   -7.425  1.00 46.40 ? 7   VAL A CB  1 
ATOM   39  C CG1 . VAL A 1 7  ? 8.966   5.198   -8.214  1.00 48.50 ? 7   VAL A CG1 1 
ATOM   40  C CG2 . VAL A 1 7  ? 10.788  3.538   -7.738  1.00 52.26 ? 7   VAL A CG2 1 
ATOM   41  N N   . ILE A 1 8  ? 7.526   5.650   -4.919  1.00 44.54 ? 8   ILE A N   1 
ATOM   42  C CA  . ILE A 1 8  ? 6.180   6.093   -4.563  1.00 45.87 ? 8   ILE A CA  1 
ATOM   43  C C   . ILE A 1 8  ? 5.550   6.865   -5.720  1.00 44.59 ? 8   ILE A C   1 
ATOM   44  O O   . ILE A 1 8  ? 6.118   7.845   -6.202  1.00 46.62 ? 8   ILE A O   1 
ATOM   45  C CB  . ILE A 1 8  ? 6.187   6.929   -3.263  1.00 48.03 ? 8   ILE A CB  1 
ATOM   46  C CG1 . ILE A 1 8  ? 6.607   6.046   -2.079  1.00 50.58 ? 8   ILE A CG1 1 
ATOM   47  C CG2 . ILE A 1 8  ? 4.820   7.540   -3.006  1.00 49.88 ? 8   ILE A CG2 1 
ATOM   48  C CD1 . ILE A 1 8  ? 6.842   6.806   -0.783  1.00 55.17 ? 8   ILE A CD1 1 
ATOM   49  N N   . LYS A 1 9  ? 4.381   6.412   -6.163  1.00 36.46 ? 9   LYS A N   1 
ATOM   50  C CA  . LYS A 1 9  ? 3.740   6.944   -7.363  1.00 36.84 ? 9   LYS A CA  1 
ATOM   51  C C   . LYS A 1 9  ? 2.690   7.999   -7.049  1.00 38.74 ? 9   LYS A C   1 
ATOM   52  O O   . LYS A 1 9  ? 2.653   9.058   -7.669  1.00 37.80 ? 9   LYS A O   1 
ATOM   53  C CB  . LYS A 1 9  ? 3.103   5.815   -8.180  1.00 39.21 ? 9   LYS A CB  1 
ATOM   54  C CG  . LYS A 1 9  ? 4.094   4.797   -8.729  1.00 41.68 ? 9   LYS A CG  1 
ATOM   55  C CD  . LYS A 1 9  ? 4.864   5.339   -9.927  1.00 46.57 ? 9   LYS A CD  1 
ATOM   56  C CE  . LYS A 1 9  ? 5.888   4.321   -10.421 1.00 49.42 ? 9   LYS A CE  1 
ATOM   57  N NZ  . LYS A 1 9  ? 6.427   4.657   -11.771 1.00 51.58 ? 9   LYS A NZ  1 
ATOM   58  N N   . ASN A 1 10 ? 1.826   7.694   -6.093  1.00 37.67 ? 10  ASN A N   1 
ATOM   59  C CA  . ASN A 1 10 ? 0.782   8.614   -5.674  1.00 38.26 ? 10  ASN A CA  1 
ATOM   60  C C   . ASN A 1 10 ? 0.565   8.378   -4.196  1.00 38.68 ? 10  ASN A C   1 
ATOM   61  O O   . ASN A 1 10 ? 0.518   7.235   -3.744  1.00 32.88 ? 10  ASN A O   1 
ATOM   62  C CB  . ASN A 1 10 ? -0.518  8.376   -6.454  1.00 32.68 ? 10  ASN A CB  1 
ATOM   63  C CG  . ASN A 1 10 ? -1.504  9.545   -6.341  1.00 40.68 ? 10  ASN A CG  1 
ATOM   64  O OD1 . ASN A 1 10 ? -1.240  10.538  -5.665  1.00 42.16 ? 10  ASN A OD1 1 
ATOM   65  N ND2 . ASN A 1 10 ? -2.640  9.425   -7.013  1.00 40.31 ? 10  ASN A ND2 1 
ATOM   66  N N   . ALA A 1 11 ? 0.463   9.459   -3.436  1.00 37.73 ? 11  ALA A N   1 
ATOM   67  C CA  . ALA A 1 11 ? 0.294   9.346   -1.999  1.00 38.27 ? 11  ALA A CA  1 
ATOM   68  C C   . ALA A 1 11 ? -0.544  10.493  -1.458  1.00 42.94 ? 11  ALA A C   1 
ATOM   69  O O   . ALA A 1 11 ? -0.405  11.635  -1.891  1.00 43.36 ? 11  ALA A O   1 
ATOM   70  C CB  . ALA A 1 11 ? 1.652   9.305   -1.310  1.00 39.25 ? 11  ALA A CB  1 
ATOM   71  N N   . ASP A 1 12 ? -1.442  10.167  -0.538  1.00 42.19 ? 12  ASP A N   1 
ATOM   72  C CA  . ASP A 1 12 ? -2.124  11.161  0.274   1.00 47.71 ? 12  ASP A CA  1 
ATOM   73  C C   . ASP A 1 12 ? -1.955  10.649  1.689   1.00 48.46 ? 12  ASP A C   1 
ATOM   74  O O   . ASP A 1 12 ? -2.824  9.953   2.216   1.00 49.94 ? 12  ASP A O   1 
ATOM   75  C CB  . ASP A 1 12 ? -3.606  11.264  -0.094  1.00 46.63 ? 12  ASP A CB  1 
ATOM   76  C CG  . ASP A 1 12 ? -4.360  12.252  0.783   1.00 50.84 ? 12  ASP A CG  1 
ATOM   77  O OD1 . ASP A 1 12 ? -3.707  13.010  1.530   1.00 55.75 ? 12  ASP A OD1 1 
ATOM   78  O OD2 . ASP A 1 12 ? -5.607  12.273  0.730   1.00 51.17 ? 12  ASP A OD2 1 
ATOM   79  N N   . MET A 1 13 ? -0.813  10.976  2.287   1.00 47.34 ? 13  MET A N   1 
ATOM   80  C CA  . MET A 1 13 ? -0.358  10.302  3.488   1.00 47.56 ? 13  MET A CA  1 
ATOM   81  C C   . MET A 1 13 ? 0.867   11.024  4.049   1.00 52.05 ? 13  MET A C   1 
ATOM   82  O O   . MET A 1 13 ? 1.735   11.455  3.292   1.00 54.23 ? 13  MET A O   1 
ATOM   83  C CB  . MET A 1 13 ? -0.014  8.848   3.136   1.00 42.02 ? 13  MET A CB  1 
ATOM   84  C CG  . MET A 1 13 ? 0.561   8.011   4.253   1.00 44.08 ? 13  MET A CG  1 
ATOM   85  S SD  . MET A 1 13 ? 0.717   6.270   3.770   1.00 43.23 ? 13  MET A SD  1 
ATOM   86  C CE  . MET A 1 13 ? -1.000  5.830   3.524   1.00 40.28 ? 13  MET A CE  1 
ATOM   87  N N   . SER A 1 14 ? 0.936   11.152  5.372   1.00 53.85 ? 14  SER A N   1 
ATOM   88  C CA  . SER A 1 14 ? 2.095   11.766  6.012   1.00 57.85 ? 14  SER A CA  1 
ATOM   89  C C   . SER A 1 14 ? 3.368   11.032  5.597   1.00 58.79 ? 14  SER A C   1 
ATOM   90  O O   . SER A 1 14 ? 3.330   9.834   5.304   1.00 52.12 ? 14  SER A O   1 
ATOM   91  C CB  . SER A 1 14 ? 1.946   11.742  7.532   1.00 62.48 ? 14  SER A CB  1 
ATOM   92  O OG  . SER A 1 14 ? 2.193   10.445  8.047   1.00 62.79 ? 14  SER A OG  1 
ATOM   93  N N   . GLU A 1 15 ? 4.489   11.751  5.564   1.00 60.04 ? 15  GLU A N   1 
ATOM   94  C CA  . GLU A 1 15 ? 5.760   11.169  5.135   1.00 62.05 ? 15  GLU A CA  1 
ATOM   95  C C   . GLU A 1 15 ? 6.170   10.030  6.060   1.00 63.58 ? 15  GLU A C   1 
ATOM   96  O O   . GLU A 1 15 ? 6.766   9.042   5.620   1.00 60.54 ? 15  GLU A O   1 
ATOM   97  C CB  . GLU A 1 15 ? 6.863   12.228  5.069   1.00 69.50 ? 15  GLU A CB  1 
ATOM   98  C CG  . GLU A 1 15 ? 6.578   13.376  4.097   1.00 77.03 ? 15  GLU A CG  1 
ATOM   99  C CD  . GLU A 1 15 ? 6.106   14.648  4.793   1.00 82.75 ? 15  GLU A CD  1 
ATOM   100 O OE1 . GLU A 1 15 ? 6.622   14.959  5.888   1.00 89.42 ? 15  GLU A OE1 1 
ATOM   101 O OE2 . GLU A 1 15 ? 5.233   15.347  4.234   1.00 83.54 ? 15  GLU A OE2 1 
ATOM   102 N N   . GLU A 1 16 ? 5.838   10.183  7.339   1.00 63.80 ? 16  GLU A N   1 
ATOM   103 C CA  A GLU A 1 16 ? 6.107   9.166   8.344   0.50 65.00 ? 16  GLU A CA  1 
ATOM   104 C CA  B GLU A 1 16 ? 6.111   9.159   8.342   0.50 65.04 ? 16  GLU A CA  1 
ATOM   105 C C   . GLU A 1 16 ? 5.442   7.841   7.968   1.00 60.41 ? 16  GLU A C   1 
ATOM   106 O O   . GLU A 1 16 ? 6.082   6.787   7.950   1.00 58.19 ? 16  GLU A O   1 
ATOM   107 C CB  A GLU A 1 16 ? 5.581   9.646   9.696   0.50 69.14 ? 16  GLU A CB  1 
ATOM   108 C CB  B GLU A 1 16 ? 5.610   9.612   9.714   0.50 69.50 ? 16  GLU A CB  1 
ATOM   109 C CG  A GLU A 1 16 ? 6.451   9.270   10.889  0.50 73.79 ? 16  GLU A CG  1 
ATOM   110 C CG  B GLU A 1 16 ? 5.816   8.591   10.827  0.50 70.83 ? 16  GLU A CG  1 
ATOM   111 C CD  A GLU A 1 16 ? 6.214   10.264  12.062  0.50 77.51 ? 16  GLU A CD  1 
ATOM   112 C CD  B GLU A 1 16 ? 7.189   8.693   11.474  0.50 76.93 ? 16  GLU A CD  1 
ATOM   113 O OE1 A GLU A 1 16 ? 7.184   10.281  12.941  0.50 81.89 ? 16  GLU A OE1 1 
ATOM   114 O OE1 B GLU A 1 16 ? 7.765   9.805   11.492  0.50 81.59 ? 16  GLU A OE1 1 
ATOM   115 O OE2 A GLU A 1 16 ? 5.058   11.039  12.101  0.50 76.91 ? 16  GLU A OE2 1 
ATOM   116 O OE2 B GLU A 1 16 ? 7.688   7.662   11.977  0.50 77.42 ? 16  GLU A OE2 1 
ATOM   117 N N   . MET A 1 17 ? 4.148   7.910   7.670   1.00 56.63 ? 17  MET A N   1 
ATOM   118 C CA  A MET A 1 17 ? 3.371   6.717   7.365   0.50 53.10 ? 17  MET A CA  1 
ATOM   119 C CA  B MET A 1 17 ? 3.351   6.732   7.359   0.50 54.18 ? 17  MET A CA  1 
ATOM   120 C C   . MET A 1 17 ? 3.743   6.135   6.008   1.00 50.07 ? 17  MET A C   1 
ATOM   121 O O   . MET A 1 17 ? 3.623   4.930   5.789   1.00 46.87 ? 17  MET A O   1 
ATOM   122 C CB  A MET A 1 17 ? 1.873   7.014   7.429   0.50 50.84 ? 17  MET A CB  1 
ATOM   123 C CB  B MET A 1 17 ? 1.869   7.102   7.371   0.50 52.70 ? 17  MET A CB  1 
ATOM   124 C CG  A MET A 1 17 ? 1.364   7.332   8.824   0.50 55.10 ? 17  MET A CG  1 
ATOM   125 C CG  B MET A 1 17 ? 0.912   5.930   7.401   0.50 51.78 ? 17  MET A CG  1 
ATOM   126 S SD  A MET A 1 17 ? -0.423  7.566   8.875   0.50 56.31 ? 17  MET A SD  1 
ATOM   127 S SD  B MET A 1 17 ? -0.789  6.472   7.139   0.50 53.57 ? 17  MET A SD  1 
ATOM   128 C CE  A MET A 1 17 ? -0.983  6.029   8.146   0.50 53.36 ? 17  MET A CE  1 
ATOM   129 C CE  B MET A 1 17 ? -1.056  7.479   8.594   0.50 57.13 ? 17  MET A CE  1 
ATOM   130 N N   . GLN A 1 18 ? 4.205   6.988   5.098   1.00 49.42 ? 18  GLN A N   1 
ATOM   131 C CA  . GLN A 1 18 ? 4.674   6.513   3.804   1.00 50.43 ? 18  GLN A CA  1 
ATOM   132 C C   . GLN A 1 18 ? 5.870   5.585   4.002   1.00 52.03 ? 18  GLN A C   1 
ATOM   133 O O   . GLN A 1 18 ? 5.938   4.507   3.405   1.00 47.17 ? 18  GLN A O   1 
ATOM   134 C CB  . GLN A 1 18 ? 5.043   7.674   2.885   1.00 52.10 ? 18  GLN A CB  1 
ATOM   135 C CG  . GLN A 1 18 ? 3.872   8.543   2.474   1.00 49.76 ? 18  GLN A CG  1 
ATOM   136 C CD  . GLN A 1 18 ? 4.221   9.461   1.327   1.00 52.35 ? 18  GLN A CD  1 
ATOM   137 O OE1 . GLN A 1 18 ? 4.821   9.032   0.346   1.00 51.78 ? 18  GLN A OE1 1 
ATOM   138 N NE2 . GLN A 1 18 ? 3.846   10.734  1.441   1.00 53.07 ? 18  GLN A NE2 1 
ATOM   139 N N   . GLN A 1 19 ? 6.801   5.996   4.860   1.00 52.33 ? 19  GLN A N   1 
ATOM   140 C CA  . GLN A 1 19 ? 7.962   5.168   5.171   1.00 53.77 ? 19  GLN A CA  1 
ATOM   141 C C   . GLN A 1 19 ? 7.552   3.866   5.859   1.00 53.14 ? 19  GLN A C   1 
ATOM   142 O O   . GLN A 1 19 ? 8.138   2.810   5.610   1.00 52.61 ? 19  GLN A O   1 
ATOM   143 C CB  . GLN A 1 19 ? 8.975   5.938   6.025   1.00 62.59 ? 19  GLN A CB  1 
ATOM   144 C CG  . GLN A 1 19 ? 10.278  5.189   6.247   1.00 70.56 ? 19  GLN A CG  1 
ATOM   145 C CD  . GLN A 1 19 ? 10.816  4.562   4.971   1.00 72.44 ? 19  GLN A CD  1 
ATOM   146 O OE1 . GLN A 1 19 ? 10.877  5.210   3.925   1.00 76.74 ? 19  GLN A OE1 1 
ATOM   147 N NE2 . GLN A 1 19 ? 11.210  3.297   5.051   1.00 68.94 ? 19  GLN A NE2 1 
ATOM   148 N N   . ASP A 1 20 ? 6.544   3.943   6.722   1.00 52.74 ? 20  ASP A N   1 
ATOM   149 C CA  . ASP A 1 20 ? 5.999   2.750   7.374   1.00 51.60 ? 20  ASP A CA  1 
ATOM   150 C C   . ASP A 1 20 ? 5.432   1.762   6.362   1.00 47.48 ? 20  ASP A C   1 
ATOM   151 O O   . ASP A 1 20 ? 5.580   0.549   6.512   1.00 46.65 ? 20  ASP A O   1 
ATOM   152 C CB  . ASP A 1 20 ? 4.916   3.137   8.378   1.00 54.39 ? 20  ASP A CB  1 
ATOM   153 C CG  . ASP A 1 20 ? 5.363   2.956   9.803   1.00 62.95 ? 20  ASP A CG  1 
ATOM   154 O OD1 . ASP A 1 20 ? 5.298   1.809   10.296  1.00 62.49 ? 20  ASP A OD1 1 
ATOM   155 O OD2 . ASP A 1 20 ? 5.775   3.954   10.433  1.00 66.26 ? 20  ASP A OD2 1 
ATOM   156 N N   . ALA A 1 21 ? 4.773   2.295   5.340   1.00 44.15 ? 21  ALA A N   1 
ATOM   157 C CA  . ALA A 1 21 ? 4.192   1.486   4.282   1.00 40.28 ? 21  ALA A CA  1 
ATOM   158 C C   . ALA A 1 21 ? 5.277   0.753   3.511   1.00 37.39 ? 21  ALA A C   1 
ATOM   159 O O   . ALA A 1 21 ? 5.176   -0.448  3.267   1.00 37.33 ? 21  ALA A O   1 
ATOM   160 C CB  . ALA A 1 21 ? 3.374   2.369   3.341   1.00 39.46 ? 21  ALA A CB  1 
ATOM   161 N N   . VAL A 1 22 ? 6.309   1.489   3.118   1.00 38.80 ? 22  VAL A N   1 
ATOM   162 C CA  . VAL A 1 22 ? 7.439   0.911   2.401   1.00 40.08 ? 22  VAL A CA  1 
ATOM   163 C C   . VAL A 1 22 ? 8.164   -0.140  3.244   1.00 44.15 ? 22  VAL A C   1 
ATOM   164 O O   . VAL A 1 22 ? 8.569   -1.179  2.722   1.00 43.47 ? 22  VAL A O   1 
ATOM   165 C CB  . VAL A 1 22 ? 8.423   2.006   1.930   1.00 43.46 ? 22  VAL A CB  1 
ATOM   166 C CG1 . VAL A 1 22 ? 9.739   1.393   1.502   1.00 42.23 ? 22  VAL A CG1 1 
ATOM   167 C CG2 . VAL A 1 22 ? 7.802   2.817   0.791   1.00 40.96 ? 22  VAL A CG2 1 
ATOM   168 N N   . ASP A 1 23 ? 8.311   0.127   4.541   1.00 47.55 ? 23  ASP A N   1 
ATOM   169 C CA  . ASP A 1 23 ? 8.932   -0.822  5.470   1.00 50.11 ? 23  ASP A CA  1 
ATOM   170 C C   . ASP A 1 23 ? 8.138   -2.113  5.566   1.00 45.24 ? 23  ASP A C   1 
ATOM   171 O O   . ASP A 1 23 ? 8.701   -3.206  5.520   1.00 43.92 ? 23  ASP A O   1 
ATOM   172 C CB  . ASP A 1 23 ? 9.042   -0.220  6.871   1.00 54.51 ? 23  ASP A CB  1 
ATOM   173 C CG  . ASP A 1 23 ? 10.116  0.826   6.968   1.00 63.89 ? 23  ASP A CG  1 
ATOM   174 O OD1 . ASP A 1 23 ? 10.767  1.091   5.938   1.00 67.56 ? 23  ASP A OD1 1 
ATOM   175 O OD2 . ASP A 1 23 ? 10.308  1.386   8.070   1.00 67.99 ? 23  ASP A OD2 1 
ATOM   176 N N   . CYS A 1 24 ? 6.829   -1.958  5.725   1.00 45.08 ? 24  CYS A N   1 
ATOM   177 C CA  A CYS A 1 24 ? 5.906   -3.077  5.863   0.70 44.05 ? 24  CYS A CA  1 
ATOM   178 C CA  B CYS A 1 24 ? 5.925   -3.095  5.869   0.30 41.89 ? 24  CYS A CA  1 
ATOM   179 C C   . CYS A 1 24 ? 5.925   -3.980  4.632   1.00 42.35 ? 24  CYS A C   1 
ATOM   180 O O   . CYS A 1 24 ? 5.975   -5.208  4.743   1.00 40.10 ? 24  CYS A O   1 
ATOM   181 C CB  A CYS A 1 24 ? 4.497   -2.533  6.084   0.70 43.29 ? 24  CYS A CB  1 
ATOM   182 C CB  B CYS A 1 24 ? 4.501   -2.624  6.169   0.30 38.80 ? 24  CYS A CB  1 
ATOM   183 S SG  A CYS A 1 24 ? 3.325   -3.713  6.743   0.70 42.38 ? 24  CYS A SG  1 
ATOM   184 S SG  B CYS A 1 24 ? 4.248   -2.059  7.863   0.30 35.82 ? 24  CYS A SG  1 
ATOM   185 N N   . ALA A 1 25 ? 5.870   -3.360  3.458   1.00 39.78 ? 25  ALA A N   1 
ATOM   186 C CA  . ALA A 1 25 ? 5.878   -4.108  2.208   1.00 36.82 ? 25  ALA A CA  1 
ATOM   187 C C   . ALA A 1 25 ? 7.205   -4.839  2.006   1.00 38.64 ? 25  ALA A C   1 
ATOM   188 O O   . ALA A 1 25 ? 7.238   -5.943  1.466   1.00 35.44 ? 25  ALA A O   1 
ATOM   189 C CB  . ALA A 1 25 ? 5.582   -3.188  1.038   1.00 31.97 ? 25  ALA A CB  1 
ATOM   190 N N   . THR A 1 26 ? 8.296   -4.220  2.446   1.00 40.62 ? 26  THR A N   1 
ATOM   191 C CA  . THR A 1 26 ? 9.609   -4.853  2.372   1.00 44.25 ? 26  THR A CA  1 
ATOM   192 C C   . THR A 1 26 ? 9.642   -6.080  3.275   1.00 45.28 ? 26  THR A C   1 
ATOM   193 O O   . THR A 1 26 ? 10.130  -7.141  2.878   1.00 46.42 ? 26  THR A O   1 
ATOM   194 C CB  . THR A 1 26 ? 10.737  -3.873  2.752   1.00 46.13 ? 26  THR A CB  1 
ATOM   195 O OG1 . THR A 1 26 ? 10.695  -2.742  1.878   1.00 48.63 ? 26  THR A OG1 1 
ATOM   196 C CG2 . THR A 1 26 ? 12.094  -4.541  2.618   1.00 49.93 ? 26  THR A CG2 1 
ATOM   197 N N   . GLN A 1 27 ? 9.106   -5.943  4.483   1.00 44.64 ? 27  GLN A N   1 
ATOM   198 C CA  . GLN A 1 27 ? 8.971   -7.093  5.374   1.00 45.13 ? 27  GLN A CA  1 
ATOM   199 C C   . GLN A 1 27 ? 8.089   -8.166  4.750   1.00 42.21 ? 27  GLN A C   1 
ATOM   200 O O   . GLN A 1 27 ? 8.413   -9.353  4.806   1.00 37.51 ? 27  GLN A O   1 
ATOM   201 C CB  . GLN A 1 27 ? 8.380   -6.675  6.716   1.00 50.67 ? 27  GLN A CB  1 
ATOM   202 C CG  . GLN A 1 27 ? 9.393   -6.118  7.701   1.00 60.18 ? 27  GLN A CG  1 
ATOM   203 C CD  . GLN A 1 27 ? 8.824   -6.018  9.099   1.00 63.57 ? 27  GLN A CD  1 
ATOM   204 O OE1 . GLN A 1 27 ? 9.440   -6.468  10.066  1.00 68.56 ? 27  GLN A OE1 1 
ATOM   205 N NE2 . GLN A 1 27 ? 7.629   -5.445  9.211   1.00 61.63 ? 27  GLN A NE2 1 
ATOM   206 N N   . ALA A 1 28 ? 6.973   -7.741  4.159   1.00 37.01 ? 28  ALA A N   1 
ATOM   207 C CA  . ALA A 1 28 ? 6.027   -8.674  3.545   1.00 32.39 ? 28  ALA A CA  1 
ATOM   208 C C   . ALA A 1 28 ? 6.678   -9.458  2.416   1.00 33.28 ? 28  ALA A C   1 
ATOM   209 O O   . ALA A 1 28 ? 6.518   -10.678 2.321   1.00 35.15 ? 28  ALA A O   1 
ATOM   210 C CB  . ALA A 1 28 ? 4.787   -7.922  3.037   1.00 26.69 ? 28  ALA A CB  1 
ATOM   211 N N   . LEU A 1 29 ? 7.420   -8.757  1.563   1.00 36.41 ? 29  LEU A N   1 
ATOM   212 C CA  . LEU A 1 29 ? 8.107   -9.398  0.443   1.00 38.92 ? 29  LEU A CA  1 
ATOM   213 C C   . LEU A 1 29 ? 9.251   -10.300 0.912   1.00 44.77 ? 29  LEU A C   1 
ATOM   214 O O   . LEU A 1 29 ? 9.574   -11.292 0.248   1.00 42.96 ? 29  LEU A O   1 
ATOM   215 C CB  . LEU A 1 29 ? 8.602   -8.355  -0.563  1.00 42.20 ? 29  LEU A CB  1 
ATOM   216 C CG  . LEU A 1 29 ? 7.525   -7.623  -1.370  1.00 39.89 ? 29  LEU A CG  1 
ATOM   217 C CD1 . LEU A 1 29 ? 8.112   -6.411  -2.077  1.00 44.40 ? 29  LEU A CD1 1 
ATOM   218 C CD2 . LEU A 1 29 ? 6.859   -8.543  -2.377  1.00 41.48 ? 29  LEU A CD2 1 
ATOM   219 N N   . GLU A 1 30 ? 9.854   -9.964  2.053   1.00 45.59 ? 30  GLU A N   1 
ATOM   220 C CA  . GLU A 1 30 ? 10.857  -10.831 2.678   1.00 50.82 ? 30  GLU A CA  1 
ATOM   221 C C   . GLU A 1 30 ? 10.232  -12.136 3.167   1.00 48.78 ? 30  GLU A C   1 
ATOM   222 O O   . GLU A 1 30 ? 10.837  -13.212 3.065   1.00 50.63 ? 30  GLU A O   1 
ATOM   223 C CB  . GLU A 1 30 ? 11.546  -10.125 3.852   1.00 55.10 ? 30  GLU A CB  1 
ATOM   224 C CG  . GLU A 1 30 ? 12.632  -9.132  3.449   1.00 61.03 ? 30  GLU A CG  1 
ATOM   225 C CD  . GLU A 1 30 ? 13.154  -8.307  4.618   1.00 64.98 ? 30  GLU A CD  1 
ATOM   226 O OE1 . GLU A 1 30 ? 13.256  -8.846  5.739   1.00 72.14 ? 30  GLU A OE1 1 
ATOM   227 O OE2 . GLU A 1 30 ? 13.473  -7.116  4.412   1.00 68.13 ? 30  GLU A OE2 1 
ATOM   228 N N   . LYS A 1 31 ? 9.019   -12.040 3.703   1.00 44.01 ? 31  LYS A N   1 
ATOM   229 C CA  . LYS A 1 31 ? 8.362   -13.196 4.304   1.00 42.86 ? 31  LYS A CA  1 
ATOM   230 C C   . LYS A 1 31 ? 7.542   -14.030 3.315   1.00 39.85 ? 31  LYS A C   1 
ATOM   231 O O   . LYS A 1 31 ? 7.558   -15.263 3.373   1.00 38.50 ? 31  LYS A O   1 
ATOM   232 C CB  . LYS A 1 31 ? 7.480   -12.768 5.483   1.00 41.95 ? 31  LYS A CB  1 
ATOM   233 C CG  . LYS A 1 31 ? 6.759   -13.936 6.144   1.00 44.97 ? 31  LYS A CG  1 
ATOM   234 C CD  . LYS A 1 31 ? 5.883   -13.515 7.312   1.00 44.11 ? 31  LYS A CD  1 
ATOM   235 C CE  . LYS A 1 31 ? 5.386   -14.744 8.061   1.00 49.79 ? 31  LYS A CE  1 
ATOM   236 N NZ  . LYS A 1 31 ? 4.765   -14.439 9.377   1.00 51.38 ? 31  LYS A NZ  1 
ATOM   237 N N   . TYR A 1 32 ? 6.818   -13.366 2.418   1.00 36.94 ? 32  TYR A N   1 
ATOM   238 C CA  . TYR A 1 32 ? 5.880   -14.058 1.533   1.00 37.67 ? 32  TYR A CA  1 
ATOM   239 C C   . TYR A 1 32 ? 6.212   -13.900 0.046   1.00 40.11 ? 32  TYR A C   1 
ATOM   240 O O   . TYR A 1 32 ? 6.791   -12.892 -0.375  1.00 37.05 ? 32  TYR A O   1 
ATOM   241 C CB  . TYR A 1 32 ? 4.452   -13.566 1.766   1.00 37.65 ? 32  TYR A CB  1 
ATOM   242 C CG  . TYR A 1 32 ? 3.865   -13.830 3.137   1.00 38.93 ? 32  TYR A CG  1 
ATOM   243 C CD1 . TYR A 1 32 ? 3.470   -15.112 3.520   1.00 41.77 ? 32  TYR A CD1 1 
ATOM   244 C CD2 . TYR A 1 32 ? 3.664   -12.788 4.037   1.00 41.80 ? 32  TYR A CD2 1 
ATOM   245 C CE1 . TYR A 1 32 ? 2.910   -15.346 4.771   1.00 41.30 ? 32  TYR A CE1 1 
ATOM   246 C CE2 . TYR A 1 32 ? 3.105   -13.009 5.282   1.00 42.26 ? 32  TYR A CE2 1 
ATOM   247 C CZ  . TYR A 1 32 ? 2.731   -14.287 5.648   1.00 44.09 ? 32  TYR A CZ  1 
ATOM   248 O OH  . TYR A 1 32 ? 2.179   -14.500 6.895   1.00 43.27 ? 32  TYR A OH  1 
ATOM   249 N N   . ASN A 1 33 ? 5.805   -14.896 -0.741  1.00 36.17 ? 33  ASN A N   1 
ATOM   250 C CA  . ASN A 1 33 ? 5.976   -14.882 -2.192  1.00 37.47 ? 33  ASN A CA  1 
ATOM   251 C C   . ASN A 1 33 ? 4.678   -14.649 -2.963  1.00 34.16 ? 33  ASN A C   1 
ATOM   252 O O   . ASN A 1 33 ? 4.702   -14.163 -4.094  1.00 36.99 ? 33  ASN A O   1 
ATOM   253 C CB  . ASN A 1 33 ? 6.584   -16.203 -2.662  1.00 39.06 ? 33  ASN A CB  1 
ATOM   254 C CG  . ASN A 1 33 ? 8.029   -16.345 -2.275  1.00 43.73 ? 33  ASN A CG  1 
ATOM   255 O OD1 . ASN A 1 33 ? 8.480   -17.428 -1.901  1.00 49.76 ? 33  ASN A OD1 1 
ATOM   256 N ND2 . ASN A 1 33 ? 8.775   -15.249 -2.365  1.00 44.51 ? 33  ASN A ND2 1 
ATOM   257 N N   . ILE A 1 34 ? 3.553   -15.015 -2.359  1.00 29.58 ? 34  ILE A N   1 
ATOM   258 C CA  . ILE A 1 34 ? 2.257   -14.948 -3.033  1.00 27.51 ? 34  ILE A CA  1 
ATOM   259 C C   . ILE A 1 34 ? 1.584   -13.613 -2.761  1.00 26.53 ? 34  ILE A C   1 
ATOM   260 O O   . ILE A 1 34 ? 1.526   -13.157 -1.616  1.00 26.26 ? 34  ILE A O   1 
ATOM   261 C CB  . ILE A 1 34 ? 1.327   -16.093 -2.584  1.00 28.86 ? 34  ILE A CB  1 
ATOM   262 C CG1 . ILE A 1 34 ? 2.056   -17.441 -2.644  1.00 34.10 ? 34  ILE A CG1 1 
ATOM   263 C CG2 . ILE A 1 34 ? 0.055   -16.119 -3.426  1.00 29.32 ? 34  ILE A CG2 1 
ATOM   264 C CD1 . ILE A 1 34 ? 2.398   -17.902 -4.052  1.00 38.35 ? 34  ILE A CD1 1 
ATOM   265 N N   . GLU A 1 35 ? 1.063   -12.991 -3.812  1.00 25.90 ? 35  GLU A N   1 
ATOM   266 C CA  . GLU A 1 35 ? 0.594   -11.607 -3.721  1.00 26.20 ? 35  GLU A CA  1 
ATOM   267 C C   . GLU A 1 35 ? -0.492  -11.398 -2.652  1.00 21.75 ? 35  GLU A C   1 
ATOM   268 O O   . GLU A 1 35 ? -0.438  -10.429 -1.899  1.00 24.62 ? 35  GLU A O   1 
ATOM   269 C CB  . GLU A 1 35 ? 0.145   -11.107 -5.098  1.00 24.59 ? 35  GLU A CB  1 
ATOM   270 C CG  . GLU A 1 35 ? 1.323   -10.812 -6.029  1.00 25.83 ? 35  GLU A CG  1 
ATOM   271 C CD  . GLU A 1 35 ? 0.938   -10.779 -7.496  1.00 27.64 ? 35  GLU A CD  1 
ATOM   272 O OE1 . GLU A 1 35 ? -0.190  -11.195 -7.831  1.00 28.36 ? 35  GLU A OE1 1 
ATOM   273 O OE2 . GLU A 1 35 ? 1.773   -10.347 -8.317  1.00 32.14 ? 35  GLU A OE2 1 
ATOM   274 N N   . LYS A 1 36 ? -1.452  -12.314 -2.569  1.00 18.35 ? 36  LYS A N   1 
ATOM   275 C CA  . LYS A 1 36 ? -2.517  -12.213 -1.565  1.00 19.16 ? 36  LYS A CA  1 
ATOM   276 C C   . LYS A 1 36 ? -1.998  -12.300 -0.130  1.00 22.69 ? 36  LYS A C   1 
ATOM   277 O O   . LYS A 1 36 ? -2.545  -11.664 0.774   1.00 21.67 ? 36  LYS A O   1 
ATOM   278 C CB  . LYS A 1 36 ? -3.620  -13.244 -1.806  1.00 23.35 ? 36  LYS A CB  1 
ATOM   279 C CG  . LYS A 1 36 ? -3.243  -14.711 -1.557  1.00 25.85 ? 36  LYS A CG  1 
ATOM   280 C CD  . LYS A 1 36 ? -4.514  -15.537 -1.486  1.00 27.74 ? 36  LYS A CD  1 
ATOM   281 C CE  . LYS A 1 36 ? -4.250  -17.015 -1.269  1.00 33.55 ? 36  LYS A CE  1 
ATOM   282 N NZ  . LYS A 1 36 ? -5.546  -17.742 -1.241  1.00 37.30 ? 36  LYS A NZ  1 
ATOM   283 N N   . ASP A 1 37 ? -0.935  -13.073 0.073   1.00 23.26 ? 37  ASP A N   1 
ATOM   284 C CA  . ASP A 1 37 ? -0.305  -13.161 1.390   1.00 25.83 ? 37  ASP A CA  1 
ATOM   285 C C   . ASP A 1 37 ? 0.467   -11.888 1.735   1.00 23.77 ? 37  ASP A C   1 
ATOM   286 O O   . ASP A 1 37 ? 0.418   -11.405 2.872   1.00 21.85 ? 37  ASP A O   1 
ATOM   287 C CB  . ASP A 1 37 ? 0.608   -14.383 1.464   1.00 26.63 ? 37  ASP A CB  1 
ATOM   288 C CG  . ASP A 1 37 ? -0.157  -15.688 1.336   1.00 30.74 ? 37  ASP A CG  1 
ATOM   289 O OD1 . ASP A 1 37 ? -1.370  -15.703 1.646   1.00 26.34 ? 37  ASP A OD1 1 
ATOM   290 O OD2 . ASP A 1 37 ? 0.456   -16.693 0.924   1.00 26.42 ? 37  ASP A OD2 1 
ATOM   291 N N   . ILE A 1 38 ? 1.177   -11.345 0.751   1.00 26.01 ? 38  ILE A N   1 
ATOM   292 C CA  . ILE A 1 38 ? 1.880   -10.070 0.926   1.00 20.25 ? 38  ILE A CA  1 
ATOM   293 C C   . ILE A 1 38 ? 0.888   -8.965  1.274   1.00 25.00 ? 38  ILE A C   1 
ATOM   294 O O   . ILE A 1 38 ? 1.091   -8.204  2.225   1.00 26.68 ? 38  ILE A O   1 
ATOM   295 C CB  . ILE A 1 38 ? 2.668   -9.699  -0.347  1.00 24.54 ? 38  ILE A CB  1 
ATOM   296 C CG1 . ILE A 1 38 ? 3.725   -10.771 -0.627  1.00 26.30 ? 38  ILE A CG1 1 
ATOM   297 C CG2 . ILE A 1 38 ? 3.310   -8.328  -0.209  1.00 22.90 ? 38  ILE A CG2 1 
ATOM   298 C CD1 . ILE A 1 38 ? 4.233   -10.782 -2.042  1.00 28.67 ? 38  ILE A CD1 1 
ATOM   299 N N   . ALA A 1 39 ? -0.184  -8.886  0.490   1.00 22.45 ? 39  ALA A N   1 
ATOM   300 C CA  . ALA A 1 39 ? -1.262  -7.936  0.727   1.00 22.24 ? 39  ALA A CA  1 
ATOM   301 C C   . ALA A 1 39 ? -1.865  -8.062  2.132   1.00 21.16 ? 39  ALA A C   1 
ATOM   302 O O   . ALA A 1 39 ? -2.083  -7.056  2.811   1.00 23.21 ? 39  ALA A O   1 
ATOM   303 C CB  . ALA A 1 39 ? -2.353  -8.101  -0.339  1.00 19.06 ? 39  ALA A CB  1 
ATOM   304 N N   . ALA A 1 40 ? -2.137  -9.294  2.556   1.00 23.04 ? 40  ALA A N   1 
ATOM   305 C CA  . ALA A 1 40 ? -2.719  -9.555  3.875   1.00 20.59 ? 40  ALA A CA  1 
ATOM   306 C C   . ALA A 1 40 ? -1.806  -9.104  5.013   1.00 23.67 ? 40  ALA A C   1 
ATOM   307 O O   . ALA A 1 40 ? -2.276  -8.572  6.012   1.00 26.31 ? 40  ALA A O   1 
ATOM   308 C CB  . ALA A 1 40 ? -3.065  -11.052 4.031   1.00 24.01 ? 40  ALA A CB  1 
ATOM   309 N N   . TYR A 1 41 ? -0.505  -9.335  4.864   1.00 23.74 ? 41  TYR A N   1 
ATOM   310 C CA  . TYR A 1 41 ? 0.467   -8.936  5.882   1.00 28.33 ? 41  TYR A CA  1 
ATOM   311 C C   . TYR A 1 41 ? 0.440   -7.411  6.053   1.00 28.61 ? 41  TYR A C   1 
ATOM   312 O O   . TYR A 1 41 ? 0.343   -6.892  7.173   1.00 30.99 ? 41  TYR A O   1 
ATOM   313 C CB  . TYR A 1 41 ? 1.867   -9.420  5.484   1.00 30.90 ? 41  TYR A CB  1 
ATOM   314 C CG  . TYR A 1 41 ? 2.980   -9.053  6.448   1.00 36.85 ? 41  TYR A CG  1 
ATOM   315 C CD1 . TYR A 1 41 ? 3.409   -9.949  7.426   1.00 39.02 ? 41  TYR A CD1 1 
ATOM   316 C CD2 . TYR A 1 41 ? 3.614   -7.820  6.368   1.00 36.99 ? 41  TYR A CD2 1 
ATOM   317 C CE1 . TYR A 1 41 ? 4.439   -9.615  8.303   1.00 41.64 ? 41  TYR A CE1 1 
ATOM   318 C CE2 . TYR A 1 41 ? 4.636   -7.480  7.237   1.00 38.82 ? 41  TYR A CE2 1 
ATOM   319 C CZ  . TYR A 1 41 ? 5.041   -8.373  8.198   1.00 42.55 ? 41  TYR A CZ  1 
ATOM   320 O OH  . TYR A 1 41 ? 6.057   -8.018  9.051   1.00 46.72 ? 41  TYR A OH  1 
ATOM   321 N N   . ILE A 1 42 ? 0.507   -6.702  4.932   1.00 27.32 ? 42  ILE A N   1 
ATOM   322 C CA  . ILE A 1 42 ? 0.531   -5.243  4.942   1.00 26.48 ? 42  ILE A CA  1 
ATOM   323 C C   . ILE A 1 42 ? -0.762  -4.686  5.535   1.00 28.69 ? 42  ILE A C   1 
ATOM   324 O O   . ILE A 1 42 ? -0.732  -3.817  6.403   1.00 32.55 ? 42  ILE A O   1 
ATOM   325 C CB  . ILE A 1 42 ? 0.734   -4.679  3.519   1.00 25.30 ? 42  ILE A CB  1 
ATOM   326 C CG1 . ILE A 1 42 ? 2.046   -5.193  2.922   1.00 25.17 ? 42  ILE A CG1 1 
ATOM   327 C CG2 . ILE A 1 42 ? 0.705   -3.158  3.533   1.00 23.58 ? 42  ILE A CG2 1 
ATOM   328 C CD1 . ILE A 1 42 ? 2.182   -4.931  1.432   1.00 26.30 ? 42  ILE A CD1 1 
ATOM   329 N N   . LYS A 1 43 ? -1.894  -5.204  5.067   1.00 29.63 ? 43  LYS A N   1 
ATOM   330 C CA  . LYS A 1 43 ? -3.212  -4.767  5.538   1.00 28.16 ? 43  LYS A CA  1 
ATOM   331 C C   . LYS A 1 43 ? -3.352  -4.911  7.053   1.00 29.69 ? 43  LYS A C   1 
ATOM   332 O O   . LYS A 1 43 ? -3.671  -3.954  7.749   1.00 33.47 ? 43  LYS A O   1 
ATOM   333 C CB  . LYS A 1 43 ? -4.310  -5.567  4.815   1.00 28.98 ? 43  LYS A CB  1 
ATOM   334 C CG  . LYS A 1 43 ? -5.752  -5.158  5.130   1.00 28.38 ? 43  LYS A CG  1 
ATOM   335 C CD  . LYS A 1 43 ? -6.220  -5.736  6.459   1.00 33.14 ? 43  LYS A CD  1 
ATOM   336 C CE  . LYS A 1 43 ? -7.724  -5.967  6.476   1.00 32.46 ? 43  LYS A CE  1 
ATOM   337 N NZ  . LYS A 1 43 ? -8.479  -4.705  6.674   1.00 30.25 ? 43  LYS A NZ  1 
ATOM   338 N N   . LYS A 1 44 ? -3.101  -6.113  7.558   1.00 31.65 ? 44  LYS A N   1 
ATOM   339 C CA  . LYS A 1 44 ? -3.321  -6.417  8.970   1.00 35.69 ? 44  LYS A CA  1 
ATOM   340 C C   . LYS A 1 44 ? -2.454  -5.567  9.878   1.00 36.16 ? 44  LYS A C   1 
ATOM   341 O O   . LYS A 1 44 ? -2.858  -5.223  10.982  1.00 40.53 ? 44  LYS A O   1 
ATOM   342 C CB  . LYS A 1 44 ? -3.044  -7.899  9.251   1.00 31.21 ? 44  LYS A CB  1 
ATOM   343 C CG  . LYS A 1 44 ? -3.971  -8.859  8.535   1.00 31.13 ? 44  LYS A CG  1 
ATOM   344 C CD  . LYS A 1 44 ? -3.493  -10.301 8.735   1.00 31.33 ? 44  LYS A CD  1 
ATOM   345 C CE  . LYS A 1 44 ? -4.403  -11.298 8.044   1.00 32.35 ? 44  LYS A CE  1 
ATOM   346 N NZ  . LYS A 1 44 ? -3.932  -12.696 8.261   1.00 33.95 ? 44  LYS A NZ  1 
ATOM   347 N N   . GLU A 1 45 ? -1.250  -5.249  9.414   1.00 42.34 ? 45  GLU A N   1 
ATOM   348 C CA  . GLU A 1 45 ? -0.308  -4.471  10.203  1.00 46.11 ? 45  GLU A CA  1 
ATOM   349 C C   . GLU A 1 45 ? -0.755  -3.015  10.268  1.00 46.08 ? 45  GLU A C   1 
ATOM   350 O O   . GLU A 1 45 ? -0.583  -2.351  11.286  1.00 45.15 ? 45  GLU A O   1 
ATOM   351 C CB  . GLU A 1 45 ? 1.103   -4.583  9.621   1.00 53.57 ? 45  GLU A CB  1 
ATOM   352 C CG  . GLU A 1 45 ? 2.207   -4.786  10.664  1.00 65.51 ? 45  GLU A CG  1 
ATOM   353 C CD  . GLU A 1 45 ? 2.291   -6.219  11.183  1.00 70.35 ? 45  GLU A CD  1 
ATOM   354 O OE1 . GLU A 1 45 ? 1.237   -6.821  11.488  1.00 72.31 ? 45  GLU A OE1 1 
ATOM   355 O OE2 . GLU A 1 45 ? 3.419   -6.747  11.293  1.00 73.17 ? 45  GLU A OE2 1 
ATOM   356 N N   . PHE A 1 46 ? -1.344  -2.521  9.181   1.00 39.81 ? 46  PHE A N   1 
ATOM   357 C CA  . PHE A 1 46 ? -1.885  -1.164  9.183   1.00 40.76 ? 46  PHE A CA  1 
ATOM   358 C C   . PHE A 1 46 ? -3.181  -1.055  9.980   1.00 40.28 ? 46  PHE A C   1 
ATOM   359 O O   . PHE A 1 46 ? -3.405  -0.058  10.656  1.00 40.01 ? 46  PHE A O   1 
ATOM   360 C CB  . PHE A 1 46 ? -2.033  -0.613  7.764   1.00 34.79 ? 46  PHE A CB  1 
ATOM   361 C CG  . PHE A 1 46 ? -0.861  0.209   7.326   1.00 37.33 ? 46  PHE A CG  1 
ATOM   362 C CD1 . PHE A 1 46 ? 0.403   -0.355  7.237   1.00 37.37 ? 46  PHE A CD1 1 
ATOM   363 C CD2 . PHE A 1 46 ? -1.013  1.553   7.030   1.00 36.60 ? 46  PHE A CD2 1 
ATOM   364 C CE1 . PHE A 1 46 ? 1.490   0.405   6.851   1.00 38.23 ? 46  PHE A CE1 1 
ATOM   365 C CE2 . PHE A 1 46 ? 0.071   2.319   6.643   1.00 39.39 ? 46  PHE A CE2 1 
ATOM   366 C CZ  . PHE A 1 46 ? 1.323   1.745   6.553   1.00 39.52 ? 46  PHE A CZ  1 
ATOM   367 N N   . ASP A 1 47 ? -4.015  -2.089  9.923   1.00 38.47 ? 47  ASP A N   1 
ATOM   368 C CA  . ASP A 1 47 ? -5.198  -2.138  10.774  1.00 43.55 ? 47  ASP A CA  1 
ATOM   369 C C   . ASP A 1 47 ? -4.764  -2.089  12.233  1.00 51.74 ? 47  ASP A C   1 
ATOM   370 O O   . ASP A 1 47 ? -5.383  -1.419  13.060  1.00 55.68 ? 47  ASP A O   1 
ATOM   371 C CB  . ASP A 1 47 ? -5.989  -3.418  10.522  1.00 44.38 ? 47  ASP A CB  1 
ATOM   372 C CG  . ASP A 1 47 ? -7.040  -3.254  9.446   1.00 43.84 ? 47  ASP A CG  1 
ATOM   373 O OD1 . ASP A 1 47 ? -7.209  -2.124  8.941   1.00 39.89 ? 47  ASP A OD1 1 
ATOM   374 O OD2 . ASP A 1 47 ? -7.703  -4.257  9.115   1.00 41.00 ? 47  ASP A OD2 1 
ATOM   375 N N   . LYS A 1 48 ? -3.688  -2.809  12.535  1.00 53.13 ? 48  LYS A N   1 
ATOM   376 C CA  . LYS A 1 48 ? -3.143  -2.865  13.881  1.00 58.56 ? 48  LYS A CA  1 
ATOM   377 C C   . LYS A 1 48 ? -2.594  -1.492  14.276  1.00 58.62 ? 48  LYS A C   1 
ATOM   378 O O   . LYS A 1 48 ? -3.032  -0.895  15.264  1.00 58.69 ? 48  LYS A O   1 
ATOM   379 C CB  . LYS A 1 48 ? -2.044  -3.931  13.949  1.00 58.03 ? 48  LYS A CB  1 
ATOM   380 C CG  . LYS A 1 48 ? -1.834  -4.545  15.324  1.00 65.55 ? 48  LYS A CG  1 
ATOM   381 C CD  . LYS A 1 48 ? -0.794  -5.663  15.285  1.00 66.10 ? 48  LYS A CD  1 
ATOM   382 C CE  . LYS A 1 48 ? -1.184  -6.763  14.309  1.00 65.32 ? 48  LYS A CE  1 
ATOM   383 N NZ  . LYS A 1 48 ? -0.292  -7.954  14.429  1.00 68.87 ? 48  LYS A NZ  1 
ATOM   384 N N   . LYS A 1 49 ? -1.658  -0.986  13.478  1.00 56.01 ? 49  LYS A N   1 
ATOM   385 C CA  . LYS A 1 49 ? -0.951  0.255   13.803  1.00 58.55 ? 49  LYS A CA  1 
ATOM   386 C C   . LYS A 1 49 ? -1.788  1.525   13.654  1.00 59.22 ? 49  LYS A C   1 
ATOM   387 O O   . LYS A 1 49 ? -1.724  2.413   14.507  1.00 62.64 ? 49  LYS A O   1 
ATOM   388 C CB  . LYS A 1 49 ? 0.339   0.375   12.983  1.00 57.22 ? 49  LYS A CB  1 
ATOM   389 C CG  . LYS A 1 49 ? 1.467   -0.515  13.477  1.00 62.15 ? 49  LYS A CG  1 
ATOM   390 C CD  . LYS A 1 49 ? 2.816   -0.032  12.970  1.00 67.48 ? 49  LYS A CD  1 
ATOM   391 C CE  . LYS A 1 49 ? 3.145   -0.602  11.603  1.00 65.42 ? 49  LYS A CE  1 
ATOM   392 N NZ  . LYS A 1 49 ? 3.651   -2.000  11.720  1.00 68.94 ? 49  LYS A NZ  1 
ATOM   393 N N   . TYR A 1 50 ? -2.570  1.620   12.582  1.00 54.00 ? 50  TYR A N   1 
ATOM   394 C CA  . TYR A 1 50 ? -3.287  2.862   12.291  1.00 57.28 ? 50  TYR A CA  1 
ATOM   395 C C   . TYR A 1 50 ? -4.811  2.754   12.325  1.00 57.52 ? 50  TYR A C   1 
ATOM   396 O O   . TYR A 1 50 ? -5.510  3.651   11.848  1.00 58.01 ? 50  TYR A O   1 
ATOM   397 C CB  . TYR A 1 50 ? -2.819  3.452   10.957  1.00 55.96 ? 50  TYR A CB  1 
ATOM   398 C CG  . TYR A 1 50 ? -1.347  3.790   10.941  1.00 57.60 ? 50  TYR A CG  1 
ATOM   399 C CD1 . TYR A 1 50 ? -0.425  2.925   10.368  1.00 54.66 ? 50  TYR A CD1 1 
ATOM   400 C CD2 . TYR A 1 50 ? -0.876  4.971   11.512  1.00 59.82 ? 50  TYR A CD2 1 
ATOM   401 C CE1 . TYR A 1 50 ? 0.924   3.224   10.354  1.00 56.56 ? 50  TYR A CE1 1 
ATOM   402 C CE2 . TYR A 1 50 ? 0.473   5.280   11.501  1.00 61.46 ? 50  TYR A CE2 1 
ATOM   403 C CZ  . TYR A 1 50 ? 1.369   4.397   10.923  1.00 62.09 ? 50  TYR A CZ  1 
ATOM   404 O OH  . TYR A 1 50 ? 2.712   4.690   10.907  1.00 66.69 ? 50  TYR A OH  1 
ATOM   405 N N   . ASN A 1 51 ? -5.320  1.666   12.900  1.00 56.43 ? 51  ASN A N   1 
ATOM   406 C CA  . ASN A 1 51 ? -6.763  1.472   13.058  1.00 57.93 ? 51  ASN A CA  1 
ATOM   407 C C   . ASN A 1 51 ? -7.443  1.059   11.756  1.00 55.14 ? 51  ASN A C   1 
ATOM   408 O O   . ASN A 1 51 ? -6.998  1.443   10.675  1.00 51.55 ? 51  ASN A O   1 
ATOM   409 C CB  . ASN A 1 51 ? -7.420  2.740   13.619  1.00 65.85 ? 51  ASN A CB  1 
ATOM   410 C CG  . ASN A 1 51 ? -6.760  3.222   14.896  1.00 70.24 ? 51  ASN A CG  1 
ATOM   411 O OD1 . ASN A 1 51 ? -6.296  2.422   15.710  1.00 74.96 ? 51  ASN A OD1 1 
ATOM   412 N ND2 . ASN A 1 51 ? -6.707  4.536   15.074  1.00 74.34 ? 51  ASN A ND2 1 
ATOM   413 N N   . PRO A 1 52 ? -8.523  0.264   11.858  1.00 57.45 ? 52  PRO A N   1 
ATOM   414 C CA  . PRO A 1 52 ? -9.311  -0.145  10.691  1.00 53.91 ? 52  PRO A CA  1 
ATOM   415 C C   . PRO A 1 52 ? -9.887  1.087   10.006  1.00 53.53 ? 52  PRO A C   1 
ATOM   416 O O   . PRO A 1 52 ? -10.086 2.104   10.668  1.00 56.96 ? 52  PRO A O   1 
ATOM   417 C CB  . PRO A 1 52 ? -10.438 -0.981  11.306  1.00 56.09 ? 52  PRO A CB  1 
ATOM   418 C CG  . PRO A 1 52 ? -9.927  -1.408  12.636  1.00 58.35 ? 52  PRO A CG  1 
ATOM   419 C CD  . PRO A 1 52 ? -9.059  -0.293  13.111  1.00 60.01 ? 52  PRO A CD  1 
ATOM   420 N N   . THR A 1 53 ? -10.181 1.008   8.710   1.00 50.17 ? 53  THR A N   1 
ATOM   421 C CA  . THR A 1 53 ? -10.141 -0.234  7.949   1.00 46.28 ? 53  THR A CA  1 
ATOM   422 C C   . THR A 1 53 ? -9.312  -0.070  6.676   1.00 41.10 ? 53  THR A C   1 
ATOM   423 O O   . THR A 1 53 ? -9.663  0.712   5.798   1.00 42.28 ? 53  THR A O   1 
ATOM   424 C CB  . THR A 1 53 ? -11.567 -0.656  7.550   1.00 46.90 ? 53  THR A CB  1 
ATOM   425 O OG1 . THR A 1 53 ? -12.374 -0.798  8.727   1.00 49.78 ? 53  THR A OG1 1 
ATOM   426 C CG2 . THR A 1 53 ? -11.553 -1.961  6.787   1.00 40.83 ? 53  THR A CG2 1 
ATOM   427 N N   . TRP A 1 54 ? -8.217  -0.818  6.582   1.00 37.47 ? 54  TRP A N   1 
ATOM   428 C CA  . TRP A 1 54 ? -7.327  -0.740  5.425   1.00 32.91 ? 54  TRP A CA  1 
ATOM   429 C C   . TRP A 1 54 ? -7.586  -1.848  4.411   1.00 28.55 ? 54  TRP A C   1 
ATOM   430 O O   . TRP A 1 54 ? -8.126  -2.898  4.749   1.00 30.46 ? 54  TRP A O   1 
ATOM   431 C CB  . TRP A 1 54 ? -5.866  -0.777  5.874   1.00 32.96 ? 54  TRP A CB  1 
ATOM   432 C CG  . TRP A 1 54 ? -5.488  0.409   6.708   1.00 38.00 ? 54  TRP A CG  1 
ATOM   433 C CD1 . TRP A 1 54 ? -5.680  0.561   8.050   1.00 38.75 ? 54  TRP A CD1 1 
ATOM   434 C CD2 . TRP A 1 54 ? -4.863  1.612   6.254   1.00 37.80 ? 54  TRP A CD2 1 
ATOM   435 N NE1 . TRP A 1 54 ? -5.208  1.782   8.461   1.00 41.50 ? 54  TRP A NE1 1 
ATOM   436 C CE2 . TRP A 1 54 ? -4.701  2.449   7.377   1.00 41.20 ? 54  TRP A CE2 1 
ATOM   437 C CE3 . TRP A 1 54 ? -4.422  2.064   5.005   1.00 37.81 ? 54  TRP A CE3 1 
ATOM   438 C CZ2 . TRP A 1 54 ? -4.118  3.713   7.293   1.00 41.22 ? 54  TRP A CZ2 1 
ATOM   439 C CZ3 . TRP A 1 54 ? -3.844  3.320   4.922   1.00 37.27 ? 54  TRP A CZ3 1 
ATOM   440 C CH2 . TRP A 1 54 ? -3.696  4.129   6.060   1.00 40.23 ? 54  TRP A CH2 1 
ATOM   441 N N   . HIS A 1 55 ? -7.189  -1.600  3.168   1.00 26.09 ? 55  HIS A N   1 
ATOM   442 C CA  . HIS A 1 55 ? -7.321  -2.571  2.096   1.00 23.13 ? 55  HIS A CA  1 
ATOM   443 C C   . HIS A 1 55 ? -6.027  -2.537  1.306   1.00 25.01 ? 55  HIS A C   1 
ATOM   444 O O   . HIS A 1 55 ? -5.458  -1.461  1.074   1.00 24.44 ? 55  HIS A O   1 
ATOM   445 C CB  . HIS A 1 55 ? -8.503  -2.207  1.191   1.00 25.96 ? 55  HIS A CB  1 
ATOM   446 C CG  . HIS A 1 55 ? -9.736  -1.813  1.946   1.00 30.05 ? 55  HIS A CG  1 
ATOM   447 N ND1 . HIS A 1 55 ? -10.620 -2.738  2.459   1.00 30.41 ? 55  HIS A ND1 1 
ATOM   448 C CD2 . HIS A 1 55 ? -10.219 -0.597  2.291   1.00 31.86 ? 55  HIS A CD2 1 
ATOM   449 C CE1 . HIS A 1 55 ? -11.601 -2.107  3.079   1.00 32.34 ? 55  HIS A CE1 1 
ATOM   450 N NE2 . HIS A 1 55 ? -11.381 -0.807  2.993   1.00 32.20 ? 55  HIS A NE2 1 
ATOM   451 N N   . CYS A 1 56 ? -5.552  -3.705  0.895   1.00 22.01 ? 56  CYS A N   1 
ATOM   452 C CA  . CYS A 1 56 ? -4.282  -3.767  0.196   1.00 20.97 ? 56  CYS A CA  1 
ATOM   453 C C   . CYS A 1 56 ? -4.340  -4.621  -1.061  1.00 20.52 ? 56  CYS A C   1 
ATOM   454 O O   . CYS A 1 56 ? -4.842  -5.745  -1.043  1.00 19.90 ? 56  CYS A O   1 
ATOM   455 C CB  . CYS A 1 56 ? -3.176  -4.277  1.126   1.00 22.74 ? 56  CYS A CB  1 
ATOM   456 S SG  . CYS A 1 56 ? -1.532  -4.080  0.432   1.00 24.84 ? 56  CYS A SG  1 
ATOM   457 N N   . ILE A 1 57 ? -3.819  -4.068  -2.153  1.00 18.22 ? 57  ILE A N   1 
ATOM   458 C CA  . ILE A 1 57 ? -3.695  -4.793  -3.407  1.00 16.59 ? 57  ILE A CA  1 
ATOM   459 C C   . ILE A 1 57 ? -2.225  -4.864  -3.811  1.00 19.62 ? 57  ILE A C   1 
ATOM   460 O O   . ILE A 1 57 ? -1.509  -3.855  -3.781  1.00 18.19 ? 57  ILE A O   1 
ATOM   461 C CB  . ILE A 1 57 ? -4.476  -4.105  -4.547  1.00 20.35 ? 57  ILE A CB  1 
ATOM   462 C CG1 . ILE A 1 57 ? -5.850  -3.601  -4.070  1.00 25.01 ? 57  ILE A CG1 1 
ATOM   463 C CG2 . ILE A 1 57 ? -4.579  -5.016  -5.748  1.00 18.42 ? 57  ILE A CG2 1 
ATOM   464 C CD1 . ILE A 1 57 ? -6.777  -4.684  -3.593  1.00 28.76 ? 57  ILE A CD1 1 
ATOM   465 N N   . VAL A 1 58 ? -1.784  -6.055  -4.202  1.00 18.54 ? 58  VAL A N   1 
ATOM   466 C CA  . VAL A 1 58 ? -0.399  -6.279  -4.583  1.00 20.33 ? 58  VAL A CA  1 
ATOM   467 C C   . VAL A 1 58 ? -0.354  -7.043  -5.904  1.00 19.86 ? 58  VAL A C   1 
ATOM   468 O O   . VAL A 1 58 ? -0.925  -8.125  -6.016  1.00 19.30 ? 58  VAL A O   1 
ATOM   469 C CB  . VAL A 1 58 ? 0.342   -7.088  -3.477  1.00 25.23 ? 58  VAL A CB  1 
ATOM   470 C CG1 . VAL A 1 58 ? 1.710   -7.540  -3.952  1.00 25.33 ? 58  VAL A CG1 1 
ATOM   471 C CG2 . VAL A 1 58 ? 0.456   -6.260  -2.191  1.00 20.54 ? 58  VAL A CG2 1 
ATOM   472 N N   . GLY A 1 59 ? 0.311   -6.488  -6.911  1.00 22.02 ? 59  GLY A N   1 
ATOM   473 C CA  . GLY A 1 59 ? 0.421   -7.192  -8.184  1.00 23.48 ? 59  GLY A CA  1 
ATOM   474 C C   . GLY A 1 59 ? 1.203   -6.474  -9.260  1.00 24.89 ? 59  GLY A C   1 
ATOM   475 O O   . GLY A 1 59 ? 1.620   -5.329  -9.089  1.00 24.65 ? 59  GLY A O   1 
ATOM   476 N N   . ARG A 1 60 ? 1.395   -7.162  -10.379 1.00 25.54 ? 60  ARG A N   1 
ATOM   477 C CA  . ARG A 1 60 ? 2.167   -6.623  -11.486 1.00 28.77 ? 60  ARG A CA  1 
ATOM   478 C C   . ARG A 1 60 ? 1.270   -6.057  -12.576 1.00 26.93 ? 60  ARG A C   1 
ATOM   479 O O   . ARG A 1 60 ? 1.718   -5.262  -13.406 1.00 29.88 ? 60  ARG A O   1 
ATOM   480 C CB  . ARG A 1 60 ? 3.102   -7.693  -12.050 1.00 32.40 ? 60  ARG A CB  1 
ATOM   481 C CG  . ARG A 1 60 ? 4.112   -8.192  -11.029 1.00 36.80 ? 60  ARG A CG  1 
ATOM   482 C CD  . ARG A 1 60 ? 4.759   -9.482  -11.479 1.00 46.50 ? 60  ARG A CD  1 
ATOM   483 N NE  . ARG A 1 60 ? 5.748   -9.950  -10.514 1.00 54.22 ? 60  ARG A NE  1 
ATOM   484 C CZ  . ARG A 1 60 ? 7.044   -9.666  -10.583 1.00 60.12 ? 60  ARG A CZ  1 
ATOM   485 N NH1 . ARG A 1 60 ? 7.505   -8.918  -11.577 1.00 62.91 ? 60  ARG A NH1 1 
ATOM   486 N NH2 . ARG A 1 60 ? 7.880   -10.134 -9.665  1.00 62.39 ? 60  ARG A NH2 1 
ATOM   487 N N   . ASN A 1 61 ? 0.000   -6.452  -12.565 1.00 23.54 ? 61  ASN A N   1 
ATOM   488 C CA  . ASN A 1 61 ? -0.937  -5.940  -13.545 1.00 23.01 ? 61  ASN A CA  1 
ATOM   489 C C   . ASN A 1 61 ? -2.334  -5.736  -12.991 1.00 24.60 ? 61  ASN A C   1 
ATOM   490 O O   . ASN A 1 61 ? -3.117  -6.692  -12.861 1.00 22.63 ? 61  ASN A O   1 
ATOM   491 C CB  . ASN A 1 61 ? -1.003  -6.833  -14.784 1.00 24.94 ? 61  ASN A CB  1 
ATOM   492 C CG  . ASN A 1 61 ? -1.934  -6.274  -15.837 1.00 26.74 ? 61  ASN A CG  1 
ATOM   493 O OD1 . ASN A 1 61 ? -3.044  -6.763  -16.019 1.00 25.09 ? 61  ASN A OD1 1 
ATOM   494 N ND2 . ASN A 1 61 ? -1.500  -5.212  -16.508 1.00 27.38 ? 61  ASN A ND2 1 
ATOM   495 N N   . PHE A 1 62 ? -2.643  -4.484  -12.671 1.00 21.45 ? 62  PHE A N   1 
ATOM   496 C CA  . PHE A 1 62 ? -3.988  -4.112  -12.268 1.00 18.76 ? 62  PHE A CA  1 
ATOM   497 C C   . PHE A 1 62 ? -4.207  -2.614  -12.389 1.00 21.14 ? 62  PHE A C   1 
ATOM   498 O O   . PHE A 1 62 ? -3.269  -1.819  -12.291 1.00 19.12 ? 62  PHE A O   1 
ATOM   499 C CB  . PHE A 1 62 ? -4.326  -4.610  -10.847 1.00 16.16 ? 62  PHE A CB  1 
ATOM   500 C CG  . PHE A 1 62 ? -3.547  -3.936  -9.747  1.00 17.51 ? 62  PHE A CG  1 
ATOM   501 C CD1 . PHE A 1 62 ? -4.073  -2.839  -9.076  1.00 13.36 ? 62  PHE A CD1 1 
ATOM   502 C CD2 . PHE A 1 62 ? -2.301  -4.410  -9.367  1.00 15.81 ? 62  PHE A CD2 1 
ATOM   503 C CE1 . PHE A 1 62 ? -3.367  -2.219  -8.053  1.00 13.63 ? 62  PHE A CE1 1 
ATOM   504 C CE2 . PHE A 1 62 ? -1.585  -3.793  -8.344  1.00 18.50 ? 62  PHE A CE2 1 
ATOM   505 C CZ  . PHE A 1 62 ? -2.115  -2.693  -7.690  1.00 16.20 ? 62  PHE A CZ  1 
ATOM   506 N N   . GLY A 1 63 ? -5.453  -2.242  -12.644 1.00 18.86 ? 63  GLY A N   1 
ATOM   507 C CA  . GLY A 1 63 ? -5.879  -0.858  -12.528 1.00 20.22 ? 63  GLY A CA  1 
ATOM   508 C C   . GLY A 1 63 ? -6.922  -0.826  -11.427 1.00 23.37 ? 63  GLY A C   1 
ATOM   509 O O   . GLY A 1 63 ? -7.560  -1.847  -11.136 1.00 22.20 ? 63  GLY A O   1 
ATOM   510 N N   . SER A 1 64 ? -7.091  0.326   -10.794 1.00 17.57 ? 64  SER A N   1 
ATOM   511 C CA  . SER A 1 64 ? -8.045  0.422   -9.700  1.00 19.49 ? 64  SER A CA  1 
ATOM   512 C C   . SER A 1 64 ? -8.739  1.770   -9.683  1.00 21.69 ? 64  SER A C   1 
ATOM   513 O O   . SER A 1 64 ? -8.255  2.750   -10.265 1.00 21.44 ? 64  SER A O   1 
ATOM   514 C CB  . SER A 1 64 ? -7.354  0.193   -8.352  1.00 20.06 ? 64  SER A CB  1 
ATOM   515 O OG  . SER A 1 64 ? -6.733  1.381   -7.881  1.00 25.28 ? 64  SER A OG  1 
ATOM   516 N N   . TYR A 1 65 ? -9.883  1.799   -9.015  1.00 19.96 ? 65  TYR A N   1 
ATOM   517 C CA  . TYR A 1 65 ? -10.583 3.036   -8.710  1.00 21.07 ? 65  TYR A CA  1 
ATOM   518 C C   . TYR A 1 65 ? -11.248 2.858   -7.358  1.00 24.63 ? 65  TYR A C   1 
ATOM   519 O O   . TYR A 1 65 ? -12.188 2.066   -7.206  1.00 20.00 ? 65  TYR A O   1 
ATOM   520 C CB  . TYR A 1 65 ? -11.620 3.356   -9.777  1.00 22.36 ? 65  TYR A CB  1 
ATOM   521 C CG  . TYR A 1 65 ? -12.099 4.792   -9.736  1.00 26.33 ? 65  TYR A CG  1 
ATOM   522 C CD1 . TYR A 1 65 ? -11.286 5.822   -10.183 1.00 27.21 ? 65  TYR A CD1 1 
ATOM   523 C CD2 . TYR A 1 65 ? -13.368 5.116   -9.264  1.00 29.27 ? 65  TYR A CD2 1 
ATOM   524 C CE1 . TYR A 1 65 ? -11.710 7.139   -10.163 1.00 30.17 ? 65  TYR A CE1 1 
ATOM   525 C CE2 . TYR A 1 65 ? -13.806 6.440   -9.237  1.00 30.09 ? 65  TYR A CE2 1 
ATOM   526 C CZ  . TYR A 1 65 ? -12.968 7.445   -9.691  1.00 32.17 ? 65  TYR A CZ  1 
ATOM   527 O OH  . TYR A 1 65 ? -13.376 8.760   -9.673  1.00 33.81 ? 65  TYR A OH  1 
ATOM   528 N N   . VAL A 1 66 ? -10.737 3.576   -6.368  1.00 24.12 ? 66  VAL A N   1 
ATOM   529 C CA  . VAL A 1 66 ? -11.168 3.380   -4.993  1.00 24.78 ? 66  VAL A CA  1 
ATOM   530 C C   . VAL A 1 66 ? -11.453 4.718   -4.332  1.00 26.03 ? 66  VAL A C   1 
ATOM   531 O O   . VAL A 1 66 ? -11.060 5.770   -4.831  1.00 26.59 ? 66  VAL A O   1 
ATOM   532 C CB  . VAL A 1 66 ? -10.092 2.640   -4.161  1.00 23.75 ? 66  VAL A CB  1 
ATOM   533 C CG1 . VAL A 1 66 ? -9.676  1.344   -4.852  1.00 21.21 ? 66  VAL A CG1 1 
ATOM   534 C CG2 . VAL A 1 66 ? -8.877  3.544   -3.924  1.00 24.79 ? 66  VAL A CG2 1 
ATOM   535 N N   . THR A 1 67 ? -12.150 4.667   -3.205  1.00 30.20 ? 67  THR A N   1 
ATOM   536 C CA  . THR A 1 67 ? -12.397 5.855   -2.409  1.00 29.00 ? 67  THR A CA  1 
ATOM   537 C C   . THR A 1 67 ? -11.710 5.689   -1.060  1.00 33.55 ? 67  THR A C   1 
ATOM   538 O O   . THR A 1 67 ? -11.857 4.662   -0.397  1.00 32.92 ? 67  THR A O   1 
ATOM   539 C CB  . THR A 1 67 ? -13.901 6.103   -2.230  1.00 34.67 ? 67  THR A CB  1 
ATOM   540 O OG1 . THR A 1 67 ? -14.515 6.266   -3.518  1.00 31.33 ? 67  THR A OG1 1 
ATOM   541 C CG2 . THR A 1 67 ? -14.148 7.357   -1.394  1.00 36.33 ? 67  THR A CG2 1 
ATOM   542 N N   . HIS A 1 68 ? -10.942 6.694   -0.662  1.00 35.49 ? 68  HIS A N   1 
ATOM   543 C CA  . HIS A 1 68 ? -10.191 6.613   0.583   1.00 37.47 ? 68  HIS A CA  1 
ATOM   544 C C   . HIS A 1 68 ? -10.429 7.842   1.451   1.00 42.94 ? 68  HIS A C   1 
ATOM   545 O O   . HIS A 1 68 ? -10.789 8.912   0.952   1.00 44.60 ? 68  HIS A O   1 
ATOM   546 C CB  . HIS A 1 68 ? -8.698  6.489   0.286   1.00 36.24 ? 68  HIS A CB  1 
ATOM   547 C CG  . HIS A 1 68 ? -8.100  7.732   -0.290  1.00 36.22 ? 68  HIS A CG  1 
ATOM   548 N ND1 . HIS A 1 68 ? -7.639  8.769   0.492   1.00 39.27 ? 68  HIS A ND1 1 
ATOM   549 C CD2 . HIS A 1 68 ? -7.910  8.116   -1.575  1.00 34.25 ? 68  HIS A CD2 1 
ATOM   550 C CE1 . HIS A 1 68 ? -7.184  9.735   -0.284  1.00 37.25 ? 68  HIS A CE1 1 
ATOM   551 N NE2 . HIS A 1 68 ? -7.338  9.366   -1.542  1.00 37.76 ? 68  HIS A NE2 1 
ATOM   552 N N   . GLU A 1 69 ? -10.217 7.690   2.753   1.00 45.94 ? 69  GLU A N   1 
ATOM   553 C CA  . GLU A 1 69 ? -10.256 8.830   3.660   1.00 49.29 ? 69  GLU A CA  1 
ATOM   554 C C   . GLU A 1 69 ? -9.002  9.666   3.439   1.00 48.21 ? 69  GLU A C   1 
ATOM   555 O O   . GLU A 1 69 ? -7.911  9.121   3.277   1.00 44.32 ? 69  GLU A O   1 
ATOM   556 C CB  . GLU A 1 69 ? -10.334 8.353   5.109   1.00 53.37 ? 69  GLU A CB  1 
ATOM   557 C CG  . GLU A 1 69 ? -11.536 7.469   5.393   1.00 57.36 ? 69  GLU A CG  1 
ATOM   558 C CD  . GLU A 1 69 ? -11.408 6.712   6.697   1.00 62.73 ? 69  GLU A CD  1 
ATOM   559 O OE1 . GLU A 1 69 ? -10.626 7.153   7.567   1.00 67.30 ? 69  GLU A OE1 1 
ATOM   560 O OE2 . GLU A 1 69 ? -12.091 5.678   6.853   1.00 62.07 ? 69  GLU A OE2 1 
ATOM   561 N N   . THR A 1 70 ? -9.155  10.988  3.425   1.00 48.94 ? 70  THR A N   1 
ATOM   562 C CA  . THR A 1 70 ? -8.025  11.874  3.159   1.00 48.89 ? 70  THR A CA  1 
ATOM   563 C C   . THR A 1 70 ? -6.852  11.571  4.082   1.00 50.65 ? 70  THR A C   1 
ATOM   564 O O   . THR A 1 70 ? -7.040  11.226  5.254   1.00 55.91 ? 70  THR A O   1 
ATOM   565 C CB  . THR A 1 70 ? -8.411  13.370  3.273   1.00 56.23 ? 70  THR A CB  1 
ATOM   566 O OG1 . THR A 1 70 ? -9.026  13.611  4.543   1.00 61.09 ? 70  THR A OG1 1 
ATOM   567 C CG2 . THR A 1 70 ? -9.375  13.755  2.168   1.00 56.27 ? 70  THR A CG2 1 
ATOM   568 N N   . ARG A 1 71 ? -5.641  11.682  3.544   1.00 48.40 ? 71  ARG A N   1 
ATOM   569 C CA  . ARG A 1 71 ? -4.427  11.391  4.308   1.00 48.86 ? 71  ARG A CA  1 
ATOM   570 C C   . ARG A 1 71 ? -4.201  9.891   4.576   1.00 47.19 ? 71  ARG A C   1 
ATOM   571 O O   . ARG A 1 71 ? -3.305  9.525   5.338   1.00 47.39 ? 71  ARG A O   1 
ATOM   572 C CB  . ARG A 1 71 ? -4.420  12.175  5.621   1.00 53.62 ? 71  ARG A CB  1 
ATOM   573 C CG  . ARG A 1 71 ? -4.483  13.682  5.431   1.00 63.06 ? 71  ARG A CG  1 
ATOM   574 C CD  . ARG A 1 71 ? -3.173  14.222  4.883   1.00 65.27 ? 71  ARG A CD  1 
ATOM   575 N NE  . ARG A 1 71 ? -2.127  14.207  5.901   1.00 70.68 ? 71  ARG A NE  1 
ATOM   576 C CZ  . ARG A 1 71 ? -0.847  14.468  5.664   1.00 73.17 ? 71  ARG A CZ  1 
ATOM   577 N NH1 . ARG A 1 71 ? 0.029   14.434  6.659   1.00 76.00 ? 71  ARG A NH1 1 
ATOM   578 N NH2 . ARG A 1 71 ? -0.442  14.762  4.433   1.00 70.93 ? 71  ARG A NH2 1 
ATOM   579 N N   . HIS A 1 72 ? -4.998  9.030   3.948   1.00 44.02 ? 72  HIS A N   1 
ATOM   580 C CA  . HIS A 1 72 ? -4.843  7.581   4.136   1.00 42.48 ? 72  HIS A CA  1 
ATOM   581 C C   . HIS A 1 72 ? -4.800  6.813   2.814   1.00 37.98 ? 72  HIS A C   1 
ATOM   582 O O   . HIS A 1 72 ? -5.572  5.879   2.606   1.00 35.69 ? 72  HIS A O   1 
ATOM   583 C CB  . HIS A 1 72 ? -5.960  7.019   5.022   1.00 44.47 ? 72  HIS A CB  1 
ATOM   584 C CG  . HIS A 1 72 ? -6.075  7.692   6.355   1.00 49.48 ? 72  HIS A CG  1 
ATOM   585 N ND1 . HIS A 1 72 ? -5.293  7.346   7.435   1.00 51.42 ? 72  HIS A ND1 1 
ATOM   586 C CD2 . HIS A 1 72 ? -6.886  8.689   6.783   1.00 53.96 ? 72  HIS A CD2 1 
ATOM   587 C CE1 . HIS A 1 72 ? -5.611  8.106   8.470   1.00 54.41 ? 72  HIS A CE1 1 
ATOM   588 N NE2 . HIS A 1 72 ? -6.576  8.929   8.100   1.00 56.85 ? 72  HIS A NE2 1 
ATOM   589 N N   . PHE A 1 73 ? -3.893  7.204   1.927   1.00 38.17 ? 73  PHE A N   1 
ATOM   590 C CA  . PHE A 1 73 ? -3.776  6.553   0.628   1.00 37.16 ? 73  PHE A CA  1 
ATOM   591 C C   . PHE A 1 73 ? -2.329  6.521   0.165   1.00 37.13 ? 73  PHE A C   1 
ATOM   592 O O   . PHE A 1 73 ? -1.645  7.536   0.208   1.00 36.88 ? 73  PHE A O   1 
ATOM   593 C CB  . PHE A 1 73 ? -4.621  7.287   -0.415  1.00 34.97 ? 73  PHE A CB  1 
ATOM   594 C CG  . PHE A 1 73 ? -4.419  6.787   -1.819  1.00 34.66 ? 73  PHE A CG  1 
ATOM   595 C CD1 . PHE A 1 73 ? -5.227  5.783   -2.334  1.00 30.12 ? 73  PHE A CD1 1 
ATOM   596 C CD2 . PHE A 1 73 ? -3.421  7.319   -2.626  1.00 34.69 ? 73  PHE A CD2 1 
ATOM   597 C CE1 . PHE A 1 73 ? -5.044  5.317   -3.628  1.00 28.69 ? 73  PHE A CE1 1 
ATOM   598 C CE2 . PHE A 1 73 ? -3.230  6.851   -3.917  1.00 32.88 ? 73  PHE A CE2 1 
ATOM   599 C CZ  . PHE A 1 73 ? -4.043  5.844   -4.416  1.00 28.53 ? 73  PHE A CZ  1 
ATOM   600 N N   . ILE A 1 74 ? -1.856  5.357   -0.272  1.00 32.02 ? 74  ILE A N   1 
ATOM   601 C CA  . ILE A 1 74 ? -0.545  5.289   -0.907  1.00 29.00 ? 74  ILE A CA  1 
ATOM   602 C C   . ILE A 1 74 ? -0.530  4.263   -2.027  1.00 30.70 ? 74  ILE A C   1 
ATOM   603 O O   . ILE A 1 74 ? -1.090  3.181   -1.900  1.00 27.65 ? 74  ILE A O   1 
ATOM   604 C CB  . ILE A 1 74 ? 0.601   5.016   0.099   1.00 32.67 ? 74  ILE A CB  1 
ATOM   605 C CG1 . ILE A 1 74 ? 1.953   5.382   -0.514  1.00 30.39 ? 74  ILE A CG1 1 
ATOM   606 C CG2 . ILE A 1 74 ? 0.601   3.557   0.567   1.00 29.24 ? 74  ILE A CG2 1 
ATOM   607 C CD1 . ILE A 1 74 ? 3.119   5.186   0.428   1.00 36.62 ? 74  ILE A CD1 1 
ATOM   608 N N   . TYR A 1 75 ? 0.088   4.628   -3.142  1.00 31.38 ? 75  TYR A N   1 
ATOM   609 C CA  . TYR A 1 75 ? 0.258   3.706   -4.249  1.00 30.01 ? 75  TYR A CA  1 
ATOM   610 C C   . TYR A 1 75 ? 1.724   3.743   -4.635  1.00 32.53 ? 75  TYR A C   1 
ATOM   611 O O   . TYR A 1 75 ? 2.263   4.803   -4.981  1.00 31.04 ? 75  TYR A O   1 
ATOM   612 C CB  . TYR A 1 75 ? -0.624  4.102   -5.434  1.00 27.03 ? 75  TYR A CB  1 
ATOM   613 C CG  . TYR A 1 75 ? -0.367  3.290   -6.682  1.00 27.29 ? 75  TYR A CG  1 
ATOM   614 C CD1 . TYR A 1 75 ? -0.554  1.907   -6.687  1.00 27.57 ? 75  TYR A CD1 1 
ATOM   615 C CD2 . TYR A 1 75 ? 0.052   3.900   -7.859  1.00 27.19 ? 75  TYR A CD2 1 
ATOM   616 C CE1 . TYR A 1 75 ? -0.324  1.157   -7.828  1.00 26.63 ? 75  TYR A CE1 1 
ATOM   617 C CE2 . TYR A 1 75 ? 0.288   3.157   -9.005  1.00 29.81 ? 75  TYR A CE2 1 
ATOM   618 C CZ  . TYR A 1 75 ? 0.093   1.785   -8.982  1.00 28.49 ? 75  TYR A CZ  1 
ATOM   619 O OH  . TYR A 1 75 ? 0.317   1.034   -10.111 1.00 28.78 ? 75  TYR A OH  1 
ATOM   620 N N   . PHE A 1 76 ? 2.378   2.593   -4.564  1.00 26.70 ? 76  PHE A N   1 
ATOM   621 C CA  . PHE A 1 76 ? 3.816   2.569   -4.766  1.00 32.68 ? 76  PHE A CA  1 
ATOM   622 C C   . PHE A 1 76 ? 4.316   1.244   -5.318  1.00 33.83 ? 76  PHE A C   1 
ATOM   623 O O   . PHE A 1 76 ? 3.647   0.210   -5.212  1.00 31.42 ? 76  PHE A O   1 
ATOM   624 C CB  . PHE A 1 76 ? 4.558   2.948   -3.472  1.00 34.40 ? 76  PHE A CB  1 
ATOM   625 C CG  . PHE A 1 76 ? 4.402   1.945   -2.358  1.00 32.77 ? 76  PHE A CG  1 
ATOM   626 C CD1 . PHE A 1 76 ? 5.420   1.049   -2.066  1.00 33.54 ? 76  PHE A CD1 1 
ATOM   627 C CD2 . PHE A 1 76 ? 3.238   1.898   -1.602  1.00 30.54 ? 76  PHE A CD2 1 
ATOM   628 C CE1 . PHE A 1 76 ? 5.280   0.118   -1.044  1.00 32.62 ? 76  PHE A CE1 1 
ATOM   629 C CE2 . PHE A 1 76 ? 3.095   0.969   -0.580  1.00 25.79 ? 76  PHE A CE2 1 
ATOM   630 C CZ  . PHE A 1 76 ? 4.123   0.083   -0.303  1.00 29.71 ? 76  PHE A CZ  1 
ATOM   631 N N   . TYR A 1 77 ? 5.487   1.305   -5.937  1.00 34.07 ? 77  TYR A N   1 
ATOM   632 C CA  . TYR A 1 77 ? 6.182   0.135   -6.420  1.00 33.83 ? 77  TYR A CA  1 
ATOM   633 C C   . TYR A 1 77 ? 7.270   -0.215  -5.427  1.00 36.86 ? 77  TYR A C   1 
ATOM   634 O O   . TYR A 1 77 ? 7.938   0.663   -4.876  1.00 35.48 ? 77  TYR A O   1 
ATOM   635 C CB  . TYR A 1 77 ? 6.810   0.402   -7.790  1.00 40.82 ? 77  TYR A CB  1 
ATOM   636 C CG  . TYR A 1 77 ? 5.929   0.049   -8.968  1.00 41.53 ? 77  TYR A CG  1 
ATOM   637 C CD1 . TYR A 1 77 ? 5.958   -1.234  -9.523  1.00 42.19 ? 77  TYR A CD1 1 
ATOM   638 C CD2 . TYR A 1 77 ? 5.071   0.989   -9.528  1.00 40.89 ? 77  TYR A CD2 1 
ATOM   639 C CE1 . TYR A 1 77 ? 5.159   -1.564  -10.605 1.00 40.41 ? 77  TYR A CE1 1 
ATOM   640 C CE2 . TYR A 1 77 ? 4.260   0.669   -10.609 1.00 37.34 ? 77  TYR A CE2 1 
ATOM   641 C CZ  . TYR A 1 77 ? 4.312   -0.607  -11.145 1.00 39.71 ? 77  TYR A CZ  1 
ATOM   642 O OH  . TYR A 1 77 ? 3.514   -0.929  -12.221 1.00 38.36 ? 77  TYR A OH  1 
ATOM   643 N N   . LEU A 1 78 ? 7.431   -1.506  -5.181  1.00 34.79 ? 78  LEU A N   1 
ATOM   644 C CA  . LEU A 1 78 ? 8.546   -1.986  -4.399  1.00 40.39 ? 78  LEU A CA  1 
ATOM   645 C C   . LEU A 1 78 ? 9.118   -3.128  -5.214  1.00 43.31 ? 78  LEU A C   1 
ATOM   646 O O   . LEU A 1 78 ? 8.568   -4.228  -5.228  1.00 44.47 ? 78  LEU A O   1 
ATOM   647 C CB  . LEU A 1 78 ? 8.074   -2.451  -3.026  1.00 40.82 ? 78  LEU A CB  1 
ATOM   648 C CG  . LEU A 1 78 ? 9.130   -2.711  -1.957  1.00 45.26 ? 78  LEU A CG  1 
ATOM   649 C CD1 . LEU A 1 78 ? 9.889   -1.437  -1.619  1.00 43.14 ? 78  LEU A CD1 1 
ATOM   650 C CD2 . LEU A 1 78 ? 8.457   -3.263  -0.725  1.00 41.68 ? 78  LEU A CD2 1 
ATOM   651 N N   . GLY A 1 79 ? 10.204  -2.845  -5.926  1.00 44.82 ? 79  GLY A N   1 
ATOM   652 C CA  . GLY A 1 79 ? 10.691  -3.753  -6.953  1.00 49.88 ? 79  GLY A CA  1 
ATOM   653 C C   . GLY A 1 79 ? 9.771   -3.707  -8.161  1.00 48.94 ? 79  GLY A C   1 
ATOM   654 O O   . GLY A 1 79 ? 9.337   -2.634  -8.583  1.00 47.29 ? 79  GLY A O   1 
ATOM   655 N N   . GLN A 1 80 ? 9.457   -4.873  -8.712  1.00 50.08 ? 80  GLN A N   1 
ATOM   656 C CA  A GLN A 1 80 ? 8.599   -4.935  -9.894  0.50 48.06 ? 80  GLN A CA  1 
ATOM   657 C CA  B GLN A 1 80 ? 8.609   -4.970  -9.893  0.50 48.31 ? 80  GLN A CA  1 
ATOM   658 C C   . GLN A 1 80 ? 7.131   -5.167  -9.542  1.00 42.88 ? 80  GLN A C   1 
ATOM   659 O O   . GLN A 1 80 ? 6.295   -5.361  -10.427 1.00 41.82 ? 80  GLN A O   1 
ATOM   660 C CB  A GLN A 1 80 ? 9.099   -5.986  -10.891 0.50 50.28 ? 80  GLN A CB  1 
ATOM   661 C CB  B GLN A 1 80 ? 9.103   -6.099  -10.803 0.50 50.92 ? 80  GLN A CB  1 
ATOM   662 C CG  A GLN A 1 80 ? 10.391  -5.602  -11.600 0.50 55.24 ? 80  GLN A CG  1 
ATOM   663 C CG  B GLN A 1 80 ? 9.676   -7.304  -10.057 0.50 53.51 ? 80  GLN A CG  1 
ATOM   664 C CD  A GLN A 1 80 ? 10.616  -6.384  -12.882 0.50 57.59 ? 80  GLN A CD  1 
ATOM   665 C CD  B GLN A 1 80 ? 11.104  -7.088  -9.586  0.50 57.60 ? 80  GLN A CD  1 
ATOM   666 O OE1 A GLN A 1 80 ? 9.672   -6.679  -13.617 0.50 56.33 ? 80  GLN A OE1 1 
ATOM   667 O OE1 B GLN A 1 80 ? 11.525  -7.642  -8.571  0.50 58.30 ? 80  GLN A OE1 1 
ATOM   668 N NE2 A GLN A 1 80 ? 11.871  -6.716  -13.161 0.50 61.60 ? 80  GLN A NE2 1 
ATOM   669 N NE2 B GLN A 1 80 ? 11.855  -6.276  -10.322 0.50 61.37 ? 80  GLN A NE2 1 
ATOM   670 N N   . VAL A 1 81 ? 6.812   -5.132  -8.251  1.00 36.60 ? 81  VAL A N   1 
ATOM   671 C CA  . VAL A 1 81 ? 5.425   -5.281  -7.815  1.00 33.38 ? 81  VAL A CA  1 
ATOM   672 C C   . VAL A 1 81 ? 4.833   -3.940  -7.363  1.00 29.09 ? 81  VAL A C   1 
ATOM   673 O O   . VAL A 1 81 ? 5.505   -3.120  -6.731  1.00 30.45 ? 81  VAL A O   1 
ATOM   674 C CB  . VAL A 1 81 ? 5.271   -6.372  -6.713  1.00 33.78 ? 81  VAL A CB  1 
ATOM   675 C CG1 . VAL A 1 81 ? 5.553   -5.812  -5.331  1.00 32.74 ? 81  VAL A CG1 1 
ATOM   676 C CG2 . VAL A 1 81 ? 3.885   -6.982  -6.758  1.00 34.19 ? 81  VAL A CG2 1 
ATOM   677 N N   . ALA A 1 82 ? 3.579   -3.703  -7.719  1.00 23.29 ? 82  ALA A N   1 
ATOM   678 C CA  . ALA A 1 82 ? 2.897   -2.490  -7.285  1.00 25.49 ? 82  ALA A CA  1 
ATOM   679 C C   . ALA A 1 82 ? 2.038   -2.777  -6.060  1.00 24.08 ? 82  ALA A C   1 
ATOM   680 O O   . ALA A 1 82 ? 1.454   -3.859  -5.927  1.00 24.47 ? 82  ALA A O   1 
ATOM   681 C CB  . ALA A 1 82 ? 2.058   -1.907  -8.409  1.00 21.83 ? 82  ALA A CB  1 
ATOM   682 N N   . ILE A 1 83 ? 1.976   -1.805  -5.160  1.00 24.62 ? 83  ILE A N   1 
ATOM   683 C CA  . ILE A 1 83 ? 1.225   -1.951  -3.928  1.00 23.03 ? 83  ILE A CA  1 
ATOM   684 C C   . ILE A 1 83 ? 0.278   -0.776  -3.738  1.00 24.58 ? 83  ILE A C   1 
ATOM   685 O O   . ILE A 1 83 ? 0.702   0.377   -3.698  1.00 22.09 ? 83  ILE A O   1 
ATOM   686 C CB  . ILE A 1 83 ? 2.169   -2.080  -2.716  1.00 27.18 ? 83  ILE A CB  1 
ATOM   687 C CG1 . ILE A 1 83 ? 3.093   -3.289  -2.902  1.00 32.26 ? 83  ILE A CG1 1 
ATOM   688 C CG2 . ILE A 1 83 ? 1.373   -2.203  -1.432  1.00 22.04 ? 83  ILE A CG2 1 
ATOM   689 C CD1 . ILE A 1 83 ? 4.137   -3.440  -1.834  1.00 37.52 ? 83  ILE A CD1 1 
ATOM   690 N N   . LEU A 1 84 ? -1.010  -1.080  -3.644  1.00 23.51 ? 84  LEU A N   1 
ATOM   691 C CA  . LEU A 1 84 ? -2.031  -0.083  -3.347  1.00 25.24 ? 84  LEU A CA  1 
ATOM   692 C C   . LEU A 1 84 ? -2.502  -0.311  -1.918  1.00 26.32 ? 84  LEU A C   1 
ATOM   693 O O   . LEU A 1 84 ? -2.897  -1.417  -1.567  1.00 23.12 ? 84  LEU A O   1 
ATOM   694 C CB  . LEU A 1 84 ? -3.212  -0.223  -4.314  1.00 19.84 ? 84  LEU A CB  1 
ATOM   695 C CG  . LEU A 1 84 ? -4.491  0.558   -3.997  1.00 19.23 ? 84  LEU A CG  1 
ATOM   696 C CD1 . LEU A 1 84 ? -4.233  2.091   -3.948  1.00 21.27 ? 84  LEU A CD1 1 
ATOM   697 C CD2 . LEU A 1 84 ? -5.554  0.233   -5.017  1.00 20.30 ? 84  LEU A CD2 1 
ATOM   698 N N   . LEU A 1 85 ? -2.446  0.731   -1.094  1.00 24.58 ? 85  LEU A N   1 
ATOM   699 C CA  . LEU A 1 85 ? -2.832  0.606   0.307   1.00 25.40 ? 85  LEU A CA  1 
ATOM   700 C C   . LEU A 1 85 ? -3.610  1.835   0.766   1.00 30.50 ? 85  LEU A C   1 
ATOM   701 O O   . LEU A 1 85 ? -3.100  2.950   0.723   1.00 29.57 ? 85  LEU A O   1 
ATOM   702 C CB  . LEU A 1 85 ? -1.587  0.434   1.172   1.00 26.62 ? 85  LEU A CB  1 
ATOM   703 C CG  . LEU A 1 85 ? -1.764  0.476   2.687   1.00 27.80 ? 85  LEU A CG  1 
ATOM   704 C CD1 . LEU A 1 85 ? -2.536  -0.757  3.165   1.00 27.79 ? 85  LEU A CD1 1 
ATOM   705 C CD2 . LEU A 1 85 ? -0.397  0.564   3.355   1.00 29.76 ? 85  LEU A CD2 1 
ATOM   706 N N   . PHE A 1 86 ? -4.841  1.633   1.214   1.00 28.33 ? 86  PHE A N   1 
ATOM   707 C CA  . PHE A 1 86 ? -5.691  2.762   1.557   1.00 31.88 ? 86  PHE A CA  1 
ATOM   708 C C   . PHE A 1 86 ? -6.703  2.393   2.624   1.00 32.64 ? 86  PHE A C   1 
ATOM   709 O O   . PHE A 1 86 ? -7.040  1.218   2.806   1.00 27.02 ? 86  PHE A O   1 
ATOM   710 C CB  . PHE A 1 86 ? -6.406  3.305   0.310   1.00 29.16 ? 86  PHE A CB  1 
ATOM   711 C CG  . PHE A 1 86 ? -7.444  2.370   -0.252  1.00 28.94 ? 86  PHE A CG  1 
ATOM   712 C CD1 . PHE A 1 86 ? -8.793  2.569   0.011   1.00 28.56 ? 86  PHE A CD1 1 
ATOM   713 C CD2 . PHE A 1 86 ? -7.072  1.287   -1.031  1.00 24.96 ? 86  PHE A CD2 1 
ATOM   714 C CE1 . PHE A 1 86 ? -9.750  1.710   -0.502  1.00 25.00 ? 86  PHE A CE1 1 
ATOM   715 C CE2 . PHE A 1 86 ? -8.026  0.425   -1.552  1.00 22.41 ? 86  PHE A CE2 1 
ATOM   716 C CZ  . PHE A 1 86 ? -9.366  0.634   -1.279  1.00 24.50 ? 86  PHE A CZ  1 
ATOM   717 N N   . LYS A 1 87 ? -7.179  3.411   3.330   1.00 34.55 ? 87  LYS A N   1 
ATOM   718 C CA  . LYS A 1 87 ? -8.153  3.236   4.386   1.00 36.78 ? 87  LYS A CA  1 
ATOM   719 C C   . LYS A 1 87 ? -9.531  3.685   3.897   1.00 40.00 ? 87  LYS A C   1 
ATOM   720 O O   . LYS A 1 87 ? -9.692  4.805   3.419   1.00 41.11 ? 87  LYS A O   1 
ATOM   721 C CB  . LYS A 1 87 ? -7.726  4.071   5.594   1.00 42.75 ? 87  LYS A CB  1 
ATOM   722 C CG  . LYS A 1 87 ? -8.518  3.858   6.862   1.00 44.89 ? 87  LYS A CG  1 
ATOM   723 C CD  . LYS A 1 87 ? -7.803  4.542   8.019   1.00 51.43 ? 87  LYS A CD  1 
ATOM   724 C CE  . LYS A 1 87 ? -8.361  4.130   9.364   1.00 53.95 ? 87  LYS A CE  1 
ATOM   725 N NZ  . LYS A 1 87 ? -9.778  4.549   9.530   1.00 57.65 ? 87  LYS A NZ  1 
ATOM   726 N N   . SER A 1 88 ? -10.520 2.805   4.013   1.00 40.50 ? 88  SER A N   1 
ATOM   727 C CA  . SER A 1 88 ? -11.905 3.169   3.740   1.00 43.78 ? 88  SER A CA  1 
ATOM   728 C C   . SER A 1 88 ? -12.839 2.351   4.621   1.00 48.98 ? 88  SER A C   1 
ATOM   729 O O   . SER A 1 88 ? -12.975 1.138   4.442   1.00 44.47 ? 88  SER A O   1 
ATOM   730 C CB  . SER A 1 88 ? -12.254 2.967   2.269   1.00 44.17 ? 88  SER A CB  1 
ATOM   731 O OG  . SER A 1 88 ? -13.539 3.493   1.982   1.00 47.12 ? 88  SER A OG  1 
ATOM   732 N N   . GLY A 1 89 ? -13.474 3.024   5.576   1.00 51.37 ? 89  GLY A N   1 
ATOM   733 C CA  . GLY A 1 89 ? -14.317 2.361   6.563   1.00 58.25 ? 89  GLY A CA  1 
ATOM   734 C C   . GLY A 1 89 ? -13.651 2.338   7.926   1.00 63.26 ? 89  GLY A C   1 
ATOM   735 O O   . GLY A 1 89 ? -12.479 2.701   8.061   1.00 62.58 ? 89  GLY A O   1 
ATOM   736 O OXT . GLY A 1 89 ? -14.259 1.961   8.931   1.00 68.21 ? 89  GLY A OXT 1 
ATOM   737 N N   . ALA B 2 7  ? -14.076 14.546  3.340   1.00 62.15 ? 287 ALA C N   1 
ATOM   738 C CA  . ALA B 2 7  ? -13.310 13.592  4.191   1.00 63.56 ? 287 ALA C CA  1 
ATOM   739 C C   . ALA B 2 7  ? -12.740 12.453  3.357   1.00 58.50 ? 287 ALA C C   1 
ATOM   740 O O   . ALA B 2 7  ? -11.791 11.791  3.768   1.00 58.69 ? 287 ALA C O   1 
ATOM   741 C CB  . ALA B 2 7  ? -14.188 13.042  5.308   1.00 65.77 ? 287 ALA C CB  1 
ATOM   742 N N   . THR B 2 8  ? -13.327 12.228  2.185   1.00 55.68 ? 288 THR C N   1 
ATOM   743 C CA  . THR B 2 8  ? -12.884 11.154  1.305   1.00 51.02 ? 288 THR C CA  1 
ATOM   744 C C   . THR B 2 8  ? -12.578 11.659  -0.102  1.00 47.40 ? 288 THR C C   1 
ATOM   745 O O   . THR B 2 8  ? -13.094 12.695  -0.526  1.00 45.86 ? 288 THR C O   1 
ATOM   746 C CB  . THR B 2 8  ? -13.934 10.023  1.214   1.00 51.30 ? 288 THR C CB  1 
ATOM   747 O OG1 . THR B 2 8  ? -15.137 10.522  0.613   1.00 50.03 ? 288 THR C OG1 1 
ATOM   748 C CG2 . THR B 2 8  ? -14.248 9.462   2.597   1.00 52.38 ? 288 THR C CG2 1 
ATOM   749 N N   . SER B 2 9  ? -11.732 10.927  -0.819  1.00 44.20 ? 289 SER C N   1 
ATOM   750 C CA  . SER B 2 9  ? -11.422 11.241  -2.210  1.00 45.27 ? 289 SER C CA  1 
ATOM   751 C C   . SER B 2 9  ? -11.430 9.960   -3.027  1.00 41.38 ? 289 SER C C   1 
ATOM   752 O O   . SER B 2 9  ? -11.309 8.875   -2.476  1.00 37.86 ? 289 SER C O   1 
ATOM   753 C CB  . SER B 2 9  ? -10.051 11.912  -2.323  1.00 47.22 ? 289 SER C CB  1 
ATOM   754 O OG  . SER B 2 9  ? -9.864  12.882  -1.310  1.00 55.66 ? 289 SER C OG  1 
ATOM   755 N N   . ALA B 2 10 ? -11.579 10.091  -4.342  1.00 38.48 ? 290 ALA C N   1 
ATOM   756 C CA  . ALA B 2 10 ? -11.498 8.944   -5.237  1.00 36.07 ? 290 ALA C CA  1 
ATOM   757 C C   . ALA B 2 10 ? -10.146 8.948   -5.944  1.00 34.83 ? 290 ALA C C   1 
ATOM   758 O O   . ALA B 2 10 ? -9.668  9.999   -6.371  1.00 33.65 ? 290 ALA C O   1 
ATOM   759 C CB  . ALA B 2 10 ? -12.635 8.972   -6.249  1.00 36.01 ? 290 ALA C CB  1 
ATOM   760 N N   . LYS B 2 11 ? -9.532  7.772   -6.056  1.00 31.28 ? 291 LYS C N   1 
ATOM   761 C CA  . LYS B 2 11 ? -8.230  7.637   -6.702  1.00 29.16 ? 291 LYS C CA  1 
ATOM   762 C C   . LYS B 2 11 ? -8.244  6.550   -7.763  1.00 29.46 ? 291 LYS C C   1 
ATOM   763 O O   . LYS B 2 11 ? -8.845  5.491   -7.566  1.00 24.32 ? 291 LYS C O   1 
ATOM   764 C CB  . LYS B 2 11 ? -7.157  7.288   -5.672  1.00 30.85 ? 291 LYS C CB  1 
ATOM   765 C CG  . LYS B 2 11 ? -6.751  8.432   -4.758  1.00 32.38 ? 291 LYS C CG  1 
ATOM   766 C CD  . LYS B 2 11 ? -5.938  9.484   -5.501  1.00 37.98 ? 291 LYS C CD  1 
ATOM   767 C CE  . LYS B 2 11 ? -5.268  10.441  -4.523  1.00 40.92 ? 291 LYS C CE  1 
ATOM   768 N NZ  . LYS B 2 11 ? -6.265  11.087  -3.625  1.00 41.22 ? 291 LYS C NZ  1 
ATOM   769 N N   . ALA B 2 12 ? -7.579  6.819   -8.884  1.00 25.76 ? 292 ALA C N   1 
ATOM   770 C CA  . ALA B 2 12 ? -7.326  5.810   -9.903  1.00 24.89 ? 292 ALA C CA  1 
ATOM   771 C C   . ALA B 2 12 ? -5.846  5.455   -9.908  1.00 26.56 ? 292 ALA C C   1 
ATOM   772 O O   . ALA B 2 12 ? -4.991  6.336   -9.777  1.00 24.06 ? 292 ALA C O   1 
ATOM   773 C CB  . ALA B 2 12 ? -7.759  6.315   -11.271 1.00 27.87 ? 292 ALA C CB  1 
ATOM   774 N N   . THR B 2 13 ? -5.547  4.166   -10.031 1.00 21.21 ? 293 THR C N   1 
ATOM   775 C CA  . THR B 2 13 ? -4.168  3.694   -10.157 1.00 22.18 ? 293 THR C CA  1 
ATOM   776 C C   . THR B 2 13 ? -4.068  2.758   -11.350 1.00 20.79 ? 293 THR C C   1 
ATOM   777 O O   . THR B 2 13 ? -5.015  2.051   -11.666 1.00 15.75 ? 293 THR C O   1 
ATOM   778 C CB  . THR B 2 13 ? -3.671  2.935   -8.896  1.00 24.50 ? 293 THR C CB  1 
ATOM   779 O OG1 . THR B 2 13 ? -4.303  1.649   -8.816  1.00 26.10 ? 293 THR C OG1 1 
ATOM   780 C CG2 . THR B 2 13 ? -3.953  3.726   -7.620  1.00 24.17 ? 293 THR C CG2 1 
ATOM   781 N N   . GLN B 2 14 ? -2.924  2.753   -12.019 1.00 21.08 ? 294 GLN C N   1 
ATOM   782 C CA  . GLN B 2 14 ? -2.705  1.811   -13.116 1.00 23.66 ? 294 GLN C CA  1 
ATOM   783 C C   . GLN B 2 14 ? -1.251  1.351   -13.107 1.00 24.91 ? 294 GLN C C   1 
ATOM   784 O O   . GLN B 2 14 ? -0.344  2.175   -13.037 1.00 25.07 ? 294 GLN C O   1 
ATOM   785 C CB  . GLN B 2 14 ? -3.057  2.452   -14.468 1.00 24.44 ? 294 GLN C CB  1 
ATOM   786 C CG  . GLN B 2 14 ? -2.778  1.561   -15.679 1.00 23.46 ? 294 GLN C CG  1 
ATOM   787 C CD  . GLN B 2 14 ? -3.628  0.295   -15.678 1.00 26.21 ? 294 GLN C CD  1 
ATOM   788 O OE1 . GLN B 2 14 ? -4.846  0.360   -15.551 1.00 23.14 ? 294 GLN C OE1 1 
ATOM   789 N NE2 . GLN B 2 14 ? -2.983  -0.859  -15.834 1.00 24.67 ? 294 GLN C NE2 1 
ATOM   790 N N   . THR B 2 15 ? -1.025  0.041   -13.158 1.00 21.96 ? 295 THR C N   1 
ATOM   791 C CA  . THR B 2 15 ? 0.341   -0.463  -13.275 1.00 23.96 ? 295 THR C CA  1 
ATOM   792 C C   . THR B 2 15 ? 0.873   -0.104  -14.660 1.00 28.62 ? 295 THR C C   1 
ATOM   793 O O   . THR B 2 15 ? 0.112   -0.065  -15.626 1.00 30.83 ? 295 THR C O   1 
ATOM   794 C CB  . THR B 2 15 ? 0.408   -1.992  -13.098 1.00 25.61 ? 295 THR C CB  1 
ATOM   795 O OG1 . THR B 2 15 ? -0.510  -2.615  -14.007 1.00 24.35 ? 295 THR C OG1 1 
ATOM   796 C CG2 . THR B 2 15 ? 0.050   -2.385  -11.668 1.00 20.96 ? 295 THR C CG2 1 
ATOM   797 N N   . ASP B 2 16 ? 2.169   0.158   -14.771 1.00 32.62 ? 296 ASP C N   1 
ATOM   798 C CA  . ASP B 2 16 ? 2.741   0.434   -16.089 1.00 42.53 ? 296 ASP C CA  1 
ATOM   799 C C   . ASP B 2 16 ? 3.511   -0.765  -16.634 1.00 43.92 ? 296 ASP C C   1 
ATOM   800 O O   . ASP B 2 16 ? 3.004   -1.891  -16.622 1.00 41.94 ? 296 ASP C O   1 
ATOM   801 C CB  . ASP B 2 16 ? 3.605   1.699   -16.077 1.00 47.16 ? 296 ASP C CB  1 
ATOM   802 C CG  . ASP B 2 16 ? 4.510   1.783   -14.865 1.00 52.72 ? 296 ASP C CG  1 
ATOM   803 O OD1 . ASP B 2 16 ? 4.712   2.907   -14.359 1.00 57.94 ? 296 ASP C OD1 1 
ATOM   804 O OD2 . ASP B 2 16 ? 5.019   0.734   -14.420 1.00 55.16 ? 296 ASP C OD2 1 
HETATM 805 C C   . ACT C 3 .  ? 2.985   15.376  6.978   1.00 54.01 ? 91  ACT A C   1 
HETATM 806 O O   . ACT C 3 .  ? 1.919   15.768  7.495   1.00 55.54 ? 91  ACT A O   1 
HETATM 807 O OXT . ACT C 3 .  ? 2.995   15.322  5.730   1.00 53.86 ? 91  ACT A OXT 1 
HETATM 808 C CH3 . ACT C 3 .  ? 4.170   14.993  7.815   1.00 54.28 ? 91  ACT A CH3 1 
HETATM 809 O O   . HOH D 4 .  ? 3.239   -16.254 0.253   1.00 24.85 ? 92  HOH A O   1 
HETATM 810 O O   . HOH D 4 .  ? 1.178   -14.411 -6.401  1.00 25.88 ? 93  HOH A O   1 
HETATM 811 O O   . HOH D 4 .  ? 8.531   -12.248 -2.466  1.00 38.67 ? 94  HOH A O   1 
HETATM 812 O O   . HOH D 4 .  ? 14.339  -3.073  -7.288  1.00 40.13 ? 95  HOH A O   1 
HETATM 813 O O   . HOH D 4 .  ? -4.794  -6.440  11.993  1.00 36.53 ? 96  HOH A O   1 
HETATM 814 O O   . HOH D 4 .  ? 0.739   -8.462  9.576   1.00 35.27 ? 97  HOH A O   1 
HETATM 815 O O   . HOH D 4 .  ? -4.381  -9.050  12.675  1.00 34.90 ? 98  HOH A O   1 
HETATM 816 O O   . HOH D 4 .  ? -4.089  -14.177 2.457   1.00 47.41 ? 99  HOH A O   1 
HETATM 817 O O   . HOH D 4 .  ? -4.272  12.180  -7.446  1.00 50.04 ? 100 HOH A O   1 
HETATM 818 O O   . HOH D 4 .  ? 2.749   -7.433  -15.908 1.00 46.06 ? 101 HOH A O   1 
HETATM 819 O O   . HOH D 4 .  ? -15.662 8.855   -3.954  1.00 42.82 ? 102 HOH A O   1 
HETATM 820 O O   . HOH D 4 .  ? -16.633 8.713   -7.174  1.00 46.64 ? 103 HOH A O   1 
HETATM 821 O O   . HOH D 4 .  ? -6.008  -17.042 1.649   1.00 50.98 ? 104 HOH A O   1 
HETATM 822 O O   . HOH D 4 .  ? 10.081  -7.338  -6.233  1.00 44.86 ? 105 HOH A O   1 
HETATM 823 O O   . HOH D 4 .  ? 18.682  -10.179 -3.502  1.00 45.48 ? 106 HOH A O   1 
HETATM 824 O O   . HOH D 4 .  ? 15.155  -4.627  0.392   1.00 47.70 ? 107 HOH A O   1 
HETATM 825 O O   . HOH D 4 .  ? 4.517   -12.980 -11.517 1.00 54.16 ? 108 HOH A O   1 
HETATM 826 O O   . HOH D 4 .  ? -0.839  -18.746 0.173   1.00 44.01 ? 109 HOH A O   1 
HETATM 827 O O   . HOH D 4 .  ? 1.681   12.980  0.199   1.00 45.22 ? 110 HOH A O   1 
HETATM 828 O O   . HOH D 4 .  ? 10.455  0.130   -8.467  1.00 47.38 ? 111 HOH A O   1 
HETATM 829 O O   . HOH D 4 .  ? -18.706 6.955   -7.491  1.00 37.99 ? 112 HOH A O   1 
HETATM 830 O O   . HOH D 4 .  ? 12.785  6.432   -9.401  1.00 51.43 ? 113 HOH A O   1 
HETATM 831 O O   . HOH D 4 .  ? 11.102  7.334   -5.672  1.00 43.61 ? 114 HOH A O   1 
HETATM 832 O O   . HOH D 4 .  ? 2.065   11.875  -4.356  1.00 47.09 ? 115 HOH A O   1 
HETATM 833 O O   . HOH D 4 .  ? 4.587   10.573  -4.545  1.00 49.70 ? 116 HOH A O   1 
HETATM 834 O O   . HOH D 4 .  ? -2.875  -3.986  -18.736 1.00 48.50 ? 117 HOH A O   1 
HETATM 835 O O   . HOH D 4 .  ? 6.510   -12.063 -5.019  1.00 50.36 ? 118 HOH A O   1 
HETATM 836 O O   . HOH D 4 .  ? -2.770  4.762   15.661  1.00 47.31 ? 119 HOH A O   1 
HETATM 837 O O   . HOH D 4 .  ? 13.301  -13.498 2.107   1.00 49.79 ? 120 HOH A O   1 
HETATM 838 O O   . HOH D 4 .  ? -6.017  -14.277 7.077   1.00 48.54 ? 121 HOH A O   1 
HETATM 839 O O   . HOH D 4 .  ? 7.335   7.579   -10.220 1.00 51.49 ? 122 HOH A O   1 
HETATM 840 O O   . HOH D 4 .  ? 5.651   7.536   -13.830 1.00 50.53 ? 123 HOH A O   1 
HETATM 841 O O   . HOH D 4 .  ? -0.542  -8.514  -17.763 1.00 50.63 ? 124 HOH A O   1 
HETATM 842 O O   . HOH D 4 .  ? 3.269   -14.644 -6.877  1.00 49.34 ? 125 HOH A O   1 
HETATM 843 O O   . HOH D 4 .  ? 8.228   10.034  -2.059  1.00 47.16 ? 126 HOH A O   1 
HETATM 844 O O   . HOH D 4 .  ? -14.402 9.396   7.540   1.00 59.35 ? 127 HOH A O   1 
HETATM 845 O O   . HOH D 4 .  ? -1.244  -12.547 6.997   1.00 49.57 ? 128 HOH A O   1 
HETATM 846 O O   . HOH D 4 .  ? -9.556  18.382  3.296   1.00 55.29 ? 129 HOH A O   1 
HETATM 847 O O   . HOH D 4 .  ? 13.423  1.131   7.164   1.00 57.77 ? 130 HOH A O   1 
HETATM 848 O O   . HOH D 4 .  ? -1.349  14.366  1.979   1.00 56.54 ? 131 HOH A O   1 
HETATM 849 O O   . HOH D 4 .  ? 12.974  -8.915  10.424  1.00 60.63 ? 132 HOH A O   1 
HETATM 850 O O   . HOH D 4 .  ? 4.024   -3.125  -13.370 1.00 50.65 ? 133 HOH A O   1 
HETATM 851 O O   . HOH D 4 .  ? 15.454  -9.996  0.347   1.00 62.38 ? 134 HOH A O   1 
HETATM 852 O O   . HOH D 4 .  ? 10.106  -12.174 15.135  1.00 58.97 ? 135 HOH A O   1 
HETATM 853 O O   . HOH D 4 .  ? -5.668  6.250   10.994  1.00 59.76 ? 136 HOH A O   1 
HETATM 854 O O   . HOH D 4 .  ? 11.643  -8.296  -4.017  1.00 56.74 ? 137 HOH A O   1 
HETATM 855 O O   . HOH D 4 .  ? -10.796 5.693   12.871  1.00 57.76 ? 138 HOH A O   1 
HETATM 856 O O   . HOH D 4 .  ? 13.503  -5.298  -8.290  1.00 57.68 ? 139 HOH A O   1 
HETATM 857 O O   . HOH D 4 .  ? -7.802  -15.531 3.902   1.00 45.21 ? 140 HOH A O   1 
HETATM 858 O O   . HOH E 4 .  ? -2.590  0.133   -10.232 1.00 23.97 ? 1   HOH C O   1 
HETATM 859 O O   . HOH E 4 .  ? -1.417  5.084   -11.613 1.00 25.43 ? 2   HOH C O   1 
HETATM 860 O O   . HOH E 4 .  ? 0.941   -3.633  -16.275 1.00 36.06 ? 6   HOH C O   1 
HETATM 861 O O   . HOH E 4 .  ? -6.685  9.573   -9.142  1.00 33.88 ? 7   HOH C O   1 
HETATM 862 O O   . HOH E 4 .  ? -2.308  7.040   -8.881  1.00 43.61 ? 19  HOH C O   1 
HETATM 863 O O   . HOH E 4 .  ? 0.243   3.814   -15.457 1.00 41.80 ? 23  HOH C O   1 
HETATM 864 O O   . HOH E 4 .  ? 1.815   2.747   -11.876 1.00 37.23 ? 31  HOH C O   1 
HETATM 865 O O   . HOH E 4 .  ? -12.015 14.286  -4.017  1.00 48.47 ? 33  HOH C O   1 
HETATM 866 O O   . HOH E 4 .  ? -9.733  18.049  -2.048  1.00 51.78 ? 37  HOH C O   1 
HETATM 867 O O   . HOH E 4 .  ? 1.318   1.655   -20.797 1.00 56.51 ? 38  HOH C O   1 
HETATM 868 O O   . HOH E 4 .  ? -6.064  13.299  -2.138  1.00 55.55 ? 42  HOH C O   1 
HETATM 869 O O   . HOH E 4 .  ? 5.331   -3.284  -17.225 1.00 56.86 ? 59  HOH C O   1 
# 
loop_
_atom_site_anisotrop.id 
_atom_site_anisotrop.type_symbol 
_atom_site_anisotrop.pdbx_label_atom_id 
_atom_site_anisotrop.pdbx_label_alt_id 
_atom_site_anisotrop.pdbx_label_comp_id 
_atom_site_anisotrop.pdbx_label_asym_id 
_atom_site_anisotrop.pdbx_label_seq_id 
_atom_site_anisotrop.pdbx_PDB_ins_code 
_atom_site_anisotrop.U[1][1] 
_atom_site_anisotrop.U[2][2] 
_atom_site_anisotrop.U[3][3] 
_atom_site_anisotrop.U[1][2] 
_atom_site_anisotrop.U[1][3] 
_atom_site_anisotrop.U[2][3] 
_atom_site_anisotrop.pdbx_auth_seq_id 
_atom_site_anisotrop.pdbx_auth_comp_id 
_atom_site_anisotrop.pdbx_auth_asym_id 
_atom_site_anisotrop.pdbx_auth_atom_id 
1   N N   . ASP A 3  ? 0.7039 0.7308  1.8137 -0.0680 -0.3626 0.2078  3   ASP A N   
2   C CA  . ASP A 3  ? 0.6582 0.6942  1.7202 -0.0453 -0.2963 0.1876  3   ASP A CA  
3   C C   . ASP A 3  ? 0.6389 0.6768  1.6524 -0.0552 -0.2601 0.1772  3   ASP A C   
4   O O   . ASP A 3  ? 0.6467 0.7405  1.7133 -0.0557 -0.2200 0.1942  3   ASP A O   
5   C CB  . ASP A 3  ? 0.6849 0.6602  1.6547 -0.0288 -0.3025 0.1579  3   ASP A CB  
6   C CG  . ASP A 3  ? 0.6557 0.6408  1.5969 -0.0049 -0.2432 0.1422  3   ASP A CG  
7   O OD1 . ASP A 3  ? 0.7113 0.6835  1.6528 0.0142  -0.2443 0.1383  3   ASP A OD1 
8   O OD2 . ASP A 3  ? 0.6143 0.6158  1.5300 -0.0057 -0.1979 0.1340  3   ASP A OD2 
9   N N   . ARG A 4  ? 0.6227 0.6011  1.5368 -0.0620 -0.2744 0.1519  4   ARG A N   
10  C CA  . ARG A 4  ? 0.5792 0.5535  1.4347 -0.0677 -0.2399 0.1390  4   ARG A CA  
11  C C   . ARG A 4  ? 0.5664 0.5225  1.4152 -0.0911 -0.2709 0.1463  4   ARG A C   
12  O O   . ARG A 4  ? 0.5911 0.5031  1.4255 -0.1004 -0.3241 0.1447  4   ARG A O   
13  C CB  . ARG A 4  ? 0.6271 0.5526  1.3763 -0.0551 -0.2248 0.1066  4   ARG A CB  
14  C CG  . ARG A 4  ? 0.6897 0.5586  1.3938 -0.0502 -0.2697 0.0944  4   ARG A CG  
15  C CD  . ARG A 4  ? 0.7269 0.5576  1.3399 -0.0366 -0.2493 0.0684  4   ARG A CD  
16  N NE  . ARG A 4  ? 0.7840 0.5676  1.3622 -0.0287 -0.2868 0.0613  4   ARG A NE  
17  C CZ  . ARG A 4  ? 0.8126 0.5940  1.4006 -0.0134 -0.2831 0.0603  4   ARG A CZ  
18  N NH1 . ARG A 4  ? 0.8096 0.6297  1.4390 -0.0025 -0.2423 0.0635  4   ARG A NH1 
19  N NH2 . ARG A 4  ? 0.8471 0.5834  1.3982 -0.0075 -0.3198 0.0561  4   ARG A NH2 
20  N N   . LYS A 5  ? 0.5028 0.4875  1.3553 -0.0995 -0.2381 0.1533  5   LYS A N   
21  C CA  . LYS A 5  ? 0.4559 0.4288  1.3147 -0.1216 -0.2636 0.1652  5   LYS A CA  
22  C C   . LYS A 5  ? 0.4425 0.3588  1.1987 -0.1219 -0.2676 0.1404  5   LYS A C   
23  O O   . LYS A 5  ? 0.4408 0.3638  1.1462 -0.1138 -0.2264 0.1273  5   LYS A O   
24  C CB  . LYS A 5  ? 0.4578 0.4954  1.3853 -0.1317 -0.2285 0.1931  5   LYS A CB  
25  C CG  . LYS A 5  ? 0.4660 0.4921  1.4068 -0.1562 -0.2544 0.2094  5   LYS A CG  
26  C CD  . LYS A 5  ? 0.4967 0.5927  1.5217 -0.1680 -0.2239 0.2449  5   LYS A CD  
27  C CE  . LYS A 5  ? 0.4993 0.6197  1.4783 -0.1591 -0.1644 0.2382  5   LYS A CE  
28  N NZ  . LYS A 5  ? 0.5141 0.6969  1.5670 -0.1718 -0.1371 0.2755  5   LYS A NZ  
29  N N   . ALA A 6  ? 0.4437 0.3035  1.1702 -0.1304 -0.3183 0.1349  6   ALA A N   
30  C CA  . ALA A 6  ? 0.4290 0.2334  1.0630 -0.1276 -0.3239 0.1140  6   ALA A CA  
31  C C   . ALA A 6  ? 0.4537 0.2655  1.1017 -0.1435 -0.3203 0.1285  6   ALA A C   
32  O O   . ALA A 6  ? 0.4470 0.2483  1.1409 -0.1618 -0.3576 0.1461  6   ALA A O   
33  C CB  . ALA A 6  ? 0.4921 0.2237  1.0745 -0.1246 -0.3772 0.0990  6   ALA A CB  
34  N N   . VAL A 7  ? 0.4275 0.2558  1.0363 -0.1381 -0.2780 0.1225  7   VAL A N   
35  C CA  . VAL A 7  ? 0.4196 0.2517  1.0315 -0.1508 -0.2725 0.1358  7   VAL A CA  
36  C C   . VAL A 7  ? 0.4520 0.2364  0.9715 -0.1390 -0.2696 0.1145  7   VAL A C   
37  O O   . VAL A 7  ? 0.4023 0.2004  0.8760 -0.1265 -0.2341 0.1012  7   VAL A O   
38  C CB  . VAL A 7  ? 0.4019 0.3044  1.0565 -0.1556 -0.2227 0.1544  7   VAL A CB  
39  C CG1 . VAL A 7  ? 0.4270 0.3324  1.0836 -0.1693 -0.2188 0.1712  7   VAL A CG1 
40  C CG2 . VAL A 7  ? 0.4267 0.3827  1.1761 -0.1623 -0.2183 0.1778  7   VAL A CG2 
41  N N   . ILE A 8  ? 0.4911 0.2178  0.9836 -0.1425 -0.3080 0.1117  8   ILE A N   
42  C CA  . ILE A 8  ? 0.5518 0.2312  0.9598 -0.1274 -0.3056 0.0936  8   ILE A CA  
43  C C   . ILE A 8  ? 0.5261 0.2301  0.9381 -0.1335 -0.2799 0.1079  8   ILE A C   
44  O O   . ILE A 8  ? 0.5345 0.2431  0.9936 -0.1511 -0.2940 0.1291  8   ILE A O   
45  C CB  . ILE A 8  ? 0.6212 0.2179  0.9860 -0.1231 -0.3566 0.0812  8   ILE A CB  
46  C CG1 . ILE A 8  ? 0.6695 0.2394  1.0129 -0.1137 -0.3794 0.0652  8   ILE A CG1 
47  C CG2 . ILE A 8  ? 0.6869 0.2377  0.9706 -0.1044 -0.3493 0.0665  8   ILE A CG2 
48  C CD1 . ILE A 8  ? 0.7699 0.2556  1.0708 -0.1117 -0.4352 0.0535  8   ILE A CD1 
49  N N   . LYS A 9  ? 0.4334 0.1539  0.7980 -0.1204 -0.2442 0.0987  9   LYS A N   
50  C CA  . LYS A 9  ? 0.4267 0.1793  0.7938 -0.1258 -0.2168 0.1135  9   LYS A CA  
51  C C   . LYS A 9  ? 0.4835 0.1888  0.7996 -0.1148 -0.2282 0.1096  9   LYS A C   
52  O O   . LYS A 9  ? 0.4658 0.1700  0.8004 -0.1241 -0.2322 0.1273  9   LYS A O   
53  C CB  . LYS A 9  ? 0.4455 0.2484  0.7960 -0.1208 -0.1726 0.1089  9   LYS A CB  
54  C CG  . LYS A 9  ? 0.4447 0.2958  0.8433 -0.1286 -0.1533 0.1139  9   LYS A CG  
55  C CD  . LYS A 9  ? 0.4713 0.3678  0.9305 -0.1459 -0.1394 0.1413  9   LYS A CD  
56  C CE  . LYS A 9  ? 0.4757 0.4193  0.9827 -0.1482 -0.1166 0.1466  9   LYS A CE  
57  N NZ  . LYS A 9  ? 0.4705 0.4664  1.0229 -0.1606 -0.0892 0.1733  9   LYS A NZ  
58  N N   . ASN A 10 ? 0.5042 0.1710  0.7562 -0.0933 -0.2313 0.0881  10  ASN A N   
59  C CA  . ASN A 10 ? 0.5450 0.1646  0.7441 -0.0759 -0.2385 0.0828  10  ASN A CA  
60  C C   . ASN A 10 ? 0.5898 0.1491  0.7306 -0.0551 -0.2589 0.0592  10  ASN A C   
61  O O   . ASN A 10 ? 0.5174 0.0896  0.6422 -0.0487 -0.2484 0.0473  10  ASN A O   
62  C CB  . ASN A 10 ? 0.4689 0.1282  0.6446 -0.0669 -0.2009 0.0877  10  ASN A CB  
63  C CG  . ASN A 10 ? 0.5940 0.2168  0.7348 -0.0504 -0.2053 0.0915  10  ASN A CG  
64  O OD1 . ASN A 10 ? 0.6385 0.1987  0.7647 -0.0442 -0.2356 0.0876  10  ASN A OD1 
65  N ND2 . ASN A 10 ? 0.5816 0.2414  0.7085 -0.0430 -0.1765 0.0997  10  ASN A ND2 
66  N N   . ALA A 11 ? 0.6130 0.1018  0.7187 -0.0442 -0.2888 0.0527  11  ALA A N   
67  C CA  . ALA A 11 ? 0.6642 0.0861  0.7039 -0.0226 -0.3101 0.0298  11  ALA A CA  
68  C C   . ALA A 11 ? 0.7668 0.1201  0.7447 0.0017  -0.3199 0.0220  11  ALA A C   
69  O O   . ALA A 11 ? 0.7741 0.1040  0.7694 -0.0056 -0.3353 0.0324  11  ALA A O   
70  C CB  . ALA A 11 ? 0.6802 0.0692  0.7420 -0.0382 -0.3533 0.0250  11  ALA A CB  
71  N N   . ASP A 12 ? 0.7916 0.1140  0.6976 0.0322  -0.3082 0.0053  12  ASP A N   
72  C CA  . ASP A 12 ? 0.9121 0.1550  0.7458 0.0624  -0.3194 -0.0071 12  ASP A CA  
73  C C   . ASP A 12 ? 0.9628 0.1491  0.7294 0.0799  -0.3372 -0.0298 12  ASP A C   
74  O O   . ASP A 12 ? 0.9939 0.1897  0.7139 0.1045  -0.3088 -0.0365 12  ASP A O   
75  C CB  . ASP A 12 ? 0.8962 0.1683  0.7069 0.0886  -0.2767 0.0002  12  ASP A CB  
76  C CG  . ASP A 12 ? 1.0030 0.1928  0.7360 0.1269  -0.2823 -0.0126 12  ASP A CG  
77  O OD1 . ASP A 12 ? 1.1063 0.2097  0.8024 0.1298  -0.3227 -0.0277 12  ASP A OD1 
78  O OD2 . ASP A 12 ? 1.0087 0.2186  0.7170 0.1548  -0.2469 -0.0071 12  ASP A OD2 
79  N N   . MET A 13 ? 0.9679 0.0981  0.7327 0.0653  -0.3855 -0.0388 13  MET A N   
80  C CA  . MET A 13 ? 1.0004 0.0896  0.7172 0.0722  -0.4082 -0.0564 13  MET A CA  
81  C C   . MET A 13 ? 1.0813 0.0984  0.7979 0.0538  -0.4706 -0.0637 13  MET A C   
82  O O   . MET A 13 ? 1.0752 0.1158  0.8694 0.0220  -0.4913 -0.0478 13  MET A O   
83  C CB  . MET A 13 ? 0.8854 0.0564  0.6548 0.0556  -0.3870 -0.0478 13  MET A CB  
84  C CG  . MET A 13 ? 0.9330 0.0742  0.6676 0.0587  -0.4102 -0.0609 13  MET A CG  
85  S SD  . MET A 13 ? 0.8722 0.1073  0.6630 0.0457  -0.3765 -0.0504 13  MET A SD  
86  C CE  . MET A 13 ? 0.8357 0.1081  0.5865 0.0719  -0.3171 -0.0482 13  MET A CE  
87  N N   . SER A 14 ? 1.1624 0.0921  0.7916 0.0730  -0.5014 -0.0859 14  SER A N   
88  C CA  . SER A 14 ? 1.2404 0.0954  0.8623 0.0539  -0.5675 -0.0939 14  SER A CA  
89  C C   . SER A 14 ? 1.1978 0.1176  0.9183 0.0152  -0.5877 -0.0766 14  SER A C   
90  O O   . SER A 14 ? 1.0757 0.0720  0.8328 0.0133  -0.5547 -0.0688 14  SER A O   
91  C CB  . SER A 14 ? 1.3711 0.1283  0.8747 0.0818  -0.5941 -0.1213 14  SER A CB  
92  O OG  . SER A 14 ? 1.3644 0.1566  0.8649 0.0819  -0.5878 -0.1222 14  SER A OG  
93  N N   . GLU A 15 ? 1.2089 0.0977  0.9746 -0.0150 -0.6415 -0.0692 15  GLU A N   
94  C CA  . GLU A 15 ? 1.1777 0.1316  1.0481 -0.0510 -0.6611 -0.0481 15  GLU A CA  
95  C C   . GLU A 15 ? 1.2052 0.1590  1.0515 -0.0454 -0.6745 -0.0573 15  GLU A C   
96  O O   . GLU A 15 ? 1.1145 0.1480  1.0379 -0.0602 -0.6602 -0.0414 15  GLU A O   
97  C CB  . GLU A 15 ? 1.2685 0.1825  1.1896 -0.0847 -0.7220 -0.0361 15  GLU A CB  
98  C CG  . GLU A 15 ? 1.3522 0.2674  1.3072 -0.0946 -0.7121 -0.0221 15  GLU A CG  
99  C CD  . GLU A 15 ? 1.4969 0.2899  1.3575 -0.0788 -0.7466 -0.0433 15  GLU A CD  
100 O OE1 . GLU A 15 ? 1.6302 0.3328  1.4343 -0.0812 -0.8047 -0.0605 15  GLU A OE1 
101 O OE2 . GLU A 15 ? 1.5160 0.3004  1.3576 -0.0638 -0.7172 -0.0424 15  GLU A OE2 
102 N N   . GLU A 16 ? 1.2764 0.1368  1.0108 -0.0219 -0.7008 -0.0826 16  GLU A N   
103 C CA  A GLU A 16 ? 1.3100 0.1573  1.0025 -0.0124 -0.7150 -0.0922 16  GLU A CA  
104 C CA  B GLU A 16 ? 1.3100 0.1580  1.0032 -0.0125 -0.7149 -0.0921 16  GLU A CA  
105 C C   . GLU A 16 ? 1.2186 0.1500  0.9265 0.0029  -0.6516 -0.0867 16  GLU A C   
106 O O   . GLU A 16 ? 1.1555 0.1395  0.9160 -0.0085 -0.6515 -0.0763 16  GLU A O   
107 C CB  A GLU A 16 ? 1.4490 0.1784  0.9998 0.0175  -0.7417 -0.1215 16  GLU A CB  
108 C CB  B GLU A 16 ? 1.4530 0.1831  1.0046 0.0170  -0.7427 -0.1213 16  GLU A CB  
109 C CG  A GLU A 16 ? 1.5409 0.2132  1.0497 0.0114  -0.8008 -0.1302 16  GLU A CG  
110 C CG  B GLU A 16 ? 1.4961 0.2051  0.9901 0.0293  -0.7575 -0.1306 16  GLU A CG  
111 C CD  A GLU A 16 ? 1.6796 0.2124  1.0531 0.0313  -0.8464 -0.1591 16  GLU A CD  
112 C CD  B GLU A 16 ? 1.5803 0.2479  1.0947 0.0013  -0.8344 -0.1280 16  GLU A CD  
113 O OE1 A GLU A 16 ? 1.7628 0.2362  1.1123 0.0153  -0.9148 -0.1642 16  GLU A OE1 
114 O OE1 B GLU A 16 ? 1.6558 0.2663  1.1779 -0.0188 -0.8861 -0.1294 16  GLU A OE1 
115 O OE2 A GLU A 16 ? 1.7175 0.1977  1.0069 0.0643  -0.8148 -0.1763 16  GLU A OE2 
116 O OE2 B GLU A 16 ? 1.5756 0.2665  1.0994 -0.0014 -0.8457 -0.1228 16  GLU A OE2 
117 N N   . MET A 17 ? 1.1821 0.1237  0.8456 0.0287  -0.5994 -0.0927 17  MET A N   
118 C CA  A MET A 17 ? 1.1125 0.1242  0.7809 0.0430  -0.5416 -0.0880 17  MET A CA  
119 C CA  B MET A 17 ? 1.1265 0.1380  0.7942 0.0433  -0.5411 -0.0880 17  MET A CA  
120 C C   . MET A 17 ? 1.0010 0.1168  0.7847 0.0180  -0.5119 -0.0658 17  MET A C   
121 O O   . MET A 17 ? 0.9330 0.1068  0.7410 0.0190  -0.4808 -0.0601 17  MET A O   
122 C CB  A MET A 17 ? 1.1136 0.1098  0.7082 0.0764  -0.4970 -0.0970 17  MET A CB  
123 C CB  B MET A 17 ? 1.1366 0.1324  0.7335 0.0757  -0.4974 -0.0965 17  MET A CB  
124 C CG  A MET A 17 ? 1.2419 0.1412  0.7106 0.1097  -0.5127 -0.1189 17  MET A CG  
125 C CG  B MET A 17 ? 1.1145 0.1616  0.6915 0.0945  -0.4447 -0.0936 17  MET A CG  
126 S SD  A MET A 17 ? 1.2827 0.1795  0.6774 0.1529  -0.4517 -0.1236 17  MET A SD  
127 S SD  B MET A 17 ? 1.1530 0.2035  0.6788 0.1274  -0.3917 -0.0944 17  MET A SD  
128 C CE  A MET A 17 ? 1.1851 0.1986  0.6435 0.1463  -0.3942 -0.1041 17  MET A CE  
129 C CE  B MET A 17 ? 1.2836 0.2071  0.6798 0.1625  -0.4222 -0.1190 17  MET A CE  
130 N N   . GLN A 18 ? 0.9636 0.0993  0.8147 -0.0042 -0.5213 -0.0529 18  GLN A N   
131 C CA  . GLN A 18 ? 0.9100 0.1397  0.8666 -0.0274 -0.4947 -0.0311 18  GLN A CA  
132 C C   . GLN A 18 ? 0.9001 0.1612  0.9157 -0.0437 -0.5157 -0.0226 18  GLN A C   
133 O O   . GLN A 18 ? 0.7999 0.1304  0.8620 -0.0462 -0.4811 -0.0141 18  GLN A O   
134 C CB  . GLN A 18 ? 0.9083 0.1475  0.9237 -0.0487 -0.5052 -0.0158 18  GLN A CB  
135 C CG  . GLN A 18 ? 0.8990 0.1202  0.8716 -0.0330 -0.4794 -0.0193 18  GLN A CG  
136 C CD  . GLN A 18 ? 0.8981 0.1488  0.9420 -0.0561 -0.4797 0.0018  18  GLN A CD  
137 O OE1 . GLN A 18 ? 0.8375 0.1640  0.9660 -0.0774 -0.4623 0.0219  18  GLN A OE1 
138 N NE2 . GLN A 18 ? 0.9402 0.1285  0.9479 -0.0505 -0.4980 -0.0019 18  GLN A NE2 
139 N N   . GLN A 19 ? 0.9235 0.1301  0.9349 -0.0539 -0.5743 -0.0250 19  GLN A N   
140 C CA  . GLN A 19 ? 0.9142 0.1468  0.9822 -0.0677 -0.6005 -0.0148 19  GLN A CA  
141 C C   . GLN A 19 ? 0.9222 0.1570  0.9398 -0.0461 -0.5811 -0.0258 19  GLN A C   
142 O O   . GLN A 19 ? 0.8772 0.1675  0.9543 -0.0516 -0.5698 -0.0146 19  GLN A O   
143 C CB  . GLN A 19 ? 1.0476 0.2150  1.1154 -0.0842 -0.6741 -0.0144 19  GLN A CB  
144 C CG  . GLN A 19 ? 1.1106 0.3143  1.2561 -0.1015 -0.7053 0.0025  19  GLN A CG  
145 C CD  . GLN A 19 ? 1.0587 0.3699  1.3237 -0.1149 -0.6649 0.0280  19  GLN A CD  
146 O OE1 . GLN A 19 ? 1.0808 0.4308  1.4039 -0.1296 -0.6464 0.0426  19  GLN A OE1 
147 N NE2 . GLN A 19 ? 0.9883 0.3447  1.2863 -0.1085 -0.6503 0.0337  19  GLN A NE2 
148 N N   . ASP A 20 ? 0.9743 0.1477  0.8822 -0.0204 -0.5756 -0.0462 20  ASP A N   
149 C CA  . ASP A 20 ? 0.9776 0.1517  0.8314 0.0006  -0.5527 -0.0540 20  ASP A CA  
150 C C   . ASP A 20 ? 0.8829 0.1395  0.7816 0.0022  -0.4917 -0.0452 20  ASP A C   
151 O O   . ASP A 20 ? 0.8589 0.1436  0.7699 0.0055  -0.4785 -0.0418 20  ASP A O   
152 C CB  . ASP A 20 ? 1.0798 0.1781  0.8088 0.0299  -0.5502 -0.0741 20  ASP A CB  
153 C CG  . ASP A 20 ? 1.2368 0.2617  0.8933 0.0391  -0.5972 -0.0850 20  ASP A CG  
154 O OD1 . ASP A 20 ? 1.2327 0.2709  0.8708 0.0485  -0.5857 -0.0830 20  ASP A OD1 
155 O OD2 . ASP A 20 ? 1.3178 0.2676  0.9320 0.0363  -0.6474 -0.0949 20  ASP A OD2 
156 N N   . ALA A 21 ? 0.8229 0.1127  0.7419 -0.0003 -0.4573 -0.0414 21  ALA A N   
157 C CA  . ALA A 21 ? 0.7369 0.0999  0.6936 -0.0014 -0.4031 -0.0338 21  ALA A CA  
158 C C   . ALA A 21 ? 0.6476 0.0727  0.7003 -0.0205 -0.3998 -0.0192 21  ALA A C   
159 O O   . ALA A 21 ? 0.6297 0.0920  0.6966 -0.0173 -0.3720 -0.0176 21  ALA A O   
160 C CB  . ALA A 21 ? 0.7191 0.1009  0.6794 -0.0023 -0.3755 -0.0306 21  ALA A CB  
161 N N   . VAL A 22 ? 0.6402 0.0751  0.7590 -0.0399 -0.4275 -0.0075 22  VAL A N   
162 C CA  . VAL A 22 ? 0.6035 0.0994  0.8199 -0.0558 -0.4242 0.0097  22  VAL A CA  
163 C C   . VAL A 22 ? 0.6549 0.1439  0.8789 -0.0505 -0.4455 0.0096  22  VAL A C   
164 O O   . VAL A 22 ? 0.6121 0.1519  0.8876 -0.0504 -0.4207 0.0174  22  VAL A O   
165 C CB  . VAL A 22 ? 0.6185 0.1253  0.9077 -0.0785 -0.4534 0.0270  22  VAL A CB  
166 C CG1 . VAL A 22 ? 0.5500 0.1143  0.9402 -0.0915 -0.4576 0.0473  22  VAL A CG1 
167 C CG2 . VAL A 22 ? 0.5745 0.1072  0.8747 -0.0851 -0.4222 0.0330  22  VAL A CG2 
168 N N   . ASP A 23 ? 0.7388 0.1611  0.9069 -0.0447 -0.4914 0.0005  23  ASP A N   
169 C CA  . ASP A 23 ? 0.7775 0.1850  0.9414 -0.0386 -0.5168 0.0011  23  ASP A CA  
170 C C   . ASP A 23 ? 0.7254 0.1452  0.8481 -0.0204 -0.4758 -0.0065 23  ASP A C   
171 O O   . ASP A 23 ? 0.6846 0.1348  0.8496 -0.0187 -0.4694 0.0013  23  ASP A O   
172 C CB  . ASP A 23 ? 0.8866 0.2096  0.9753 -0.0340 -0.5731 -0.0098 23  ASP A CB  
173 C CG  . ASP A 23 ? 0.9945 0.2999  1.1332 -0.0562 -0.6282 0.0005  23  ASP A CG  
174 O OD1 . ASP A 23 ? 0.9880 0.3532  1.2256 -0.0748 -0.6192 0.0190  23  ASP A OD1 
175 O OD2 . ASP A 23 ? 1.0918 0.3223  1.1694 -0.0556 -0.6810 -0.0089 23  ASP A OD2 
176 N N   . CYS A 24 ? 0.7591 0.1532  0.8008 -0.0066 -0.4495 -0.0200 24  CYS A N   
177 C CA  A CYS A 24 ? 0.7583 0.1601  0.7551 0.0085  -0.4117 -0.0253 24  CYS A CA  
178 C CA  B CYS A 24 ? 0.7307 0.1326  0.7283 0.0084  -0.4120 -0.0251 24  CYS A CA  
179 C C   . CYS A 24 ? 0.6919 0.1626  0.7545 0.0016  -0.3680 -0.0176 24  CYS A C   
180 O O   . CYS A 24 ? 0.6579 0.1407  0.7249 0.0072  -0.3541 -0.0160 24  CYS A O   
181 C CB  A CYS A 24 ? 0.7860 0.1589  0.6998 0.0224  -0.3894 -0.0361 24  CYS A CB  
182 C CB  B CYS A 24 ? 0.7310 0.1018  0.6413 0.0235  -0.3901 -0.0363 24  CYS A CB  
183 S SG  A CYS A 24 ? 0.8024 0.1651  0.6426 0.0421  -0.3569 -0.0397 24  CYS A SG  
184 S SG  B CYS A 24 ? 0.7607 0.0390  0.5614 0.0428  -0.4299 -0.0489 24  CYS A SG  
185 N N   . ALA A 25 ? 0.6310 0.1417  0.7388 -0.0101 -0.3471 -0.0130 25  ALA A N   
186 C CA  . ALA A 25 ? 0.5557 0.1266  0.7166 -0.0161 -0.3056 -0.0075 25  ALA A CA  
187 C C   . ALA A 25 ? 0.5434 0.1440  0.7806 -0.0199 -0.3141 0.0031  25  ALA A C   
188 O O   . ALA A 25 ? 0.4863 0.1155  0.7446 -0.0161 -0.2844 0.0034  25  ALA A O   
189 C CB  . ALA A 25 ? 0.4747 0.0782  0.6620 -0.0273 -0.2848 -0.0030 25  ALA A CB  
190 N N   . THR A 26 ? 0.5572 0.1492  0.8368 -0.0270 -0.3559 0.0125  26  THR A N   
191 C CA  . THR A 26 ? 0.5662 0.1891  0.9260 -0.0289 -0.3681 0.0268  26  THR A CA  
192 C C   . THR A 26 ? 0.5977 0.1957  0.9271 -0.0142 -0.3757 0.0223  26  THR A C   
193 O O   . THR A 26 ? 0.5868 0.2158  0.9612 -0.0077 -0.3557 0.0281  26  THR A O   
194 C CB  . THR A 26 ? 0.5736 0.1918  0.9875 -0.0428 -0.4183 0.0412  26  THR A CB  
195 O OG1 . THR A 26 ? 0.5879 0.2281  1.0316 -0.0576 -0.4101 0.0479  26  THR A OG1 
196 C CG2 . THR A 26 ? 0.5756 0.2368  1.0847 -0.0436 -0.4281 0.0607  26  THR A CG2 
197 N N   . GLN A 27 ? 0.6360 0.1750  0.8852 -0.0071 -0.4028 0.0124  27  GLN A N   
198 C CA  . GLN A 27 ? 0.6650 0.1763  0.8734 0.0069  -0.4077 0.0096  27  GLN A CA  
199 C C   . GLN A 27 ? 0.6281 0.1588  0.8168 0.0141  -0.3562 0.0033  27  GLN A C   
200 O O   . GLN A 27 ? 0.5600 0.0976  0.7675 0.0219  -0.3474 0.0072  27  GLN A O   
201 C CB  . GLN A 27 ? 0.7900 0.2333  0.9020 0.0148  -0.4388 0.0001  27  GLN A CB  
202 C CG  . GLN A 27 ? 0.9208 0.3276  1.0382 0.0107  -0.5010 0.0058  27  GLN A CG  
203 C CD  . GLN A 27 ? 1.0244 0.3580  1.0332 0.0234  -0.5281 -0.0046 27  GLN A CD  
204 O OE1 . GLN A 27 ? 1.1023 0.4057  1.0968 0.0279  -0.5662 0.0009  27  GLN A OE1 
205 N NE2 . GLN A 27 ? 1.0355 0.3407  0.9654 0.0312  -0.5070 -0.0181 27  GLN A NE2 
206 N N   . ALA A 28 ? 0.5725 0.1096  0.7240 0.0111  -0.3248 -0.0053 28  ALA A N   
207 C CA  . ALA A 28 ? 0.5160 0.0692  0.6453 0.0138  -0.2802 -0.0106 28  ALA A CA  
208 C C   . ALA A 28 ? 0.4893 0.0872  0.6880 0.0109  -0.2538 -0.0067 28  ALA A C   
209 O O   . ALA A 28 ? 0.5155 0.1116  0.7084 0.0170  -0.2349 -0.0089 28  ALA A O   
210 C CB  . ALA A 28 ? 0.4557 0.0144  0.5439 0.0091  -0.2558 -0.0169 28  ALA A CB  
211 N N   . LEU A 29 ? 0.4951 0.1303  0.7578 0.0027  -0.2519 -0.0003 29  LEU A N   
212 C CA  . LEU A 29 ? 0.4907 0.1700  0.8183 0.0034  -0.2231 0.0043  29  LEU A CA  
213 C C   . LEU A 29 ? 0.5483 0.2282  0.9244 0.0150  -0.2386 0.0131  29  LEU A C   
214 O O   . LEU A 29 ? 0.5092 0.2081  0.9148 0.0236  -0.2104 0.0126  29  LEU A O   
215 C CB  . LEU A 29 ? 0.4995 0.2212  0.8827 -0.0078 -0.2151 0.0132  29  LEU A CB  
216 C CG  . LEU A 29 ? 0.4794 0.2105  0.8258 -0.0179 -0.1908 0.0067  29  LEU A CG  
217 C CD1 . LEU A 29 ? 0.5078 0.2718  0.9074 -0.0298 -0.1943 0.0197  29  LEU A CD1 
218 C CD2 . LEU A 29 ? 0.5010 0.2478  0.8271 -0.0164 -0.1468 -0.0024 29  LEU A CD2 
219 N N   . GLU A 30 ? 0.5647 0.2209  0.9464 0.0162  -0.2845 0.0210  30  GLU A N   
220 C CA  . GLU A 30 ? 0.6187 0.2712  1.0409 0.0279  -0.3057 0.0314  30  GLU A CA  
221 C C   . GLU A 30 ? 0.6226 0.2406  0.9901 0.0403  -0.2934 0.0230  30  GLU A C   
222 O O   . GLU A 30 ? 0.6315 0.2566  1.0357 0.0529  -0.2845 0.0283  30  GLU A O   
223 C CB  . GLU A 30 ? 0.6787 0.3070  1.1080 0.0237  -0.3641 0.0417  30  GLU A CB  
224 C CG  . GLU A 30 ? 0.7120 0.3795  1.2272 0.0114  -0.3852 0.0584  30  GLU A CG  
225 C CD  . GLU A 30 ? 0.7759 0.4087  1.2843 0.0024  -0.4491 0.0657  30  GLU A CD  
226 O OE1 . GLU A 30 ? 0.8924 0.4849  1.3636 0.0109  -0.4806 0.0656  30  GLU A OE1 
227 O OE2 . GLU A 30 ? 0.8031 0.4452  1.3403 -0.0139 -0.4696 0.0723  30  GLU A OE2 
228 N N   . LYS A 31 ? 0.6033 0.1839  0.8848 0.0376  -0.2920 0.0120  31  LYS A N   
229 C CA  . LYS A 31 ? 0.6190 0.1643  0.8455 0.0464  -0.2842 0.0082  31  LYS A CA  
230 C C   . LYS A 31 ? 0.5822 0.1380  0.7938 0.0448  -0.2374 -0.0015 31  LYS A C   
231 O O   . LYS A 31 ? 0.5715 0.1116  0.7798 0.0529  -0.2266 -0.0014 31  LYS A O   
232 C CB  . LYS A 31 ? 0.6509 0.1508  0.7920 0.0464  -0.3053 0.0052  31  LYS A CB  
233 C CG  . LYS A 31 ? 0.7194 0.1852  0.8040 0.0540  -0.2963 0.0059  31  LYS A CG  
234 C CD  . LYS A 31 ? 0.7514 0.1753  0.7493 0.0572  -0.3117 0.0056  31  LYS A CD  
235 C CE  . LYS A 31 ? 0.8492 0.2413  0.8012 0.0648  -0.3067 0.0125  31  LYS A CE  
236 N NZ  . LYS A 31 ? 0.9122 0.2606  0.7796 0.0724  -0.3248 0.0165  31  LYS A NZ  
237 N N   . TYR A 32 ? 0.5417 0.1197  0.7420 0.0335  -0.2125 -0.0092 32  TYR A N   
238 C CA  . TYR A 32 ? 0.5581 0.1407  0.7325 0.0281  -0.1741 -0.0186 32  TYR A CA  
239 C C   . TYR A 32 ? 0.5606 0.1838  0.7797 0.0235  -0.1443 -0.0232 32  TYR A C   
240 O O   . TYR A 32 ? 0.4979 0.1518  0.7579 0.0200  -0.1487 -0.0183 32  TYR A O   
241 C CB  . TYR A 32 ? 0.5836 0.1549  0.6921 0.0187  -0.1676 -0.0221 32  TYR A CB  
242 C CG  . TYR A 32 ? 0.6326 0.1637  0.6829 0.0245  -0.1861 -0.0172 32  TYR A CG  
243 C CD1 . TYR A 32 ? 0.6857 0.1915  0.7097 0.0271  -0.1789 -0.0146 32  TYR A CD1 
244 C CD2 . TYR A 32 ? 0.6857 0.2004  0.7019 0.0276  -0.2096 -0.0146 32  TYR A CD2 
245 C CE1 . TYR A 32 ? 0.7098 0.1809  0.6784 0.0327  -0.1928 -0.0066 32  TYR A CE1 
246 C CE2 . TYR A 32 ? 0.7248 0.2014  0.6794 0.0356  -0.2227 -0.0098 32  TYR A CE2 
247 C CZ  . TYR A 32 ? 0.7617 0.2196  0.6940 0.0380  -0.2133 -0.0043 32  TYR A CZ  
248 O OH  . TYR A 32 ? 0.7841 0.2061  0.6539 0.0464  -0.2241 0.0038  32  TYR A OH  
249 N N   . ASN A 33 ? 0.5164 0.1358  0.7222 0.0230  -0.1147 -0.0321 33  ASN A N   
250 C CA  . ASN A 33 ? 0.5147 0.1643  0.7446 0.0201  -0.0827 -0.0389 33  ASN A CA  
251 C C   . ASN A 33 ? 0.4875 0.1415  0.6689 0.0032  -0.0624 -0.0474 33  ASN A C   
252 O O   . ASN A 33 ? 0.5094 0.1927  0.7034 -0.0027 -0.0421 -0.0502 33  ASN A O   
253 C CB  . ASN A 33 ? 0.5332 0.1698  0.7811 0.0341  -0.0638 -0.0448 33  ASN A CB  
254 C CG  . ASN A 33 ? 0.5658 0.2147  0.8810 0.0527  -0.0767 -0.0335 33  ASN A CG  
255 O OD1 . ASN A 33 ? 0.6475 0.2713  0.9716 0.0678  -0.0787 -0.0332 33  ASN A OD1 
256 N ND2 . ASN A 33 ? 0.5453 0.2333  0.9125 0.0512  -0.0871 -0.0219 33  ASN A ND2 
257 N N   . ILE A 34 ? 0.4563 0.0835  0.5843 -0.0044 -0.0678 -0.0486 34  ILE A N   
258 C CA  . ILE A 34 ? 0.4420 0.0746  0.5285 -0.0214 -0.0512 -0.0533 34  ILE A CA  
259 C C   . ILE A 34 ? 0.4274 0.0797  0.5009 -0.0285 -0.0602 -0.0459 34  ILE A C   
260 O O   . ILE A 34 ? 0.4322 0.0711  0.4943 -0.0222 -0.0812 -0.0389 34  ILE A O   
261 C CB  . ILE A 34 ? 0.4854 0.0833  0.5279 -0.0277 -0.0505 -0.0543 34  ILE A CB  
262 C CG1 . ILE A 34 ? 0.5584 0.1254  0.6117 -0.0173 -0.0462 -0.0611 34  ILE A CG1 
263 C CG2 . ILE A 34 ? 0.4990 0.1067  0.5080 -0.0479 -0.0350 -0.0572 34  ILE A CG2 
264 C CD1 . ILE A 34 ? 0.6081 0.1791  0.6699 -0.0177 -0.0213 -0.0753 34  ILE A CD1 
265 N N   . GLU A 35 ? 0.4113 0.0913  0.4817 -0.0402 -0.0443 -0.0476 35  GLU A N   
266 C CA  . GLU A 35 ? 0.4093 0.1098  0.4762 -0.0443 -0.0514 -0.0401 35  GLU A CA  
267 C C   . GLU A 35 ? 0.3723 0.0565  0.3977 -0.0435 -0.0621 -0.0333 35  GLU A C   
268 O O   . GLU A 35 ? 0.4117 0.0910  0.4329 -0.0356 -0.0782 -0.0283 35  GLU A O   
269 C CB  . GLU A 35 ? 0.3780 0.1102  0.4460 -0.0573 -0.0318 -0.0411 35  GLU A CB  
270 C CG  . GLU A 35 ? 0.3716 0.1263  0.4835 -0.0543 -0.0215 -0.0426 35  GLU A CG  
271 C CD  . GLU A 35 ? 0.3906 0.1680  0.4919 -0.0660 0.0023  -0.0459 35  GLU A CD  
272 O OE1 . GLU A 35 ? 0.4149 0.1868  0.4760 -0.0782 0.0084  -0.0493 35  GLU A OE1 
273 O OE2 . GLU A 35 ? 0.4289 0.2302  0.5622 -0.0637 0.0143  -0.0435 35  GLU A OE2 
274 N N   . LYS A 36 ? 0.3432 0.0169  0.3371 -0.0510 -0.0533 -0.0323 36  LYS A N   
275 C CA  . LYS A 36 ? 0.3691 0.0326  0.3263 -0.0488 -0.0581 -0.0218 36  LYS A CA  
276 C C   . LYS A 36 ? 0.4292 0.0597  0.3733 -0.0320 -0.0777 -0.0190 36  LYS A C   
277 O O   . LYS A 36 ? 0.4289 0.0509  0.3435 -0.0228 -0.0845 -0.0116 36  LYS A O   
278 C CB  . LYS A 36 ? 0.4299 0.0926  0.3646 -0.0637 -0.0454 -0.0171 36  LYS A CB  
279 C CG  . LYS A 36 ? 0.4738 0.1038  0.4048 -0.0652 -0.0472 -0.0212 36  LYS A CG  
280 C CD  . LYS A 36 ? 0.5073 0.1340  0.4130 -0.0813 -0.0402 -0.0104 36  LYS A CD  
281 C CE  . LYS A 36 ? 0.5958 0.1842  0.4949 -0.0851 -0.0430 -0.0131 36  LYS A CE  
282 N NZ  . LYS A 36 ? 0.6501 0.2378  0.5292 -0.1054 -0.0385 0.0008  36  LYS A NZ  
283 N N   . ASP A 37 ? 0.4364 0.0472  0.4003 -0.0261 -0.0868 -0.0241 37  ASP A N   
284 C CA  . ASP A 37 ? 0.4829 0.0621  0.4366 -0.0108 -0.1102 -0.0205 37  ASP A CA  
285 C C   . ASP A 37 ? 0.4513 0.0315  0.4201 -0.0020 -0.1315 -0.0219 37  ASP A C   
286 O O   . ASP A 37 ? 0.4466 0.0007  0.3828 0.0089  -0.1511 -0.0183 37  ASP A O   
287 C CB  . ASP A 37 ? 0.4921 0.0517  0.4680 -0.0066 -0.1150 -0.0233 37  ASP A CB  
288 C CG  . ASP A 37 ? 0.5567 0.1012  0.5102 -0.0153 -0.1000 -0.0214 37  ASP A CG  
289 O OD1 . ASP A 37 ? 0.5128 0.0580  0.4300 -0.0228 -0.0923 -0.0128 37  ASP A OD1 
290 O OD2 . ASP A 37 ? 0.4994 0.0310  0.4735 -0.0145 -0.0959 -0.0271 37  ASP A OD2 
291 N N   . ILE A 38 ? 0.4550 0.0626  0.4704 -0.0073 -0.1282 -0.0262 38  ILE A N   
292 C CA  . ILE A 38 ? 0.3740 -0.0150 0.4106 -0.0038 -0.1491 -0.0251 38  ILE A CA  
293 C C   . ILE A 38 ? 0.4502 0.0551  0.4446 -0.0023 -0.1508 -0.0235 38  ILE A C   
294 O O   . ILE A 38 ? 0.4884 0.0649  0.4604 0.0072  -0.1758 -0.0232 38  ILE A O   
295 C CB  . ILE A 38 ? 0.3959 0.0445  0.4919 -0.0119 -0.1385 -0.0259 38  ILE A CB  
296 C CG1 . ILE A 38 ? 0.4023 0.0557  0.5412 -0.0075 -0.1346 -0.0267 38  ILE A CG1 
297 C CG2 . ILE A 38 ? 0.3654 0.0182  0.4868 -0.0126 -0.1612 -0.0214 38  ILE A CG2 
298 C CD1 . ILE A 38 ? 0.4046 0.0958  0.5891 -0.0131 -0.1099 -0.0279 38  ILE A CD1 
299 N N   . ALA A 39 ? 0.4137 0.0432  0.3961 -0.0106 -0.1250 -0.0223 39  ALA A N   
300 C CA  . ALA A 39 ? 0.4233 0.0525  0.3693 -0.0066 -0.1206 -0.0183 39  ALA A CA  
301 C C   . ALA A 39 ? 0.4405 0.0336  0.3297 0.0089  -0.1286 -0.0149 39  ALA A C   
302 O O   . ALA A 39 ? 0.4844 0.0553  0.3420 0.0218  -0.1402 -0.0152 39  ALA A O   
303 C CB  . ALA A 39 ? 0.3706 0.0361  0.3174 -0.0193 -0.0923 -0.0140 39  ALA A CB  
304 N N   . ALA A 40 ? 0.4727 0.0569  0.3458 0.0087  -0.1216 -0.0113 40  ALA A N   
305 C CA  . ALA A 40 ? 0.4709 0.0232  0.2883 0.0233  -0.1251 -0.0045 40  ALA A CA  
306 C C   . ALA A 40 ? 0.5326 0.0403  0.3265 0.0387  -0.1577 -0.0097 40  ALA A C   
307 O O   . ALA A 40 ? 0.5947 0.0723  0.3327 0.0553  -0.1636 -0.0079 40  ALA A O   
308 C CB  . ALA A 40 ? 0.5165 0.0673  0.3285 0.0165  -0.1132 0.0029  40  ALA A CB  
309 N N   . TYR A 41 ? 0.5215 0.0241  0.3564 0.0341  -0.1792 -0.0153 41  TYR A N   
310 C CA  . TYR A 41 ? 0.5979 0.0600  0.4185 0.0446  -0.2169 -0.0185 41  TYR A CA  
311 C C   . TYR A 41 ? 0.6135 0.0592  0.4144 0.0504  -0.2326 -0.0245 41  TYR A C   
312 O O   . TYR A 41 ? 0.6792 0.0781  0.4203 0.0655  -0.2529 -0.0272 41  TYR A O   
313 C CB  . TYR A 41 ? 0.6048 0.0781  0.4911 0.0368  -0.2346 -0.0194 41  TYR A CB  
314 C CG  . TYR A 41 ? 0.6924 0.1301  0.5776 0.0436  -0.2791 -0.0196 41  TYR A CG  
315 C CD1 . TYR A 41 ? 0.7366 0.1441  0.6018 0.0520  -0.2985 -0.0145 41  TYR A CD1 
316 C CD2 . TYR A 41 ? 0.6891 0.1220  0.5943 0.0398  -0.3050 -0.0230 41  TYR A CD2 
317 C CE1 . TYR A 41 ? 0.7810 0.1561  0.6452 0.0565  -0.3442 -0.0133 41  TYR A CE1 
318 C CE2 . TYR A 41 ? 0.7233 0.1223  0.6292 0.0425  -0.3512 -0.0221 41  TYR A CE2 
319 C CZ  . TYR A 41 ? 0.7870 0.1581  0.6717 0.0508  -0.3714 -0.0174 41  TYR A CZ  
320 O OH  . TYR A 41 ? 0.8508 0.1884  0.7362 0.0517  -0.4219 -0.0151 41  TYR A OH  
321 N N   . ILE A 42 ? 0.5707 0.0505  0.4170 0.0390  -0.2230 -0.0263 42  ILE A N   
322 C CA  . ILE A 42 ? 0.5687 0.0326  0.4050 0.0421  -0.2382 -0.0307 42  ILE A CA  
323 C C   . ILE A 42 ? 0.6279 0.0692  0.3929 0.0595  -0.2235 -0.0313 42  ILE A C   
324 O O   . ILE A 42 ? 0.7098 0.1022  0.4248 0.0740  -0.2457 -0.0376 42  ILE A O   
325 C CB  . ILE A 42 ? 0.5171 0.0274  0.4167 0.0256  -0.2249 -0.0285 42  ILE A CB  
326 C CG1 . ILE A 42 ? 0.4828 0.0187  0.4548 0.0121  -0.2347 -0.0259 42  ILE A CG1 
327 C CG2 . ILE A 42 ? 0.5058 -0.0045 0.3945 0.0283  -0.2412 -0.0312 42  ILE A CG2 
328 C CD1 . ILE A 42 ? 0.4607 0.0478  0.4909 -0.0029 -0.2121 -0.0216 42  ILE A CD1 
329 N N   . LYS A 43 ? 0.6299 0.1056  0.3902 0.0586  -0.1866 -0.0238 43  LYS A N   
330 C CA  . LYS A 43 ? 0.6329 0.1003  0.3367 0.0765  -0.1657 -0.0192 43  LYS A CA  
331 C C   . LYS A 43 ? 0.6954 0.1087  0.3240 0.0992  -0.1771 -0.0205 43  LYS A C   
332 O O   . LYS A 43 ? 0.7752 0.1485  0.3482 0.1199  -0.1839 -0.0258 43  LYS A O   
333 C CB  . LYS A 43 ? 0.6198 0.1391  0.3422 0.0672  -0.1279 -0.0064 43  LYS A CB  
334 C CG  . LYS A 43 ? 0.6229 0.1506  0.3047 0.0841  -0.1012 0.0046  43  LYS A CG  
335 C CD  . LYS A 43 ? 0.7139 0.2111  0.3342 0.1033  -0.0955 0.0115  43  LYS A CD  
336 C CE  . LYS A 43 ? 0.6977 0.2304  0.3053 0.1108  -0.0585 0.0315  43  LYS A CE  
337 N NZ  . LYS A 43 ? 0.6821 0.2085  0.2589 0.1354  -0.0462 0.0332  43  LYS A NZ  
338 N N   . LYS A 44 ? 0.7240 0.1321  0.3466 0.0965  -0.1793 -0.0157 44  LYS A N   
339 C CA  . LYS A 44 ? 0.8160 0.1768  0.3634 0.1173  -0.1860 -0.0130 44  LYS A CA  
340 C C   . LYS A 44 ? 0.8582 0.1551  0.3608 0.1300  -0.2276 -0.0269 44  LYS A C   
341 O O   . LYS A 44 ? 0.9569 0.2052  0.3778 0.1539  -0.2311 -0.0290 44  LYS A O   
342 C CB  . LYS A 44 ? 0.7538 0.1199  0.3120 0.1086  -0.1853 -0.0039 44  LYS A CB  
343 C CG  . LYS A 44 ? 0.7255 0.1422  0.3152 0.0953  -0.1482 0.0105  44  LYS A CG  
344 C CD  . LYS A 44 ? 0.7239 0.1370  0.3297 0.0850  -0.1536 0.0173  44  LYS A CD  
345 C CE  . LYS A 44 ? 0.7137 0.1682  0.3471 0.0689  -0.1216 0.0309  44  LYS A CE  
346 N NZ  . LYS A 44 ? 0.7341 0.1760  0.3797 0.0601  -0.1281 0.0370  44  LYS A NZ  
347 N N   . GLU A 45 ? 0.9189 0.2152  0.4744 0.1140  -0.2597 -0.0352 45  GLU A N   
348 C CA  . GLU A 45 ? 0.9971 0.2338  0.5210 0.1196  -0.3071 -0.0466 45  GLU A CA  
349 C C   . GLU A 45 ? 1.0211 0.2255  0.5041 0.1326  -0.3107 -0.0570 45  GLU A C   
350 O O   . GLU A 45 ? 1.0566 0.1924  0.4664 0.1491  -0.3394 -0.0677 45  GLU A O   
351 C CB  . GLU A 45 ? 1.0578 0.3133  0.6643 0.0967  -0.3389 -0.0471 45  GLU A CB  
352 C CG  . GLU A 45 ? 1.2320 0.4388  0.8181 0.0979  -0.3887 -0.0492 45  GLU A CG  
353 C CD  . GLU A 45 ? 1.2943 0.5056  0.8734 0.1012  -0.3832 -0.0392 45  GLU A CD  
354 O OE1 . GLU A 45 ? 1.3340 0.5476  0.8657 0.1132  -0.3492 -0.0337 45  GLU A OE1 
355 O OE2 . GLU A 45 ? 1.3141 0.5275  0.9385 0.0916  -0.4135 -0.0345 45  GLU A OE2 
356 N N   . PHE A 46 ? 0.9126 0.1617  0.4382 0.1261  -0.2824 -0.0540 46  PHE A N   
357 C CA  . PHE A 46 ? 0.9465 0.1666  0.4355 0.1407  -0.2812 -0.0617 46  PHE A CA  
358 C C   . PHE A 46 ? 0.9768 0.1729  0.3807 0.1729  -0.2508 -0.0600 46  PHE A C   
359 O O   . PHE A 46 ? 1.0166 0.1524  0.3513 0.1960  -0.2619 -0.0712 46  PHE A O   
360 C CB  . PHE A 46 ? 0.8283 0.1024  0.3913 0.1236  -0.2641 -0.0566 46  PHE A CB  
361 C CG  . PHE A 46 ? 0.8491 0.1098  0.4594 0.1051  -0.3025 -0.0624 46  PHE A CG  
362 C CD1 . PHE A 46 ? 0.8284 0.0995  0.4920 0.0845  -0.3308 -0.0606 46  PHE A CD1 
363 C CD2 . PHE A 46 ? 0.8499 0.0870  0.4538 0.1087  -0.3109 -0.0671 46  PHE A CD2 
364 C CE1 . PHE A 46 ? 0.8243 0.0889  0.5392 0.0663  -0.3659 -0.0611 46  PHE A CE1 
365 C CE2 . PHE A 46 ? 0.8737 0.0981  0.5247 0.0888  -0.3479 -0.0688 46  PHE A CE2 
366 C CZ  . PHE A 46 ? 0.8507 0.0917  0.5593 0.0667  -0.3751 -0.0647 46  PHE A CZ  
367 N N   . ASP A 47 ? 0.9375 0.1785  0.3458 0.1751  -0.2127 -0.0450 47  ASP A N   
368 C CA  . ASP A 47 ? 1.0324 0.2573  0.3649 0.2058  -0.1816 -0.0379 47  ASP A CA  
369 C C   . ASP A 47 ? 1.1940 0.3388  0.4332 0.2273  -0.2093 -0.0486 47  ASP A C   
370 O O   . ASP A 47 ? 1.2886 0.3844  0.4425 0.2598  -0.2003 -0.0538 47  ASP A O   
371 C CB  . ASP A 47 ? 1.0130 0.2991  0.3742 0.1978  -0.1434 -0.0166 47  ASP A CB  
372 C CG  . ASP A 47 ? 0.9666 0.3197  0.3792 0.1919  -0.1055 -0.0029 47  ASP A CG  
373 O OD1 . ASP A 47 ? 0.9140 0.2658  0.3357 0.1977  -0.1057 -0.0091 47  ASP A OD1 
374 O OD2 . ASP A 47 ? 0.9032 0.3081  0.3463 0.1804  -0.0780 0.0153  47  ASP A OD2 
375 N N   . LYS A 48 ? 1.2116 0.3419  0.4652 0.2103  -0.2432 -0.0512 48  LYS A N   
376 C CA  . LYS A 48 ? 1.3335 0.3891  0.5026 0.2260  -0.2768 -0.0598 48  LYS A CA  
377 C C   . LYS A 48 ? 1.3752 0.3568  0.4952 0.2357  -0.3176 -0.0816 48  LYS A C   
378 O O   . LYS A 48 ? 1.4333 0.3474  0.4494 0.2667  -0.3190 -0.0916 48  LYS A O   
379 C CB  . LYS A 48 ? 1.3086 0.3740  0.5225 0.2026  -0.3068 -0.0549 48  LYS A CB  
380 C CG  . LYS A 48 ? 1.4500 0.4603  0.5803 0.2183  -0.3256 -0.0525 48  LYS A CG  
381 C CD  . LYS A 48 ? 1.4321 0.4603  0.6191 0.1958  -0.3522 -0.0441 48  LYS A CD  
382 C CE  . LYS A 48 ? 1.3682 0.4749  0.6389 0.1779  -0.3131 -0.0276 48  LYS A CE  
383 N NZ  . LYS A 48 ? 1.3968 0.5118  0.7082 0.1634  -0.3339 -0.0185 48  LYS A NZ  
384 N N   . LYS A 49 ? 1.3137 0.3069  0.5075 0.2095  -0.3493 -0.0884 49  LYS A N   
385 C CA  . LYS A 49 ? 1.3808 0.3027  0.5411 0.2105  -0.3976 -0.1072 49  LYS A CA  
386 C C   . LYS A 49 ? 1.4132 0.3057  0.5310 0.2325  -0.3797 -0.1171 49  LYS A C   
387 O O   . LYS A 49 ? 1.5160 0.3206  0.5434 0.2530  -0.4069 -0.1348 49  LYS A O   
388 C CB  . LYS A 49 ? 1.3205 0.2705  0.5831 0.1739  -0.4362 -0.1058 49  LYS A CB  
389 C CG  . LYS A 49 ? 1.3772 0.3226  0.6614 0.1579  -0.4750 -0.1010 49  LYS A CG  
390 C CD  . LYS A 49 ? 1.4161 0.3665  0.7813 0.1279  -0.5240 -0.1011 49  LYS A CD  
391 C CE  . LYS A 49 ? 1.3168 0.3617  0.8073 0.1029  -0.4985 -0.0855 49  LYS A CE  
392 N NZ  . LYS A 49 ? 1.3364 0.4174  0.8656 0.0958  -0.4968 -0.0735 49  LYS A NZ  
393 N N   . TYR A 50 ? 1.3041 0.2650  0.4828 0.2290  -0.3360 -0.1060 50  TYR A N   
394 C CA  . TYR A 50 ? 1.3609 0.3001  0.5155 0.2479  -0.3210 -0.1128 50  TYR A CA  
395 C C   . TYR A 50 ? 1.3646 0.3345  0.4863 0.2788  -0.2607 -0.1014 50  TYR A C   
396 O O   . TYR A 50 ? 1.3686 0.3426  0.4930 0.2930  -0.2400 -0.1012 50  TYR A O   
397 C CB  . TYR A 50 ? 1.2962 0.2793  0.5507 0.2181  -0.3303 -0.1090 50  TYR A CB  
398 C CG  . TYR A 50 ? 1.3162 0.2668  0.6054 0.1899  -0.3899 -0.1172 50  TYR A CG  
399 C CD1 . TYR A 50 ? 1.2302 0.2383  0.6083 0.1574  -0.4021 -0.1062 50  TYR A CD1 
400 C CD2 . TYR A 50 ? 1.3926 0.2536  0.6267 0.1965  -0.4350 -0.1349 50  TYR A CD2 
401 C CE1 . TYR A 50 ? 1.2475 0.2343  0.6672 0.1321  -0.4552 -0.1090 50  TYR A CE1 
402 C CE2 . TYR A 50 ? 1.4088 0.2439  0.6826 0.1672  -0.4930 -0.1384 50  TYR A CE2 
403 C CZ  . TYR A 50 ? 1.3618 0.2649  0.7325 0.1352  -0.5018 -0.1237 50  TYR A CZ  
404 O OH  . TYR A 50 ? 1.4091 0.2953  0.8295 0.1068  -0.5577 -0.1225 50  TYR A OH  
405 N N   . ASN A 51 ? 1.3526 0.3450  0.4465 0.2891  -0.2335 -0.0894 51  ASN A N   
406 C CA  . ASN A 51 ? 1.3704 0.3955  0.4350 0.3183  -0.1762 -0.0736 51  ASN A CA  
407 C C   . ASN A 51 ? 1.2677 0.3944  0.4331 0.2982  -0.1388 -0.0521 51  ASN A C   
408 O O   . ASN A 51 ? 1.1871 0.3441  0.4273 0.2723  -0.1522 -0.0540 51  ASN A O   
409 C CB  . ASN A 51 ? 1.5211 0.4807  0.5002 0.3605  -0.1665 -0.0859 51  ASN A CB  
410 C CG  . ASN A 51 ? 1.6516 0.4990  0.5183 0.3810  -0.2073 -0.1105 51  ASN A CG  
411 O OD1 . ASN A 51 ? 1.7330 0.5567  0.5585 0.3783  -0.2241 -0.1110 51  ASN A OD1 
412 N ND2 . ASN A 51 ? 1.7457 0.5191  0.5596 0.4009  -0.2263 -0.1308 51  ASN A ND2 
413 N N   . PRO A 52 ? 1.2791 0.4581  0.4458 0.3086  -0.0928 -0.0297 52  PRO A N   
414 C CA  . PRO A 52 ? 1.1740 0.4463  0.4279 0.2902  -0.0584 -0.0076 52  PRO A CA  
415 C C   . PRO A 52 ? 1.1600 0.4419  0.4320 0.3030  -0.0460 -0.0080 52  PRO A C   
416 O O   . PRO A 52 ? 1.2475 0.4670  0.4497 0.3375  -0.0477 -0.0200 52  PRO A O   
417 C CB  . PRO A 52 ? 1.2000 0.5048  0.4267 0.3087  -0.0149 0.0166  52  PRO A CB  
418 C CG  . PRO A 52 ? 1.2784 0.5175  0.4213 0.3239  -0.0316 0.0078  52  PRO A CG  
419 C CD  . PRO A 52 ? 1.3483 0.4998  0.4319 0.3375  -0.0725 -0.0219 52  PRO A CD  
420 N N   . THR A 53 ? 1.0645 0.4188  0.4231 0.2778  -0.0339 0.0051  53  THR A N   
421 C CA  . THR A 53 ? 0.9681 0.3923  0.3979 0.2416  -0.0263 0.0197  53  THR A CA  
422 C C   . THR A 53 ? 0.8689 0.3194  0.3733 0.2060  -0.0495 0.0125  53  THR A C   
423 O O   . THR A 53 ? 0.8632 0.3399  0.4031 0.2034  -0.0428 0.0169  53  THR A O   
424 C CB  . THR A 53 ? 0.9409 0.4387  0.4022 0.2456  0.0182  0.0487  53  THR A CB  
425 O OG1 . THR A 53 ? 1.0052 0.4852  0.4011 0.2809  0.0453  0.0599  53  THR A OG1 
426 C CG2 . THR A 53 ? 0.8218 0.3814  0.3481 0.2071  0.0224  0.0620  53  THR A CG2 
427 N N   . TRP A 54 ? 0.8169 0.2617  0.3451 0.1803  -0.0749 0.0034  54  TRP A N   
428 C CA  . TRP A 54 ? 0.7278 0.1976  0.3250 0.1486  -0.0941 -0.0022 54  TRP A CA  
429 C C   . TRP A 54 ? 0.6290 0.1680  0.2877 0.1203  -0.0752 0.0108  54  TRP A C   
430 O O   . TRP A 54 ? 0.6497 0.2076  0.2999 0.1192  -0.0577 0.0216  54  TRP A O   
431 C CB  . TRP A 54 ? 0.7461 0.1675  0.3385 0.1392  -0.1352 -0.0193 54  TRP A CB  
432 C CG  . TRP A 54 ? 0.8537 0.2011  0.3890 0.1605  -0.1626 -0.0345 54  TRP A CG  
433 C CD1 . TRP A 54 ? 0.9125 0.1975  0.3624 0.1894  -0.1692 -0.0423 54  TRP A CD1 
434 C CD2 . TRP A 54 ? 0.8530 0.1757  0.4076 0.1543  -0.1886 -0.0434 54  TRP A CD2 
435 N NE1 . TRP A 54 ? 0.9831 0.2005  0.3932 0.2016  -0.1999 -0.0583 54  TRP A NE1 
436 C CE2 . TRP A 54 ? 0.9497 0.1893  0.4266 0.1792  -0.2132 -0.0584 54  TRP A CE2 
437 C CE3 . TRP A 54 ? 0.8165 0.1765  0.4437 0.1298  -0.1937 -0.0390 54  TRP A CE3 
438 C CZ2 . TRP A 54 ? 0.9676 0.1580  0.4404 0.1781  -0.2455 -0.0696 54  TRP A CZ2 
439 C CZ3 . TRP A 54 ? 0.8238 0.1411  0.4512 0.1289  -0.2229 -0.0471 54  TRP A CZ3 
440 C CH2 . TRP A 54 ? 0.9147 0.1467  0.4671 0.1518  -0.2500 -0.0624 54  TRP A CH2 
441 N N   . HIS A 55 ? 0.5673 0.1398  0.2841 0.0971  -0.0797 0.0104  55  HIS A N   
442 C CA  . HIS A 55 ? 0.4939 0.1228  0.2623 0.0697  -0.0655 0.0189  55  HIS A CA  
443 C C   . HIS A 55 ? 0.5019 0.1329  0.3156 0.0482  -0.0857 0.0083  55  HIS A C   
444 O O   . HIS A 55 ? 0.4967 0.1109  0.3208 0.0494  -0.1022 0.0028  55  HIS A O   
445 C CB  . HIS A 55 ? 0.5052 0.1852  0.2961 0.0664  -0.0411 0.0352  55  HIS A CB  
446 C CG  . HIS A 55 ? 0.5700 0.2489  0.3230 0.0939  -0.0209 0.0482  55  HIS A CG  
447 N ND1 . HIS A 55 ? 0.5721 0.2720  0.3115 0.0978  0.0001  0.0632  55  HIS A ND1 
448 C CD2 . HIS A 55 ? 0.6084 0.2672  0.3349 0.1210  -0.0169 0.0498  55  HIS A CD2 
449 C CE1 . HIS A 55 ? 0.6071 0.3057  0.3160 0.1271  0.0189  0.0752  55  HIS A CE1 
450 N NE2 . HIS A 55 ? 0.6180 0.2893  0.3160 0.1433  0.0094  0.0659  55  HIS A NE2 
451 N N   . CYS A 56 ? 0.4483 0.0985  0.2897 0.0295  -0.0838 0.0068  56  CYS A N   
452 C CA  . CYS A 56 ? 0.4187 0.0735  0.3045 0.0130  -0.0986 -0.0013 56  CYS A CA  
453 C C   . CYS A 56 ? 0.3855 0.0851  0.3091 -0.0090 -0.0806 0.0019  56  CYS A C   
454 O O   . CYS A 56 ? 0.3771 0.0868  0.2924 -0.0149 -0.0677 0.0046  56  CYS A O   
455 C CB  . CYS A 56 ? 0.4561 0.0727  0.3354 0.0178  -0.1225 -0.0104 56  CYS A CB  
456 S SG  . CYS A 56 ? 0.4595 0.0831  0.4010 0.0027  -0.1430 -0.0157 56  CYS A SG  
457 N N   . ILE A 57 ? 0.3361 0.0586  0.2975 -0.0213 -0.0805 0.0019  57  ILE A N   
458 C CA  . ILE A 57 ? 0.2941 0.0518  0.2844 -0.0404 -0.0647 0.0021  57  ILE A CA  
459 C C   . ILE A 57 ? 0.3193 0.0765  0.3497 -0.0460 -0.0737 -0.0042 57  ILE A C   
460 O O   . ILE A 57 ? 0.2961 0.0470  0.3480 -0.0438 -0.0886 -0.0022 57  ILE A O   
461 C CB  . ILE A 57 ? 0.3268 0.1208  0.3255 -0.0503 -0.0509 0.0119  57  ILE A CB  
462 C CG1 . ILE A 57 ? 0.3943 0.1919  0.3640 -0.0395 -0.0448 0.0227  57  ILE A CG1 
463 C CG2 . ILE A 57 ? 0.2889 0.1120  0.2992 -0.0694 -0.0346 0.0109  57  ILE A CG2 
464 C CD1 . ILE A 57 ? 0.4480 0.2501  0.3949 -0.0401 -0.0338 0.0271  57  ILE A CD1 
465 N N   . VAL A 58 ? 0.2993 0.0628  0.3421 -0.0529 -0.0643 -0.0099 58  VAL A N   
466 C CA  . VAL A 58 ? 0.3064 0.0745  0.3915 -0.0546 -0.0677 -0.0137 58  VAL A CA  
467 C C   . VAL A 58 ? 0.2881 0.0823  0.3841 -0.0660 -0.0430 -0.0169 58  VAL A C   
468 O O   . VAL A 58 ? 0.2916 0.0791  0.3628 -0.0700 -0.0322 -0.0227 58  VAL A O   
469 C CB  . VAL A 58 ? 0.3784 0.1156  0.4648 -0.0441 -0.0838 -0.0192 58  VAL A CB  
470 C CG1 . VAL A 58 ? 0.3590 0.1079  0.4956 -0.0440 -0.0826 -0.0206 58  VAL A CG1 
471 C CG2 . VAL A 58 ? 0.3353 0.0405  0.4048 -0.0325 -0.1120 -0.0174 58  VAL A CG2 
472 N N   . GLY A 59 ? 0.2959 0.1160  0.4250 -0.0714 -0.0342 -0.0125 59  GLY A N   
473 C CA  . GLY A 59 ? 0.3074 0.1469  0.4378 -0.0793 -0.0093 -0.0169 59  GLY A CA  
474 C C   . GLY A 59 ? 0.3030 0.1735  0.4690 -0.0832 0.0028  -0.0086 59  GLY A C   
475 O O   . GLY A 59 ? 0.2870 0.1670  0.4825 -0.0833 -0.0098 0.0031  59  GLY A O   
476 N N   . ARG A 60 ? 0.3092 0.1922  0.4690 -0.0866 0.0275  -0.0141 60  ARG A N   
477 C CA  . ARG A 60 ? 0.3297 0.2441  0.5191 -0.0884 0.0455  -0.0047 60  ARG A CA  
478 C C   . ARG A 60 ? 0.3107 0.2439  0.4687 -0.1021 0.0568  0.0013  60  ARG A C   
479 O O   . ARG A 60 ? 0.3315 0.2923  0.5113 -0.1058 0.0677  0.0148  60  ARG A O   
480 C CB  . ARG A 60 ? 0.3716 0.2867  0.5727 -0.0781 0.0690  -0.0134 60  ARG A CB  
481 C CG  . ARG A 60 ? 0.4175 0.3200  0.6605 -0.0633 0.0570  -0.0148 60  ARG A CG  
482 C CD  . ARG A 60 ? 0.5438 0.4370  0.7861 -0.0496 0.0808  -0.0268 60  ARG A CD  
483 N NE  . ARG A 60 ? 0.6291 0.5137  0.9172 -0.0343 0.0680  -0.0249 60  ARG A NE  
484 C CZ  . ARG A 60 ? 0.6715 0.5854  1.0275 -0.0237 0.0729  -0.0105 60  ARG A CZ  
485 N NH1 . ARG A 60 ? 0.6841 0.6377  1.0687 -0.0269 0.0931  0.0036  60  ARG A NH1 
486 N NH2 . ARG A 60 ? 0.6888 0.5949  1.0868 -0.0105 0.0571  -0.0073 60  ARG A NH2 
487 N N   . ASN A 61 ? 0.2882 0.2085  0.3978 -0.1105 0.0530  -0.0057 61  ASN A N   
488 C CA  . ASN A 61 ? 0.2852 0.2240  0.3654 -0.1244 0.0588  0.0019  61  ASN A CA  
489 C C   . ASN A 61 ? 0.3155 0.2494  0.3697 -0.1312 0.0425  0.0056  61  ASN A C   
490 O O   . ASN A 61 ? 0.3064 0.2256  0.3279 -0.1373 0.0410  -0.0034 61  ASN A O   
491 C CB  . ASN A 61 ? 0.3226 0.2603  0.3648 -0.1312 0.0804  -0.0088 61  ASN A CB  
492 C CG  . ASN A 61 ? 0.3496 0.3067  0.3597 -0.1469 0.0827  0.0011  61  ASN A CG  
493 O OD1 . ASN A 61 ? 0.3449 0.2936  0.3149 -0.1594 0.0754  -0.0034 61  ASN A OD1 
494 N ND2 . ASN A 61 ? 0.3416 0.3262  0.3724 -0.1478 0.0905  0.0176  61  ASN A ND2 
495 N N   . PHE A 62 ? 0.2662 0.2120  0.3369 -0.1296 0.0307  0.0206  62  PHE A N   
496 C CA  . PHE A 62 ? 0.2379 0.1864  0.2885 -0.1324 0.0198  0.0285  62  PHE A CA  
497 C C   . PHE A 62 ? 0.2575 0.2211  0.3246 -0.1302 0.0127  0.0463  62  PHE A C   
498 O O   . PHE A 62 ? 0.2222 0.1837  0.3203 -0.1248 0.0086  0.0514  62  PHE A O   
499 C CB  . PHE A 62 ? 0.2159 0.1387  0.2594 -0.1219 0.0080  0.0217  62  PHE A CB  
500 C CG  . PHE A 62 ? 0.2317 0.1346  0.2989 -0.1061 -0.0060 0.0217  62  PHE A CG  
501 C CD1 . PHE A 62 ? 0.1819 0.0787  0.2474 -0.0966 -0.0181 0.0312  62  PHE A CD1 
502 C CD2 . PHE A 62 ? 0.2081 0.0951  0.2972 -0.0998 -0.0086 0.0122  62  PHE A CD2 
503 C CE1 . PHE A 62 ? 0.1901 0.0594  0.2683 -0.0833 -0.0353 0.0288  62  PHE A CE1 
504 C CE2 . PHE A 62 ? 0.2423 0.1088  0.3519 -0.0882 -0.0274 0.0129  62  PHE A CE2 
505 C CZ  . PHE A 62 ? 0.2201 0.0746  0.3207 -0.0809 -0.0421 0.0201  62  PHE A CZ  
506 N N   . GLY A 63 ? 0.2293 0.2085  0.2789 -0.1354 0.0102  0.0578  63  GLY A N   
507 C CA  . GLY A 63 ? 0.2399 0.2267  0.3017 -0.1287 0.0018  0.0748  63  GLY A CA  
508 C C   . GLY A 63 ? 0.2872 0.2642  0.3364 -0.1163 -0.0060 0.0770  63  GLY A C   
509 O O   . GLY A 63 ? 0.2781 0.2562  0.3094 -0.1201 -0.0030 0.0717  63  GLY A O   
510 N N   . SER A 64 ? 0.2152 0.1801  0.2722 -0.1006 -0.0150 0.0853  64  SER A N   
511 C CA  . SER A 64 ? 0.2486 0.2022  0.2898 -0.0833 -0.0181 0.0880  64  SER A CA  
512 C C   . SER A 64 ? 0.2742 0.2310  0.3190 -0.0697 -0.0216 0.1048  64  SER A C   
513 O O   . SER A 64 ? 0.2660 0.2215  0.3270 -0.0721 -0.0270 0.1120  64  SER A O   
514 C CB  . SER A 64 ? 0.2726 0.1841  0.3056 -0.0678 -0.0269 0.0723  64  SER A CB  
515 O OG  . SER A 64 ? 0.3463 0.2275  0.3867 -0.0548 -0.0408 0.0719  64  SER A OG  
516 N N   . TYR A 65 ? 0.2551 0.2169  0.2865 -0.0545 -0.0172 0.1130  65  TYR A N   
517 C CA  . TYR A 65 ? 0.2710 0.2275  0.3021 -0.0327 -0.0184 0.1270  65  TYR A CA  
518 C C   . TYR A 65 ? 0.3303 0.2676  0.3378 -0.0069 -0.0126 0.1245  65  TYR A C   
519 O O   . TYR A 65 ? 0.2626 0.2297  0.2676 -0.0085 -0.0011 0.1336  65  TYR A O   
520 C CB  . TYR A 65 ? 0.2661 0.2710  0.3123 -0.0415 -0.0126 0.1510  65  TYR A CB  
521 C CG  . TYR A 65 ? 0.3169 0.3143  0.3692 -0.0200 -0.0152 0.1668  65  TYR A CG  
522 C CD1 . TYR A 65 ? 0.3323 0.3070  0.3946 -0.0217 -0.0260 0.1674  65  TYR A CD1 
523 C CD2 . TYR A 65 ? 0.3491 0.3628  0.4003 0.0027  -0.0060 0.1835  65  TYR A CD2 
524 C CE1 . TYR A 65 ? 0.3729 0.3340  0.4395 -0.0021 -0.0300 0.1819  65  TYR A CE1 
525 C CE2 . TYR A 65 ? 0.3614 0.3642  0.4177 0.0261  -0.0071 0.1978  65  TYR A CE2 
526 C CZ  . TYR A 65 ? 0.3958 0.3689  0.4576 0.0232  -0.0203 0.1959  65  TYR A CZ  
527 O OH  . TYR A 65 ? 0.4214 0.3764  0.4866 0.0463  -0.0233 0.2099  65  TYR A OH  
528 N N   . VAL A 66 ? 0.3476 0.2330  0.3357 0.0158  -0.0216 0.1131  66  VAL A N   
529 C CA  . VAL A 66 ? 0.3770 0.2334  0.3311 0.0425  -0.0160 0.1072  66  VAL A CA  
530 C C   . VAL A 66 ? 0.4140 0.2296  0.3455 0.0754  -0.0190 0.1087  66  VAL A C   
531 O O   . VAL A 66 ? 0.4227 0.2216  0.3659 0.0749  -0.0311 0.1105  66  VAL A O   
532 C CB  . VAL A 66 ? 0.3838 0.2000  0.3187 0.0393  -0.0276 0.0847  66  VAL A CB  
533 C CG1 . VAL A 66 ? 0.3338 0.1819  0.2901 0.0090  -0.0249 0.0810  66  VAL A CG1 
534 C CG2 . VAL A 66 ? 0.4149 0.1797  0.3472 0.0425  -0.0513 0.0706  66  VAL A CG2 
535 N N   . THR A 67 ? 0.4846 0.2815  0.3812 0.1052  -0.0069 0.1087  67  THR A N   
536 C CA  . THR A 67 ? 0.4985 0.2436  0.3596 0.1423  -0.0081 0.1055  67  THR A CA  
537 C C   . THR A 67 ? 0.5964 0.2738  0.4045 0.1588  -0.0196 0.0820  67  THR A C   
538 O O   . THR A 67 ? 0.5923 0.2765  0.3820 0.1599  -0.0099 0.0792  67  THR A O   
539 C CB  . THR A 67 ? 0.5595 0.3386  0.4191 0.1708  0.0197  0.1285  67  THR A CB  
540 O OG1 . THR A 67 ? 0.4790 0.3217  0.3898 0.1529  0.0251  0.1521  67  THR A OG1 
541 C CG2 . THR A 67 ? 0.6157 0.3330  0.4315 0.2148  0.0212  0.1230  67  THR A CG2 
542 N N   . HIS A 68 ? 0.6523 0.2616  0.4344 0.1699  -0.0433 0.0660  68  HIS A N   
543 C CA  . HIS A 68 ? 0.7190 0.2574  0.4471 0.1828  -0.0619 0.0428  68  HIS A CA  
544 C C   . HIS A 68 ? 0.8334 0.2959  0.5021 0.2219  -0.0684 0.0329  68  HIS A C   
545 O O   . HIS A 68 ? 0.8533 0.3084  0.5327 0.2327  -0.0677 0.0408  68  HIS A O   
546 C CB  . HIS A 68 ? 0.7018 0.2205  0.4548 0.1509  -0.0952 0.0290  68  HIS A CB  
547 C CG  . HIS A 68 ? 0.7042 0.1941  0.4777 0.1432  -0.1184 0.0286  68  HIS A CG  
548 N ND1 . HIS A 68 ? 0.7853 0.1917  0.5153 0.1610  -0.1454 0.0136  68  HIS A ND1 
549 C CD2 . HIS A 68 ? 0.6468 0.1776  0.4772 0.1193  -0.1194 0.0429  68  HIS A CD2 
550 C CE1 . HIS A 68 ? 0.7510 0.1488  0.5156 0.1466  -0.1628 0.0198  68  HIS A CE1 
551 N NE2 . HIS A 68 ? 0.7115 0.1861  0.5372 0.1221  -0.1459 0.0386  68  HIS A NE2 
552 N N   . GLU A 69 ? 0.9145 0.3153  0.5158 0.2442  -0.0756 0.0151  69  GLU A N   
553 C CA  . GLU A 69 ? 1.0105 0.3213  0.5410 0.2810  -0.0875 -0.0005 69  GLU A CA  
554 C C   . GLU A 69 ? 1.0136 0.2662  0.5522 0.2601  -0.1335 -0.0159 69  GLU A C   
555 O O   . GLU A 69 ? 0.9523 0.2110  0.5208 0.2266  -0.1592 -0.0222 69  GLU A O   
556 C CB  . GLU A 69 ? 1.1068 0.3659  0.5552 0.3090  -0.0838 -0.0153 69  GLU A CB  
557 C CG  . GLU A 69 ? 1.1388 0.4578  0.5828 0.3277  -0.0376 0.0038  69  GLU A CG  
558 C CD  . GLU A 69 ? 1.2429 0.5234  0.6171 0.3439  -0.0356 -0.0072 69  GLU A CD  
559 O OE1 . GLU A 69 ? 1.3528 0.5442  0.6599 0.3547  -0.0670 -0.0319 69  GLU A OE1 
560 O OE2 . GLU A 69 ? 1.2119 0.5494  0.5970 0.3444  -0.0048 0.0102  69  GLU A OE2 
561 N N   . THR A 70 ? 1.0488 0.2458  0.5647 0.2801  -0.1440 -0.0196 70  THR A N   
562 C CA  . THR A 70 ? 1.0619 0.2038  0.5917 0.2578  -0.1891 -0.0298 70  THR A CA  
563 C C   . THR A 70 ? 1.1175 0.1969  0.6100 0.2455  -0.2293 -0.0525 70  THR A C   
564 O O   . THR A 70 ? 1.2246 0.2577  0.6421 0.2714  -0.2274 -0.0679 70  THR A O   
565 C CB  . THR A 70 ? 1.1920 0.2608  0.6836 0.2875  -0.1973 -0.0340 70  THR A CB  
566 O OG1 . THR A 70 ? 1.3100 0.3068  0.7044 0.3359  -0.1869 -0.0513 70  THR A OG1 
567 C CG2 . THR A 70 ? 1.1524 0.2878  0.6979 0.2923  -0.1657 -0.0074 70  THR A CG2 
568 N N   . ARG A 71 ? 1.0700 0.1516  0.6172 0.2058  -0.2653 -0.0518 71  ARG A N   
569 C CA  . ARG A 71 ? 1.0987 0.1305  0.6272 0.1887  -0.3084 -0.0686 71  ARG A CA  
570 C C   . ARG A 71 ? 1.0556 0.1402  0.5972 0.1772  -0.2961 -0.0679 71  ARG A C   
571 O O   . ARG A 71 ? 1.0783 0.1239  0.5984 0.1681  -0.3292 -0.0807 71  ARG A O   
572 C CB  . ARG A 71 ? 1.2331 0.1464  0.6579 0.2204  -0.3365 -0.0937 71  ARG A CB  
573 C CG  . ARG A 71 ? 1.3815 0.2255  0.7890 0.2303  -0.3570 -0.0975 71  ARG A CG  
574 C CD  . ARG A 71 ? 1.3933 0.2229  0.8638 0.1864  -0.4064 -0.0929 71  ARG A CD  
575 N NE  . ARG A 71 ? 1.5018 0.2545  0.9293 0.1759  -0.4595 -0.1128 71  ARG A NE  
576 C CZ  . ARG A 71 ? 1.5189 0.2601  1.0013 0.1356  -0.5083 -0.1082 71  ARG A CZ  
577 N NH1 . ARG A 71 ? 1.5926 0.2629  1.0322 0.1275  -0.5589 -0.1254 71  ARG A NH1 
578 N NH2 . ARG A 71 ? 1.4372 0.2396  1.0182 0.1030  -0.5069 -0.0842 71  ARG A NH2 
579 N N   . HIS A 72 ? 0.9749 0.1453  0.5521 0.1764  -0.2517 -0.0520 72  HIS A N   
580 C CA  . HIS A 72 ? 0.9349 0.1533  0.5258 0.1651  -0.2387 -0.0500 72  HIS A CA  
581 C C   . HIS A 72 ? 0.8167 0.1315  0.4950 0.1341  -0.2163 -0.0315 72  HIS A C   
582 O O   . HIS A 72 ? 0.7665 0.1371  0.4527 0.1366  -0.1823 -0.0221 72  HIS A O   
583 C CB  . HIS A 72 ? 0.9836 0.1979  0.5083 0.1995  -0.2060 -0.0515 72  HIS A CB  
584 C CG  . HIS A 72 ? 1.1126 0.2295  0.5378 0.2350  -0.2222 -0.0707 72  HIS A CG  
585 N ND1 . HIS A 72 ? 1.1747 0.2319  0.5472 0.2361  -0.2541 -0.0875 72  HIS A ND1 
586 C CD2 . HIS A 72 ? 1.2070 0.2724  0.5710 0.2726  -0.2107 -0.0761 72  HIS A CD2 
587 C CE1 . HIS A 72 ? 1.2737 0.2431  0.5504 0.2718  -0.2628 -0.1040 72  HIS A CE1 
588 N NE2 . HIS A 72 ? 1.3063 0.2778  0.5758 0.2960  -0.2352 -0.0981 72  HIS A NE2 
589 N N   . PHE A 73 ? 0.7923 0.1244  0.5338 0.1049  -0.2360 -0.0255 73  PHE A N   
590 C CA  . PHE A 73 ? 0.7266 0.1427  0.5427 0.0772  -0.2152 -0.0095 73  PHE A CA  
591 C C   . PHE A 73 ? 0.7034 0.1281  0.5791 0.0462  -0.2429 -0.0074 73  PHE A C   
592 O O   . PHE A 73 ? 0.7109 0.0943  0.5961 0.0391  -0.2741 -0.0079 73  PHE A O   
593 C CB  . PHE A 73 ? 0.6794 0.1305  0.5190 0.0784  -0.1929 0.0067  73  PHE A CB  
594 C CG  . PHE A 73 ? 0.6268 0.1548  0.5352 0.0490  -0.1760 0.0226  73  PHE A CG  
595 C CD1 . PHE A 73 ? 0.5460 0.1349  0.4635 0.0460  -0.1434 0.0305  73  PHE A CD1 
596 C CD2 . PHE A 73 ? 0.6065 0.1438  0.5677 0.0243  -0.1932 0.0306  73  PHE A CD2 
597 C CE1 . PHE A 73 ? 0.4900 0.1410  0.4590 0.0202  -0.1292 0.0424  73  PHE A CE1 
598 C CE2 . PHE A 73 ? 0.5430 0.1478  0.5582 0.0004  -0.1745 0.0449  73  PHE A CE2 
599 C CZ  . PHE A 73 ? 0.4704 0.1288  0.4848 -0.0009 -0.1430 0.0489  73  PHE A CZ  
600 N N   . ILE A 74 ? 0.6075 0.0844  0.5246 0.0281  -0.2315 -0.0036 74  ILE A N   
601 C CA  . ILE A 74 ? 0.5388 0.0395  0.5238 0.0005  -0.2485 0.0035  74  ILE A CA  
602 C C   . ILE A 74 ? 0.5189 0.0953  0.5523 -0.0158 -0.2163 0.0134  74  ILE A C   
603 O O   . ILE A 74 ? 0.4794 0.0773  0.4937 -0.0097 -0.1942 0.0089  74  ILE A O   
604 C CB  . ILE A 74 ? 0.5995 0.0590  0.5827 -0.0031 -0.2865 -0.0065 74  ILE A CB  
605 C CG1 . ILE A 74 ? 0.5388 0.0170  0.5987 -0.0299 -0.3098 0.0059  74  ILE A CG1 
606 C CG2 . ILE A 74 ? 0.5538 0.0318  0.5252 0.0016  -0.2735 -0.0130 74  ILE A CG2 
607 C CD1 . ILE A 74 ? 0.6268 0.0691  0.6954 -0.0360 -0.3522 0.0004  74  ILE A CD1 
608 N N   . TYR A 75 ? 0.4954 0.1088  0.5880 -0.0363 -0.2134 0.0275  75  TYR A N   
609 C CA  . TYR A 75 ? 0.4430 0.1208  0.5766 -0.0510 -0.1843 0.0354  75  TYR A CA  
610 C C   . TYR A 75 ? 0.4474 0.1424  0.6463 -0.0692 -0.1987 0.0444  75  TYR A C   
611 O O   . TYR A 75 ? 0.4189 0.1090  0.6514 -0.0803 -0.2150 0.0573  75  TYR A O   
612 C CB  . TYR A 75 ? 0.3911 0.1075  0.5284 -0.0557 -0.1574 0.0482  75  TYR A CB  
613 C CG  . TYR A 75 ? 0.3628 0.1383  0.5356 -0.0718 -0.1300 0.0558  75  TYR A CG  
614 C CD1 . TYR A 75 ? 0.3641 0.1588  0.5248 -0.0708 -0.1117 0.0459  75  TYR A CD1 
615 C CD2 . TYR A 75 ? 0.3373 0.1452  0.5505 -0.0873 -0.1220 0.0731  75  TYR A CD2 
616 C CE1 . TYR A 75 ? 0.3301 0.1689  0.5130 -0.0834 -0.0870 0.0499  75  TYR A CE1 
617 C CE2 . TYR A 75 ? 0.3469 0.2037  0.5820 -0.0992 -0.0949 0.0787  75  TYR A CE2 
618 C CZ  . TYR A 75 ? 0.3320 0.2014  0.5491 -0.0963 -0.0778 0.0654  75  TYR A CZ  
619 O OH  . TYR A 75 ? 0.3189 0.2270  0.5476 -0.1059 -0.0514 0.0679  75  TYR A OH  
620 N N   . PHE A 76 ? 0.3594 0.0750  0.5802 -0.0719 -0.1926 0.0403  76  PHE A N   
621 C CA  . PHE A 76 ? 0.4067 0.1402  0.6946 -0.0853 -0.2068 0.0507  76  PHE A CA  
622 C C   . PHE A 76 ? 0.3963 0.1742  0.7149 -0.0870 -0.1804 0.0506  76  PHE A C   
623 O O   . PHE A 76 ? 0.3776 0.1574  0.6588 -0.0778 -0.1608 0.0380  76  PHE A O   
624 C CB  . PHE A 76 ? 0.4462 0.1279  0.7330 -0.0830 -0.2532 0.0457  76  PHE A CB  
625 C CG  . PHE A 76 ? 0.4496 0.1026  0.6931 -0.0680 -0.2610 0.0287  76  PHE A CG  
626 C CD1 . PHE A 76 ? 0.4418 0.1082  0.7244 -0.0702 -0.2702 0.0301  76  PHE A CD1 
627 C CD2 . PHE A 76 ? 0.4601 0.0745  0.6260 -0.0502 -0.2578 0.0140  76  PHE A CD2 
628 C CE1 . PHE A 76 ? 0.4530 0.0914  0.6950 -0.0566 -0.2784 0.0168  76  PHE A CE1 
629 C CE2 . PHE A 76 ? 0.4221 0.0109  0.5470 -0.0369 -0.2635 0.0016  76  PHE A CE2 
630 C CZ  . PHE A 76 ? 0.4560 0.0550  0.6177 -0.0409 -0.2751 0.0028  76  PHE A CZ  
631 N N   . TYR A 77 ? 0.3642 0.1774  0.7530 -0.0986 -0.1791 0.0664  77  TYR A N   
632 C CA  . TYR A 77 ? 0.3363 0.1878  0.7612 -0.0966 -0.1555 0.0677  77  TYR A CA  
633 C C   . TYR A 77 ? 0.3674 0.2042  0.8289 -0.0938 -0.1866 0.0686  77  TYR A C   
634 O O   . TYR A 77 ? 0.3456 0.1644  0.8379 -0.1023 -0.2237 0.0787  77  TYR A O   
635 C CB  . TYR A 77 ? 0.3877 0.2938  0.8695 -0.1077 -0.1286 0.0881  77  TYR A CB  
636 C CG  . TYR A 77 ? 0.4001 0.3319  0.8460 -0.1075 -0.0875 0.0845  77  TYR A CG  
637 C CD1 . TYR A 77 ? 0.4048 0.3570  0.8412 -0.0999 -0.0553 0.0750  77  TYR A CD1 
638 C CD2 . TYR A 77 ? 0.4008 0.3326  0.8202 -0.1149 -0.0831 0.0909  77  TYR A CD2 
639 C CE1 . TYR A 77 ? 0.3894 0.3591  0.7870 -0.1018 -0.0226 0.0707  77  TYR A CE1 
640 C CE2 . TYR A 77 ? 0.3594 0.3145  0.7448 -0.1164 -0.0501 0.0893  77  TYR A CE2 
641 C CZ  . TYR A 77 ? 0.3876 0.3606  0.7605 -0.1111 -0.0212 0.0786  77  TYR A CZ  
642 O OH  . TYR A 77 ? 0.3781 0.3683  0.7112 -0.1147 0.0068  0.0759  77  TYR A OH  
643 N N   . LEU A 78 ? 0.3416 0.1823  0.7980 -0.0824 -0.1745 0.0585  78  LEU A N   
644 C CA  . LEU A 78 ? 0.3992 0.2358  0.8996 -0.0786 -0.2000 0.0629  78  LEU A CA  
645 C C   . LEU A 78 ? 0.4083 0.2891  0.9483 -0.0710 -0.1631 0.0664  78  LEU A C   
646 O O   . LEU A 78 ? 0.4397 0.3114  0.9383 -0.0595 -0.1415 0.0505  78  LEU A O   
647 C CB  . LEU A 78 ? 0.4431 0.2251  0.8829 -0.0673 -0.2265 0.0455  78  LEU A CB  
648 C CG  . LEU A 78 ? 0.4944 0.2583  0.9669 -0.0646 -0.2666 0.0504  78  LEU A CG  
649 C CD1 . LEU A 78 ? 0.4576 0.2108  0.9710 -0.0797 -0.3096 0.0651  78  LEU A CD1 
650 C CD2 . LEU A 78 ? 0.4923 0.2021  0.8891 -0.0516 -0.2839 0.0326  78  LEU A CD2 
651 N N   . GLY A 79 ? 0.3850 0.3127  1.0051 -0.0770 -0.1546 0.0883  79  GLY A N   
652 C CA  . GLY A 79 ? 0.4228 0.3957  1.0766 -0.0673 -0.1102 0.0928  79  GLY A CA  
653 C C   . GLY A 79 ? 0.4219 0.4082  1.0294 -0.0699 -0.0693 0.0859  79  GLY A C   
654 O O   . GLY A 79 ? 0.4027 0.3932  1.0011 -0.0835 -0.0717 0.0940  79  GLY A O   
655 N N   . GLN A 80 ? 0.4465 0.4351  1.0214 -0.0573 -0.0344 0.0711  80  GLN A N   
656 C CA  A GLN A 80 ? 0.4339 0.4325  0.9599 -0.0607 0.0017  0.0637  80  GLN A CA  
657 C CA  B GLN A 80 ? 0.4371 0.4355  0.9631 -0.0603 0.0022  0.0634  80  GLN A CA  
658 C C   . GLN A 80 ? 0.4096 0.3680  0.8515 -0.0638 -0.0046 0.0425  80  GLN A C   
659 O O   . GLN A 80 ? 0.4107 0.3724  0.8059 -0.0678 0.0200  0.0348  80  GLN A O   
660 C CB  A GLN A 80 ? 0.4513 0.4736  0.9856 -0.0466 0.0453  0.0605  80  GLN A CB  
661 C CB  B GLN A 80 ? 0.4609 0.4799  0.9938 -0.0453 0.0442  0.0588  80  GLN A CB  
662 C CG  A GLN A 80 ? 0.4693 0.5448  1.0849 -0.0433 0.0648  0.0867  80  GLN A CG  
663 C CG  B GLN A 80 ? 0.4946 0.4960  1.0427 -0.0272 0.0394  0.0491  80  GLN A CG  
664 C CD  A GLN A 80 ? 0.4962 0.5936  1.0985 -0.0290 0.1168  0.0830  80  GLN A CD  
665 C CD  B GLN A 80 ? 0.5053 0.5364  1.1467 -0.0210 0.0242  0.0717  80  GLN A CD  
666 O OE1 A GLN A 80 ? 0.5104 0.5907  1.0393 -0.0316 0.1374  0.0662  80  GLN A OE1 
667 O OE1 B GLN A 80 ? 0.5142 0.5265  1.1744 -0.0120 -0.0002 0.0693  80  GLN A OE1 
668 N NE2 A GLN A 80 ? 0.5111 0.6459  1.1836 -0.0132 0.1380  0.0995  80  GLN A NE2 
669 N NE2 B GLN A 80 ? 0.5163 0.5961  1.2193 -0.0269 0.0372  0.0968  80  GLN A NE2 
670 N N   . VAL A 81 ? 0.3488 0.2705  0.7713 -0.0623 -0.0383 0.0351  81  VAL A N   
671 C CA  . VAL A 81 ? 0.3435 0.2317  0.6931 -0.0640 -0.0438 0.0199  81  VAL A CA  
672 C C   . VAL A 81 ? 0.2988 0.1734  0.6330 -0.0719 -0.0680 0.0262  81  VAL A C   
673 O O   . VAL A 81 ? 0.3077 0.1739  0.6753 -0.0739 -0.0967 0.0357  81  VAL A O   
674 C CB  . VAL A 81 ? 0.3696 0.2217  0.6920 -0.0529 -0.0567 0.0061  81  VAL A CB  
675 C CG1 . VAL A 81 ? 0.3644 0.1875  0.6920 -0.0499 -0.0970 0.0092  81  VAL A CG1 
676 C CG2 . VAL A 81 ? 0.4039 0.2368  0.6584 -0.0550 -0.0445 -0.0075 81  VAL A CG2 
677 N N   . ALA A 82 ? 0.2432 0.1142  0.5275 -0.0765 -0.0575 0.0217  82  ALA A N   
678 C CA  . ALA A 82 ? 0.2835 0.1376  0.5473 -0.0793 -0.0769 0.0266  82  ALA A CA  
679 C C   . ALA A 82 ? 0.2962 0.1106  0.5082 -0.0691 -0.0923 0.0147  82  ALA A C   
680 O O   . ALA A 82 ? 0.3133 0.1226  0.4939 -0.0654 -0.0795 0.0050  82  ALA A O   
681 C CB  . ALA A 82 ? 0.2345 0.1129  0.4819 -0.0885 -0.0571 0.0340  82  ALA A CB  
682 N N   . ILE A 83 ? 0.3170 0.1004  0.5179 -0.0643 -0.1198 0.0164  83  ILE A N   
683 C CA  . ILE A 83 ? 0.3282 0.0712  0.4757 -0.0511 -0.1333 0.0068  83  ILE A CA  
684 C C   . ILE A 83 ? 0.3648 0.0905  0.4786 -0.0458 -0.1386 0.0098  83  ILE A C   
685 O O   . ILE A 83 ? 0.3328 0.0441  0.4624 -0.0481 -0.1579 0.0155  83  ILE A O   
686 C CB  . ILE A 83 ? 0.3909 0.0976  0.5443 -0.0439 -0.1656 0.0022  83  ILE A CB  
687 C CG1 . ILE A 83 ? 0.4363 0.1620  0.6275 -0.0458 -0.1588 0.0012  83  ILE A CG1 
688 C CG2 . ILE A 83 ? 0.3624 0.0242  0.4507 -0.0282 -0.1773 -0.0070 83  ILE A CG2 
689 C CD1 . ILE A 83 ? 0.5063 0.2044  0.7150 -0.0405 -0.1926 0.0008  83  ILE A CD1 
690 N N   . LEU A 84 ? 0.3651 0.0929  0.4355 -0.0388 -0.1213 0.0078  84  LEU A N   
691 C CA  . LEU A 84 ? 0.4039 0.1155  0.4395 -0.0276 -0.1223 0.0114  84  LEU A CA  
692 C C   . LEU A 84 ? 0.4495 0.1181  0.4324 -0.0077 -0.1319 0.0030  84  LEU A C   
693 O O   . LEU A 84 ? 0.4134 0.0872  0.3776 -0.0052 -0.1200 0.0002  84  LEU A O   
694 C CB  . LEU A 84 ? 0.3237 0.0764  0.3539 -0.0332 -0.0944 0.0204  84  LEU A CB  
695 C CG  . LEU A 84 ? 0.3298 0.0752  0.3259 -0.0181 -0.0888 0.0271  84  LEU A CG  
696 C CD1 . LEU A 84 ? 0.3632 0.0819  0.3632 -0.0111 -0.1062 0.0309  84  LEU A CD1 
697 C CD2 . LEU A 84 ? 0.3254 0.1193  0.3266 -0.0279 -0.0646 0.0388  84  LEU A CD2 
698 N N   . LEU A 85 ? 0.4522 0.0743  0.4072 0.0066  -0.1538 -0.0006 85  LEU A N   
699 C CA  . LEU A 85 ? 0.4987 0.0730  0.3935 0.0286  -0.1630 -0.0093 85  LEU A CA  
700 C C   . LEU A 85 ? 0.5898 0.1284  0.4406 0.0498  -0.1656 -0.0096 85  LEU A C   
701 O O   . LEU A 85 ? 0.5859 0.0946  0.4429 0.0491  -0.1880 -0.0117 85  LEU A O   
702 C CB  . LEU A 85 ? 0.5280 0.0612  0.4222 0.0277  -0.1972 -0.0188 85  LEU A CB  
703 C CG  . LEU A 85 ? 0.5872 0.0584  0.4109 0.0505  -0.2150 -0.0290 85  LEU A CG  
704 C CD1 . LEU A 85 ? 0.5934 0.0776  0.3852 0.0596  -0.1904 -0.0271 85  LEU A CD1 
705 C CD2 . LEU A 85 ? 0.6224 0.0535  0.4549 0.0444  -0.2578 -0.0363 85  LEU A CD2 
706 N N   . PHE A 86 ? 0.5758 0.1168  0.3840 0.0692  -0.1422 -0.0061 86  PHE A N   
707 C CA  . PHE A 86 ? 0.6434 0.1562  0.4118 0.0939  -0.1374 -0.0045 86  PHE A CA  
708 C C   . PHE A 86 ? 0.6792 0.1749  0.3863 0.1223  -0.1183 -0.0039 86  PHE A C   
709 O O   . PHE A 86 ? 0.5985 0.1229  0.3053 0.1182  -0.1015 0.0015  86  PHE A O   
710 C CB  . PHE A 86 ? 0.5792 0.1421  0.3866 0.0862  -0.1171 0.0109  86  PHE A CB  
711 C CG  . PHE A 86 ? 0.5497 0.1762  0.3735 0.0801  -0.0843 0.0253  86  PHE A CG  
712 C CD1 . PHE A 86 ? 0.5483 0.1890  0.3480 0.1022  -0.0601 0.0375  86  PHE A CD1 
713 C CD2 . PHE A 86 ? 0.4714 0.1418  0.3352 0.0526  -0.0785 0.0275  86  PHE A CD2 
714 C CE1 . PHE A 86 ? 0.4761 0.1770  0.2967 0.0927  -0.0345 0.0539  86  PHE A CE1 
715 C CE2 . PHE A 86 ? 0.4181 0.1399  0.2937 0.0437  -0.0538 0.0402  86  PHE A CE2 
716 C CZ  . PHE A 86 ? 0.4452 0.1838  0.3018 0.0617  -0.0336 0.0543  86  PHE A CZ  
717 N N   . LYS A 87 ? 0.7374 0.1838  0.3917 0.1523  -0.1202 -0.0085 87  LYS A N   
718 C CA  . LYS A 87 ? 0.7937 0.2200  0.3838 0.1855  -0.0985 -0.0066 87  LYS A CA  
719 C C   . LYS A 87 ? 0.8170 0.2858  0.4170 0.2025  -0.0631 0.0120  87  LYS A C   
720 O O   . LYS A 87 ? 0.8314 0.2901  0.4405 0.2100  -0.0665 0.0133  87  LYS A O   
721 C CB  . LYS A 87 ? 0.9261 0.2593  0.4391 0.2125  -0.1243 -0.0262 87  LYS A CB  
722 C CG  . LYS A 87 ? 0.9917 0.2906  0.4232 0.2500  -0.1043 -0.0272 87  LYS A CG  
723 C CD  . LYS A 87 ? 1.1356 0.3329  0.4856 0.2697  -0.1397 -0.0512 87  LYS A CD  
724 C CE  . LYS A 87 ? 1.2105 0.3687  0.4707 0.3045  -0.1230 -0.0536 87  LYS A CE  
725 N NZ  . LYS A 87 ? 1.2627 0.4356  0.4919 0.3428  -0.0770 -0.0406 87  LYS A NZ  
726 N N   . SER A 88 ? 0.8062 0.3240  0.4089 0.2077  -0.0307 0.0291  88  SER A N   
727 C CA  . SER A 88 ? 0.8303 0.3910  0.4420 0.2277  0.0035  0.0509  88  SER A CA  
728 C C   . SER A 88 ? 0.9004 0.4796  0.4811 0.2477  0.0342  0.0654  88  SER A C   
729 O O   . SER A 88 ? 0.8186 0.4431  0.4279 0.2244  0.0428  0.0766  88  SER A O   
730 C CB  . SER A 88 ? 0.7839 0.4216  0.4730 0.1969  0.0114  0.0686  88  SER A CB  
731 O OG  . SER A 88 ? 0.8034 0.4808  0.5060 0.2168  0.0388  0.0912  88  SER A OG  
732 N N   . GLY A 89 ? 0.9637 0.5044  0.4836 0.2918  0.0516  0.0661  89  GLY A N   
733 C CA  . GLY A 89 ? 1.0606 0.6115  0.5413 0.3167  0.0835  0.0813  89  GLY A CA  
734 C C   . GLY A 89 ? 1.1822 0.6480  0.5733 0.3391  0.0687  0.0590  89  GLY A C   
735 O O   . GLY A 89 ? 1.2018 0.6058  0.5700 0.3289  0.0295  0.0324  89  GLY A O   
736 O OXT . GLY A 89 ? 1.2653 0.7221  0.6041 0.3672  0.0947  0.0688  89  GLY A OXT 
737 N N   . ALA B 7  ? 1.2482 0.4210  0.6921 0.4590  -0.0232 0.0307  287 ALA C N   
738 C CA  . ALA B 7  ? 1.2876 0.4368  0.6907 0.4433  -0.0379 0.0095  287 ALA C CA  
739 C C   . ALA B 7  ? 1.1690 0.4044  0.6493 0.3874  -0.0460 0.0204  287 ALA C C   
740 O O   . ALA B 7  ? 1.1829 0.3979  0.6491 0.3632  -0.0698 0.0036  287 ALA C O   
741 C CB  . ALA B 7  ? 1.3367 0.4848  0.6774 0.4868  0.0007  0.0095  287 ALA C CB  
742 N N   . THR B 8  ? 1.0759 0.4046  0.6350 0.3685  -0.0268 0.0487  288 THR C N   
743 C CA  . THR B 8  ? 0.9677 0.3760  0.5947 0.3185  -0.0312 0.0590  288 THR C CA  
744 C C   . THR B 8  ? 0.8864 0.3321  0.5825 0.2862  -0.0453 0.0738  288 THR C C   
745 O O   . THR B 8  ? 0.8668 0.3037  0.5721 0.3041  -0.0416 0.0859  288 THR C O   
746 C CB  . THR B 8  ? 0.9328 0.4300  0.5864 0.3196  0.0071  0.0812  288 THR C CB  
747 O OG1 . THR B 8  ? 0.8882 0.4367  0.5759 0.3389  0.0337  0.1090  288 THR C OG1 
748 C CG2 . THR B 8  ? 0.9792 0.4451  0.5660 0.3506  0.0245  0.0710  288 THR C CG2 
749 N N   . SER B 9  ? 0.8172 0.3026  0.5594 0.2406  -0.0603 0.0737  289 SER C N   
750 C CA  . SER B 9  ? 0.7951 0.3241  0.6009 0.2077  -0.0695 0.0898  289 SER C CA  
751 C C   . SER B 9  ? 0.7016 0.3156  0.5549 0.1726  -0.0570 0.1009  289 SER C C   
752 O O   . SER B 9  ? 0.6579 0.2827  0.4976 0.1674  -0.0509 0.0915  289 SER C O   
753 C CB  . SER B 9  ? 0.8374 0.3090  0.6479 0.1864  -0.1077 0.0760  289 SER C CB  
754 O OG  . SER B 9  ? 0.9958 0.3714  0.7477 0.2160  -0.1265 0.0579  289 SER C OG  
755 N N   . ALA B 10 ? 0.6294 0.2989  0.5339 0.1489  -0.0541 0.1211  290 ALA C N   
756 C CA  . ALA B 10 ? 0.5623 0.3027  0.5054 0.1138  -0.0459 0.1292  290 ALA C CA  
757 C C   . ALA B 10 ? 0.5394 0.2742  0.5098 0.0798  -0.0668 0.1223  290 ALA C C   
758 O O   . ALA B 10 ? 0.5285 0.2381  0.5121 0.0761  -0.0824 0.1274  290 ALA C O   
759 C CB  . ALA B 10 ? 0.5277 0.3369  0.5036 0.1100  -0.0281 0.1575  290 ALA C CB  
760 N N   . LYS B 11 ? 0.4834 0.2414  0.4638 0.0562  -0.0660 0.1128  291 LYS C N   
761 C CA  . LYS B 11 ? 0.4460 0.2059  0.4562 0.0267  -0.0806 0.1079  291 LYS C CA  
762 C C   . LYS B 11 ? 0.4200 0.2433  0.4562 -0.0009 -0.0655 0.1146  291 LYS C C   
763 O O   . LYS B 11 ? 0.3501 0.1990  0.3750 -0.0012 -0.0515 0.1118  291 LYS C O   
764 C CB  . LYS B 11 ? 0.4887 0.2003  0.4829 0.0276  -0.0989 0.0856  291 LYS C CB  
765 C CG  . LYS B 11 ? 0.5419 0.1788  0.5097 0.0465  -0.1237 0.0759  291 LYS C CG  
766 C CD  . LYS B 11 ? 0.6051 0.2294  0.6085 0.0293  -0.1432 0.0858  291 LYS C CD  
767 C CE  . LYS B 11 ? 0.6785 0.2198  0.6566 0.0408  -0.1765 0.0726  291 LYS C CE  
768 N NZ  . LYS B 11 ? 0.7185 0.2090  0.6387 0.0787  -0.1735 0.0653  291 LYS C NZ  
769 N N   . ALA B 12 ? 0.3552 0.2001  0.4232 -0.0237 -0.0685 0.1238  292 ALA C N   
770 C CA  . ALA B 12 ? 0.3228 0.2154  0.4076 -0.0493 -0.0559 0.1258  292 ALA C CA  
771 C C   . ALA B 12 ? 0.3416 0.2213  0.4464 -0.0634 -0.0638 0.1142  292 ALA C C   
772 O O   . ALA B 12 ? 0.3128 0.1651  0.4362 -0.0643 -0.0799 0.1165  292 ALA C O   
773 C CB  . ALA B 12 ? 0.3420 0.2743  0.4427 -0.0628 -0.0487 0.1481  292 ALA C CB  
774 N N   . THR B 13 ? 0.2680 0.1663  0.3715 -0.0739 -0.0535 0.1030  293 THR C N   
775 C CA  . THR B 13 ? 0.2728 0.1686  0.4014 -0.0857 -0.0562 0.0946  293 THR C CA  
776 C C   . THR B 13 ? 0.2399 0.1772  0.3731 -0.1032 -0.0356 0.0961  293 THR C C   
777 O O   . THR B 13 ? 0.1777 0.1342  0.2865 -0.1064 -0.0242 0.0950  293 THR C O   
778 C CB  . THR B 13 ? 0.3164 0.1799  0.4347 -0.0757 -0.0663 0.0753  293 THR C CB  
779 O OG1 . THR B 13 ? 0.3395 0.2177  0.4345 -0.0763 -0.0517 0.0665  293 THR C OG1 
780 C CG2 . THR B 13 ? 0.3362 0.1511  0.4311 -0.0551 -0.0858 0.0703  293 THR C CG2 
781 N N   . GLN B 14 ? 0.2294 0.1791  0.3925 -0.1145 -0.0309 0.0995  294 GLN C N   
782 C CA  . GLN B 14 ? 0.2529 0.2339  0.4123 -0.1273 -0.0088 0.0976  294 GLN C CA  
783 C C   . GLN B 14 ? 0.2575 0.2387  0.4503 -0.1288 -0.0044 0.0920  294 GLN C C   
784 O O   . GLN B 14 ? 0.2469 0.2264  0.4794 -0.1303 -0.0136 0.1034  294 GLN C O   
785 C CB  . GLN B 14 ? 0.2532 0.2649  0.4104 -0.1391 0.0021  0.1171  294 GLN C CB  
786 C CG  . GLN B 14 ? 0.2371 0.2746  0.3797 -0.1509 0.0252  0.1146  294 GLN C CG  
787 C CD  . GLN B 14 ? 0.2865 0.3218  0.3875 -0.1533 0.0308  0.0978  294 GLN C CD  
788 O OE1 . GLN B 14 ? 0.2541 0.2924  0.3328 -0.1547 0.0230  0.1016  294 GLN C OE1 
789 N NE2 . GLN B 14 ? 0.2714 0.3013  0.3646 -0.1539 0.0440  0.0811  294 GLN C NE2 
790 N N   . THR B 15 ? 0.2235 0.2065  0.4041 -0.1282 0.0087  0.0763  295 THR C N   
791 C CA  . THR B 15 ? 0.2352 0.2243  0.4509 -0.1268 0.0176  0.0733  295 THR C CA  
792 C C   . THR B 15 ? 0.2774 0.3007  0.5094 -0.1358 0.0396  0.0892  295 THR C C   
793 O O   . THR B 15 ? 0.3118 0.3501  0.5097 -0.1437 0.0522  0.0938  295 THR C O   
794 C CB  . THR B 15 ? 0.2666 0.2457  0.4608 -0.1216 0.0290  0.0527  295 THR C CB  
795 O OG1 . THR B 15 ? 0.2632 0.2509  0.4110 -0.1295 0.0453  0.0471  295 THR C OG1 
796 C CG2 . THR B 15 ? 0.2228 0.1688  0.4048 -0.1121 0.0084  0.0400  295 THR C CG2 
797 N N   . ASP B 16 ? 0.3058 0.3434  0.5901 -0.1352 0.0438  0.1001  296 ASP C N   
798 C CA  . ASP B 16 ? 0.4142 0.4875  0.7144 -0.1419 0.0700  0.1180  296 ASP C CA  
799 C C   . ASP B 16 ? 0.4271 0.5137  0.7279 -0.1337 0.0999  0.1079  296 ASP C C   
800 O O   . ASP B 16 ? 0.4233 0.4922  0.6781 -0.1285 0.1078  0.0853  296 ASP C O   
801 C CB  . ASP B 16 ? 0.4471 0.5355  0.8096 -0.1487 0.0590  0.1450  296 ASP C CB  
802 C CG  . ASP B 16 ? 0.5054 0.5777  0.9199 -0.1440 0.0337  0.1436  296 ASP C CG  
803 O OD1 . ASP B 16 ? 0.5651 0.6251  1.0111 -0.1508 0.0063  0.1578  296 ASP C OD1 
804 O OD2 . ASP B 16 ? 0.5351 0.6034  0.9571 -0.1338 0.0386  0.1286  296 ASP C OD2 
# 
loop_
_pdbx_poly_seq_scheme.asym_id 
_pdbx_poly_seq_scheme.entity_id 
_pdbx_poly_seq_scheme.seq_id 
_pdbx_poly_seq_scheme.mon_id 
_pdbx_poly_seq_scheme.ndb_seq_num 
_pdbx_poly_seq_scheme.pdb_seq_num 
_pdbx_poly_seq_scheme.auth_seq_num 
_pdbx_poly_seq_scheme.pdb_mon_id 
_pdbx_poly_seq_scheme.auth_mon_id 
_pdbx_poly_seq_scheme.pdb_strand_id 
_pdbx_poly_seq_scheme.pdb_ins_code 
_pdbx_poly_seq_scheme.hetero 
A 1 1  MET 1  1   ?   ?   ?   A . n 
A 1 2  SER 2  2   ?   ?   ?   A . n 
A 1 3  ASP 3  3   3   ASP ASP A . n 
A 1 4  ARG 4  4   4   ARG ARG A . n 
A 1 5  LYS 5  5   5   LYS LYS A . n 
A 1 6  ALA 6  6   6   ALA ALA A . n 
A 1 7  VAL 7  7   7   VAL VAL A . n 
A 1 8  ILE 8  8   8   ILE ILE A . n 
A 1 9  LYS 9  9   9   LYS LYS A . n 
A 1 10 ASN 10 10  10  ASN ASN A . n 
A 1 11 ALA 11 11  11  ALA ALA A . n 
A 1 12 ASP 12 12  12  ASP ASP A . n 
A 1 13 MET 13 13  13  MET MET A . n 
A 1 14 SER 14 14  14  SER SER A . n 
A 1 15 GLU 15 15  15  GLU GLU A . n 
A 1 16 GLU 16 16  16  GLU GLU A . n 
A 1 17 MET 17 17  17  MET MET A . n 
A 1 18 GLN 18 18  18  GLN GLN A . n 
A 1 19 GLN 19 19  19  GLN GLN A . n 
A 1 20 ASP 20 20  20  ASP ASP A . n 
A 1 21 ALA 21 21  21  ALA ALA A . n 
A 1 22 VAL 22 22  22  VAL VAL A . n 
A 1 23 ASP 23 23  23  ASP ASP A . n 
A 1 24 CYS 24 24  24  CYS CYS A . n 
A 1 25 ALA 25 25  25  ALA ALA A . n 
A 1 26 THR 26 26  26  THR THR A . n 
A 1 27 GLN 27 27  27  GLN GLN A . n 
A 1 28 ALA 28 28  28  ALA ALA A . n 
A 1 29 LEU 29 29  29  LEU LEU A . n 
A 1 30 GLU 30 30  30  GLU GLU A . n 
A 1 31 LYS 31 31  31  LYS LYS A . n 
A 1 32 TYR 32 32  32  TYR TYR A . n 
A 1 33 ASN 33 33  33  ASN ASN A . n 
A 1 34 ILE 34 34  34  ILE ILE A . n 
A 1 35 GLU 35 35  35  GLU GLU A . n 
A 1 36 LYS 36 36  36  LYS LYS A . n 
A 1 37 ASP 37 37  37  ASP ASP A . n 
A 1 38 ILE 38 38  38  ILE ILE A . n 
A 1 39 ALA 39 39  39  ALA ALA A . n 
A 1 40 ALA 40 40  40  ALA ALA A . n 
A 1 41 TYR 41 41  41  TYR TYR A . n 
A 1 42 ILE 42 42  42  ILE ILE A . n 
A 1 43 LYS 43 43  43  LYS LYS A . n 
A 1 44 LYS 44 44  44  LYS LYS A . n 
A 1 45 GLU 45 45  45  GLU GLU A . n 
A 1 46 PHE 46 46  46  PHE PHE A . n 
A 1 47 ASP 47 47  47  ASP ASP A . n 
A 1 48 LYS 48 48  48  LYS LYS A . n 
A 1 49 LYS 49 49  49  LYS LYS A . n 
A 1 50 TYR 50 50  50  TYR TYR A . n 
A 1 51 ASN 51 51  51  ASN ASN A . n 
A 1 52 PRO 52 52  52  PRO PRO A . n 
A 1 53 THR 53 53  53  THR THR A . n 
A 1 54 TRP 54 54  54  TRP TRP A . n 
A 1 55 HIS 55 55  55  HIS HIS A . n 
A 1 56 CYS 56 56  56  CYS CYS A . n 
A 1 57 ILE 57 57  57  ILE ILE A . n 
A 1 58 VAL 58 58  58  VAL VAL A . n 
A 1 59 GLY 59 59  59  GLY GLY A . n 
A 1 60 ARG 60 60  60  ARG ARG A . n 
A 1 61 ASN 61 61  61  ASN ASN A . n 
A 1 62 PHE 62 62  62  PHE PHE A . n 
A 1 63 GLY 63 63  63  GLY GLY A . n 
A 1 64 SER 64 64  64  SER SER A . n 
A 1 65 TYR 65 65  65  TYR TYR A . n 
A 1 66 VAL 66 66  66  VAL VAL A . n 
A 1 67 THR 67 67  67  THR THR A . n 
A 1 68 HIS 68 68  68  HIS HIS A . n 
A 1 69 GLU 69 69  69  GLU GLU A . n 
A 1 70 THR 70 70  70  THR THR A . n 
A 1 71 ARG 71 71  71  ARG ARG A . n 
A 1 72 HIS 72 72  72  HIS HIS A . n 
A 1 73 PHE 73 73  73  PHE PHE A . n 
A 1 74 ILE 74 74  74  ILE ILE A . n 
A 1 75 TYR 75 75  75  TYR TYR A . n 
A 1 76 PHE 76 76  76  PHE PHE A . n 
A 1 77 TYR 77 77  77  TYR TYR A . n 
A 1 78 LEU 78 78  78  LEU LEU A . n 
A 1 79 GLY 79 79  79  GLY GLY A . n 
A 1 80 GLN 80 80  80  GLN GLN A . n 
A 1 81 VAL 81 81  81  VAL VAL A . n 
A 1 82 ALA 82 82  82  ALA ALA A . n 
A 1 83 ILE 83 83  83  ILE ILE A . n 
A 1 84 LEU 84 84  84  LEU LEU A . n 
A 1 85 LEU 85 85  85  LEU LEU A . n 
A 1 86 PHE 86 86  86  PHE PHE A . n 
A 1 87 LYS 87 87  87  LYS LYS A . n 
A 1 88 SER 88 88  88  SER SER A . n 
A 1 89 GLY 89 89  89  GLY GLY A . n 
B 2 1  MET 1  281 ?   ?   ?   C . n 
B 2 2  TYR 2  282 ?   ?   ?   C . n 
B 2 3  HIS 3  283 ?   ?   ?   C . n 
B 2 4  ILE 4  284 ?   ?   ?   C . n 
B 2 5  ARG 5  285 ?   ?   ?   C . n 
B 2 6  SER 6  286 ?   ?   ?   C . n 
B 2 7  ALA 7  287 287 ALA ALA C . n 
B 2 8  THR 8  288 288 THR THR C . n 
B 2 9  SER 9  289 289 SER SER C . n 
B 2 10 ALA 10 290 290 ALA ALA C . n 
B 2 11 LYS 11 291 291 LYS LYS C . n 
B 2 12 ALA 12 292 292 ALA ALA C . n 
B 2 13 THR 13 293 293 THR THR C . n 
B 2 14 GLN 14 294 294 GLN GLN C . n 
B 2 15 THR 15 295 295 THR THR C . n 
B 2 16 ASP 16 296 296 ASP ASP C . n 
# 
loop_
_pdbx_nonpoly_scheme.asym_id 
_pdbx_nonpoly_scheme.entity_id 
_pdbx_nonpoly_scheme.mon_id 
_pdbx_nonpoly_scheme.ndb_seq_num 
_pdbx_nonpoly_scheme.pdb_seq_num 
_pdbx_nonpoly_scheme.auth_seq_num 
_pdbx_nonpoly_scheme.pdb_mon_id 
_pdbx_nonpoly_scheme.auth_mon_id 
_pdbx_nonpoly_scheme.pdb_strand_id 
_pdbx_nonpoly_scheme.pdb_ins_code 
C 3 ACT 1  91  91 ACT ACT A . 
D 4 HOH 1  92  3  HOH HOH A . 
D 4 HOH 2  93  4  HOH HOH A . 
D 4 HOH 3  94  5  HOH HOH A . 
D 4 HOH 4  95  8  HOH HOH A . 
D 4 HOH 5  96  9  HOH HOH A . 
D 4 HOH 6  97  10 HOH HOH A . 
D 4 HOH 7  98  11 HOH HOH A . 
D 4 HOH 8  99  13 HOH HOH A . 
D 4 HOH 9  100 14 HOH HOH A . 
D 4 HOH 10 101 15 HOH HOH A . 
D 4 HOH 11 102 16 HOH HOH A . 
D 4 HOH 12 103 17 HOH HOH A . 
D 4 HOH 13 104 18 HOH HOH A . 
D 4 HOH 14 105 20 HOH HOH A . 
D 4 HOH 15 106 21 HOH HOH A . 
D 4 HOH 16 107 22 HOH HOH A . 
D 4 HOH 17 108 24 HOH HOH A . 
D 4 HOH 18 109 25 HOH HOH A . 
D 4 HOH 19 110 26 HOH HOH A . 
D 4 HOH 20 111 27 HOH HOH A . 
D 4 HOH 21 112 28 HOH HOH A . 
D 4 HOH 22 113 29 HOH HOH A . 
D 4 HOH 23 114 30 HOH HOH A . 
D 4 HOH 24 115 32 HOH HOH A . 
D 4 HOH 25 116 34 HOH HOH A . 
D 4 HOH 26 117 35 HOH HOH A . 
D 4 HOH 27 118 36 HOH HOH A . 
D 4 HOH 28 119 39 HOH HOH A . 
D 4 HOH 29 120 40 HOH HOH A . 
D 4 HOH 30 121 41 HOH HOH A . 
D 4 HOH 31 122 43 HOH HOH A . 
D 4 HOH 32 123 44 HOH HOH A . 
D 4 HOH 33 124 45 HOH HOH A . 
D 4 HOH 34 125 46 HOH HOH A . 
D 4 HOH 35 126 47 HOH HOH A . 
D 4 HOH 36 127 48 HOH HOH A . 
D 4 HOH 37 128 49 HOH HOH A . 
D 4 HOH 38 129 50 HOH HOH A . 
D 4 HOH 39 130 51 HOH HOH A . 
D 4 HOH 40 131 52 HOH HOH A . 
D 4 HOH 41 132 53 HOH HOH A . 
D 4 HOH 42 133 54 HOH HOH A . 
D 4 HOH 43 134 55 HOH HOH A . 
D 4 HOH 44 135 56 HOH HOH A . 
D 4 HOH 45 136 57 HOH HOH A . 
D 4 HOH 46 137 58 HOH HOH A . 
D 4 HOH 47 138 60 HOH HOH A . 
D 4 HOH 48 139 61 HOH HOH A . 
D 4 HOH 49 140 12 HOH HOH A . 
E 4 HOH 1  1   1  HOH HOH C . 
E 4 HOH 2  2   2  HOH HOH C . 
E 4 HOH 3  6   6  HOH HOH C . 
E 4 HOH 4  7   7  HOH HOH C . 
E 4 HOH 5  19  19 HOH HOH C . 
E 4 HOH 6  23  23 HOH HOH C . 
E 4 HOH 7  31  31 HOH HOH C . 
E 4 HOH 8  33  33 HOH HOH C . 
E 4 HOH 9  37  37 HOH HOH C . 
E 4 HOH 10 38  38 HOH HOH C . 
E 4 HOH 11 42  42 HOH HOH C . 
E 4 HOH 12 59  59 HOH HOH C . 
# 
_pdbx_struct_assembly.id                   1 
_pdbx_struct_assembly.details              author_and_software_defined_assembly 
_pdbx_struct_assembly.method_details       PISA 
_pdbx_struct_assembly.oligomeric_details   tetrameric 
_pdbx_struct_assembly.oligomeric_count     4 
# 
_pdbx_struct_assembly_gen.assembly_id       1 
_pdbx_struct_assembly_gen.oper_expression   1,2 
_pdbx_struct_assembly_gen.asym_id_list      A,B,C,D,E 
# 
loop_
_pdbx_struct_assembly_prop.biol_id 
_pdbx_struct_assembly_prop.type 
_pdbx_struct_assembly_prop.value 
_pdbx_struct_assembly_prop.details 
1 'ABSA (A^2)' 4780 ? 
1 MORE         -20  ? 
1 'SSA (A^2)'  8600 ? 
# 
loop_
_pdbx_struct_oper_list.id 
_pdbx_struct_oper_list.type 
_pdbx_struct_oper_list.name 
_pdbx_struct_oper_list.symmetry_operation 
_pdbx_struct_oper_list.matrix[1][1] 
_pdbx_struct_oper_list.matrix[1][2] 
_pdbx_struct_oper_list.matrix[1][3] 
_pdbx_struct_oper_list.vector[1] 
_pdbx_struct_oper_list.matrix[2][1] 
_pdbx_struct_oper_list.matrix[2][2] 
_pdbx_struct_oper_list.matrix[2][3] 
_pdbx_struct_oper_list.vector[2] 
_pdbx_struct_oper_list.matrix[3][1] 
_pdbx_struct_oper_list.matrix[3][2] 
_pdbx_struct_oper_list.matrix[3][3] 
_pdbx_struct_oper_list.vector[3] 
1 'identity operation'         1_555  x,y,z        1.0000000000  0.0000000000  0.0000000000  0.0000000000   0.0000000000  1.0000000000  0.0000000000 0.0000000000  0.0000000000  0.0000000000 1.0000000000 0.0000000000  
2 'crystal symmetry operation' 10_554 -y,-x,-z-1/6 -0.3539222240 -0.4749671667 -0.8056955070 -16.1209530532 -0.4749671667 -0.6508256160 0.5923109049 -6.4409806058 -0.8056955070 0.5923109049 0.0047478399 -9.1301678156 
# 
loop_
_pdbx_audit_revision_history.ordinal 
_pdbx_audit_revision_history.data_content_type 
_pdbx_audit_revision_history.major_revision 
_pdbx_audit_revision_history.minor_revision 
_pdbx_audit_revision_history.revision_date 
1 'Structure model' 1 0 2008-08-12 
2 'Structure model' 1 1 2011-07-13 
3 'Structure model' 1 2 2023-08-30 
# 
_pdbx_audit_revision_details.ordinal             1 
_pdbx_audit_revision_details.revision_ordinal    1 
_pdbx_audit_revision_details.data_content_type   'Structure model' 
_pdbx_audit_revision_details.provider            repository 
_pdbx_audit_revision_details.type                'Initial release' 
_pdbx_audit_revision_details.description         ? 
_pdbx_audit_revision_details.details             ? 
# 
loop_
_pdbx_audit_revision_group.ordinal 
_pdbx_audit_revision_group.revision_ordinal 
_pdbx_audit_revision_group.data_content_type 
_pdbx_audit_revision_group.group 
1 2 'Structure model' 'Version format compliance' 
2 3 'Structure model' 'Data collection'           
3 3 'Structure model' 'Database references'       
4 3 'Structure model' 'Derived calculations'      
5 3 'Structure model' 'Refinement description'    
# 
loop_
_pdbx_audit_revision_category.ordinal 
_pdbx_audit_revision_category.revision_ordinal 
_pdbx_audit_revision_category.data_content_type 
_pdbx_audit_revision_category.category 
1 3 'Structure model' chem_comp_atom                
2 3 'Structure model' chem_comp_bond                
3 3 'Structure model' database_2                    
4 3 'Structure model' pdbx_initial_refinement_model 
5 3 'Structure model' struct_site                   
# 
loop_
_pdbx_audit_revision_item.ordinal 
_pdbx_audit_revision_item.revision_ordinal 
_pdbx_audit_revision_item.data_content_type 
_pdbx_audit_revision_item.item 
1 3 'Structure model' '_database_2.pdbx_DOI'                
2 3 'Structure model' '_database_2.pdbx_database_accession' 
3 3 'Structure model' '_struct_site.pdbx_auth_asym_id'      
4 3 'Structure model' '_struct_site.pdbx_auth_comp_id'      
5 3 'Structure model' '_struct_site.pdbx_auth_seq_id'       
# 
loop_
_software.name 
_software.classification 
_software.version 
_software.citation_id 
_software.pdbx_ordinal 
REFMAC refinement       5.2.0019 ? 1 
MOSFLM 'data reduction' .        ? 2 
SCALA  'data scaling'   .        ? 3 
MOLREP phasing          .        ? 4 
# 
_pdbx_validate_close_contact.id               1 
_pdbx_validate_close_contact.PDB_model_num    1 
_pdbx_validate_close_contact.auth_atom_id_1   O 
_pdbx_validate_close_contact.auth_asym_id_1   A 
_pdbx_validate_close_contact.auth_comp_id_1   HOH 
_pdbx_validate_close_contact.auth_seq_id_1    93 
_pdbx_validate_close_contact.PDB_ins_code_1   ? 
_pdbx_validate_close_contact.label_alt_id_1   ? 
_pdbx_validate_close_contact.auth_atom_id_2   O 
_pdbx_validate_close_contact.auth_asym_id_2   A 
_pdbx_validate_close_contact.auth_comp_id_2   HOH 
_pdbx_validate_close_contact.auth_seq_id_2    125 
_pdbx_validate_close_contact.PDB_ins_code_2   ? 
_pdbx_validate_close_contact.label_alt_id_2   ? 
_pdbx_validate_close_contact.dist             2.16 
# 
_pdbx_validate_rmsd_bond.id                        1 
_pdbx_validate_rmsd_bond.PDB_model_num             1 
_pdbx_validate_rmsd_bond.auth_atom_id_1            CD 
_pdbx_validate_rmsd_bond.auth_asym_id_1            A 
_pdbx_validate_rmsd_bond.auth_comp_id_1            GLU 
_pdbx_validate_rmsd_bond.auth_seq_id_1             16 
_pdbx_validate_rmsd_bond.PDB_ins_code_1            ? 
_pdbx_validate_rmsd_bond.label_alt_id_1            A 
_pdbx_validate_rmsd_bond.auth_atom_id_2            OE2 
_pdbx_validate_rmsd_bond.auth_asym_id_2            A 
_pdbx_validate_rmsd_bond.auth_comp_id_2            GLU 
_pdbx_validate_rmsd_bond.auth_seq_id_2             16 
_pdbx_validate_rmsd_bond.PDB_ins_code_2            ? 
_pdbx_validate_rmsd_bond.label_alt_id_2            A 
_pdbx_validate_rmsd_bond.bond_value                1.392 
_pdbx_validate_rmsd_bond.bond_target_value         1.252 
_pdbx_validate_rmsd_bond.bond_deviation            0.140 
_pdbx_validate_rmsd_bond.bond_standard_deviation   0.011 
_pdbx_validate_rmsd_bond.linker_flag               N 
# 
loop_
_pdbx_validate_torsion.id 
_pdbx_validate_torsion.PDB_model_num 
_pdbx_validate_torsion.auth_comp_id 
_pdbx_validate_torsion.auth_asym_id 
_pdbx_validate_torsion.auth_seq_id 
_pdbx_validate_torsion.PDB_ins_code 
_pdbx_validate_torsion.label_alt_id 
_pdbx_validate_torsion.phi 
_pdbx_validate_torsion.psi 
1 1 MET A 13 ? ? -171.83 139.95 
2 1 ASN A 51 ? ? 76.67   148.78 
# 
loop_
_pdbx_unobs_or_zero_occ_residues.id 
_pdbx_unobs_or_zero_occ_residues.PDB_model_num 
_pdbx_unobs_or_zero_occ_residues.polymer_flag 
_pdbx_unobs_or_zero_occ_residues.occupancy_flag 
_pdbx_unobs_or_zero_occ_residues.auth_asym_id 
_pdbx_unobs_or_zero_occ_residues.auth_comp_id 
_pdbx_unobs_or_zero_occ_residues.auth_seq_id 
_pdbx_unobs_or_zero_occ_residues.PDB_ins_code 
_pdbx_unobs_or_zero_occ_residues.label_asym_id 
_pdbx_unobs_or_zero_occ_residues.label_comp_id 
_pdbx_unobs_or_zero_occ_residues.label_seq_id 
1 1 Y 1 A MET 1   ? A MET 1 
2 1 Y 1 A SER 2   ? A SER 2 
3 1 Y 1 C MET 281 ? B MET 1 
4 1 Y 1 C TYR 282 ? B TYR 2 
5 1 Y 1 C HIS 283 ? B HIS 3 
6 1 Y 1 C ILE 284 ? B ILE 4 
7 1 Y 1 C ARG 285 ? B ARG 5 
8 1 Y 1 C SER 286 ? B SER 6 
# 
loop_
_chem_comp_atom.comp_id 
_chem_comp_atom.atom_id 
_chem_comp_atom.type_symbol 
_chem_comp_atom.pdbx_aromatic_flag 
_chem_comp_atom.pdbx_stereo_config 
_chem_comp_atom.pdbx_ordinal 
ACT C    C N N 1   
ACT O    O N N 2   
ACT OXT  O N N 3   
ACT CH3  C N N 4   
ACT H1   H N N 5   
ACT H2   H N N 6   
ACT H3   H N N 7   
ALA N    N N N 8   
ALA CA   C N S 9   
ALA C    C N N 10  
ALA O    O N N 11  
ALA CB   C N N 12  
ALA OXT  O N N 13  
ALA H    H N N 14  
ALA H2   H N N 15  
ALA HA   H N N 16  
ALA HB1  H N N 17  
ALA HB2  H N N 18  
ALA HB3  H N N 19  
ALA HXT  H N N 20  
ARG N    N N N 21  
ARG CA   C N S 22  
ARG C    C N N 23  
ARG O    O N N 24  
ARG CB   C N N 25  
ARG CG   C N N 26  
ARG CD   C N N 27  
ARG NE   N N N 28  
ARG CZ   C N N 29  
ARG NH1  N N N 30  
ARG NH2  N N N 31  
ARG OXT  O N N 32  
ARG H    H N N 33  
ARG H2   H N N 34  
ARG HA   H N N 35  
ARG HB2  H N N 36  
ARG HB3  H N N 37  
ARG HG2  H N N 38  
ARG HG3  H N N 39  
ARG HD2  H N N 40  
ARG HD3  H N N 41  
ARG HE   H N N 42  
ARG HH11 H N N 43  
ARG HH12 H N N 44  
ARG HH21 H N N 45  
ARG HH22 H N N 46  
ARG HXT  H N N 47  
ASN N    N N N 48  
ASN CA   C N S 49  
ASN C    C N N 50  
ASN O    O N N 51  
ASN CB   C N N 52  
ASN CG   C N N 53  
ASN OD1  O N N 54  
ASN ND2  N N N 55  
ASN OXT  O N N 56  
ASN H    H N N 57  
ASN H2   H N N 58  
ASN HA   H N N 59  
ASN HB2  H N N 60  
ASN HB3  H N N 61  
ASN HD21 H N N 62  
ASN HD22 H N N 63  
ASN HXT  H N N 64  
ASP N    N N N 65  
ASP CA   C N S 66  
ASP C    C N N 67  
ASP O    O N N 68  
ASP CB   C N N 69  
ASP CG   C N N 70  
ASP OD1  O N N 71  
ASP OD2  O N N 72  
ASP OXT  O N N 73  
ASP H    H N N 74  
ASP H2   H N N 75  
ASP HA   H N N 76  
ASP HB2  H N N 77  
ASP HB3  H N N 78  
ASP HD2  H N N 79  
ASP HXT  H N N 80  
CYS N    N N N 81  
CYS CA   C N R 82  
CYS C    C N N 83  
CYS O    O N N 84  
CYS CB   C N N 85  
CYS SG   S N N 86  
CYS OXT  O N N 87  
CYS H    H N N 88  
CYS H2   H N N 89  
CYS HA   H N N 90  
CYS HB2  H N N 91  
CYS HB3  H N N 92  
CYS HG   H N N 93  
CYS HXT  H N N 94  
GLN N    N N N 95  
GLN CA   C N S 96  
GLN C    C N N 97  
GLN O    O N N 98  
GLN CB   C N N 99  
GLN CG   C N N 100 
GLN CD   C N N 101 
GLN OE1  O N N 102 
GLN NE2  N N N 103 
GLN OXT  O N N 104 
GLN H    H N N 105 
GLN H2   H N N 106 
GLN HA   H N N 107 
GLN HB2  H N N 108 
GLN HB3  H N N 109 
GLN HG2  H N N 110 
GLN HG3  H N N 111 
GLN HE21 H N N 112 
GLN HE22 H N N 113 
GLN HXT  H N N 114 
GLU N    N N N 115 
GLU CA   C N S 116 
GLU C    C N N 117 
GLU O    O N N 118 
GLU CB   C N N 119 
GLU CG   C N N 120 
GLU CD   C N N 121 
GLU OE1  O N N 122 
GLU OE2  O N N 123 
GLU OXT  O N N 124 
GLU H    H N N 125 
GLU H2   H N N 126 
GLU HA   H N N 127 
GLU HB2  H N N 128 
GLU HB3  H N N 129 
GLU HG2  H N N 130 
GLU HG3  H N N 131 
GLU HE2  H N N 132 
GLU HXT  H N N 133 
GLY N    N N N 134 
GLY CA   C N N 135 
GLY C    C N N 136 
GLY O    O N N 137 
GLY OXT  O N N 138 
GLY H    H N N 139 
GLY H2   H N N 140 
GLY HA2  H N N 141 
GLY HA3  H N N 142 
GLY HXT  H N N 143 
HIS N    N N N 144 
HIS CA   C N S 145 
HIS C    C N N 146 
HIS O    O N N 147 
HIS CB   C N N 148 
HIS CG   C Y N 149 
HIS ND1  N Y N 150 
HIS CD2  C Y N 151 
HIS CE1  C Y N 152 
HIS NE2  N Y N 153 
HIS OXT  O N N 154 
HIS H    H N N 155 
HIS H2   H N N 156 
HIS HA   H N N 157 
HIS HB2  H N N 158 
HIS HB3  H N N 159 
HIS HD1  H N N 160 
HIS HD2  H N N 161 
HIS HE1  H N N 162 
HIS HE2  H N N 163 
HIS HXT  H N N 164 
HOH O    O N N 165 
HOH H1   H N N 166 
HOH H2   H N N 167 
ILE N    N N N 168 
ILE CA   C N S 169 
ILE C    C N N 170 
ILE O    O N N 171 
ILE CB   C N S 172 
ILE CG1  C N N 173 
ILE CG2  C N N 174 
ILE CD1  C N N 175 
ILE OXT  O N N 176 
ILE H    H N N 177 
ILE H2   H N N 178 
ILE HA   H N N 179 
ILE HB   H N N 180 
ILE HG12 H N N 181 
ILE HG13 H N N 182 
ILE HG21 H N N 183 
ILE HG22 H N N 184 
ILE HG23 H N N 185 
ILE HD11 H N N 186 
ILE HD12 H N N 187 
ILE HD13 H N N 188 
ILE HXT  H N N 189 
LEU N    N N N 190 
LEU CA   C N S 191 
LEU C    C N N 192 
LEU O    O N N 193 
LEU CB   C N N 194 
LEU CG   C N N 195 
LEU CD1  C N N 196 
LEU CD2  C N N 197 
LEU OXT  O N N 198 
LEU H    H N N 199 
LEU H2   H N N 200 
LEU HA   H N N 201 
LEU HB2  H N N 202 
LEU HB3  H N N 203 
LEU HG   H N N 204 
LEU HD11 H N N 205 
LEU HD12 H N N 206 
LEU HD13 H N N 207 
LEU HD21 H N N 208 
LEU HD22 H N N 209 
LEU HD23 H N N 210 
LEU HXT  H N N 211 
LYS N    N N N 212 
LYS CA   C N S 213 
LYS C    C N N 214 
LYS O    O N N 215 
LYS CB   C N N 216 
LYS CG   C N N 217 
LYS CD   C N N 218 
LYS CE   C N N 219 
LYS NZ   N N N 220 
LYS OXT  O N N 221 
LYS H    H N N 222 
LYS H2   H N N 223 
LYS HA   H N N 224 
LYS HB2  H N N 225 
LYS HB3  H N N 226 
LYS HG2  H N N 227 
LYS HG3  H N N 228 
LYS HD2  H N N 229 
LYS HD3  H N N 230 
LYS HE2  H N N 231 
LYS HE3  H N N 232 
LYS HZ1  H N N 233 
LYS HZ2  H N N 234 
LYS HZ3  H N N 235 
LYS HXT  H N N 236 
MET N    N N N 237 
MET CA   C N S 238 
MET C    C N N 239 
MET O    O N N 240 
MET CB   C N N 241 
MET CG   C N N 242 
MET SD   S N N 243 
MET CE   C N N 244 
MET OXT  O N N 245 
MET H    H N N 246 
MET H2   H N N 247 
MET HA   H N N 248 
MET HB2  H N N 249 
MET HB3  H N N 250 
MET HG2  H N N 251 
MET HG3  H N N 252 
MET HE1  H N N 253 
MET HE2  H N N 254 
MET HE3  H N N 255 
MET HXT  H N N 256 
PHE N    N N N 257 
PHE CA   C N S 258 
PHE C    C N N 259 
PHE O    O N N 260 
PHE CB   C N N 261 
PHE CG   C Y N 262 
PHE CD1  C Y N 263 
PHE CD2  C Y N 264 
PHE CE1  C Y N 265 
PHE CE2  C Y N 266 
PHE CZ   C Y N 267 
PHE OXT  O N N 268 
PHE H    H N N 269 
PHE H2   H N N 270 
PHE HA   H N N 271 
PHE HB2  H N N 272 
PHE HB3  H N N 273 
PHE HD1  H N N 274 
PHE HD2  H N N 275 
PHE HE1  H N N 276 
PHE HE2  H N N 277 
PHE HZ   H N N 278 
PHE HXT  H N N 279 
PRO N    N N N 280 
PRO CA   C N S 281 
PRO C    C N N 282 
PRO O    O N N 283 
PRO CB   C N N 284 
PRO CG   C N N 285 
PRO CD   C N N 286 
PRO OXT  O N N 287 
PRO H    H N N 288 
PRO HA   H N N 289 
PRO HB2  H N N 290 
PRO HB3  H N N 291 
PRO HG2  H N N 292 
PRO HG3  H N N 293 
PRO HD2  H N N 294 
PRO HD3  H N N 295 
PRO HXT  H N N 296 
SER N    N N N 297 
SER CA   C N S 298 
SER C    C N N 299 
SER O    O N N 300 
SER CB   C N N 301 
SER OG   O N N 302 
SER OXT  O N N 303 
SER H    H N N 304 
SER H2   H N N 305 
SER HA   H N N 306 
SER HB2  H N N 307 
SER HB3  H N N 308 
SER HG   H N N 309 
SER HXT  H N N 310 
THR N    N N N 311 
THR CA   C N S 312 
THR C    C N N 313 
THR O    O N N 314 
THR CB   C N R 315 
THR OG1  O N N 316 
THR CG2  C N N 317 
THR OXT  O N N 318 
THR H    H N N 319 
THR H2   H N N 320 
THR HA   H N N 321 
THR HB   H N N 322 
THR HG1  H N N 323 
THR HG21 H N N 324 
THR HG22 H N N 325 
THR HG23 H N N 326 
THR HXT  H N N 327 
TRP N    N N N 328 
TRP CA   C N S 329 
TRP C    C N N 330 
TRP O    O N N 331 
TRP CB   C N N 332 
TRP CG   C Y N 333 
TRP CD1  C Y N 334 
TRP CD2  C Y N 335 
TRP NE1  N Y N 336 
TRP CE2  C Y N 337 
TRP CE3  C Y N 338 
TRP CZ2  C Y N 339 
TRP CZ3  C Y N 340 
TRP CH2  C Y N 341 
TRP OXT  O N N 342 
TRP H    H N N 343 
TRP H2   H N N 344 
TRP HA   H N N 345 
TRP HB2  H N N 346 
TRP HB3  H N N 347 
TRP HD1  H N N 348 
TRP HE1  H N N 349 
TRP HE3  H N N 350 
TRP HZ2  H N N 351 
TRP HZ3  H N N 352 
TRP HH2  H N N 353 
TRP HXT  H N N 354 
TYR N    N N N 355 
TYR CA   C N S 356 
TYR C    C N N 357 
TYR O    O N N 358 
TYR CB   C N N 359 
TYR CG   C Y N 360 
TYR CD1  C Y N 361 
TYR CD2  C Y N 362 
TYR CE1  C Y N 363 
TYR CE2  C Y N 364 
TYR CZ   C Y N 365 
TYR OH   O N N 366 
TYR OXT  O N N 367 
TYR H    H N N 368 
TYR H2   H N N 369 
TYR HA   H N N 370 
TYR HB2  H N N 371 
TYR HB3  H N N 372 
TYR HD1  H N N 373 
TYR HD2  H N N 374 
TYR HE1  H N N 375 
TYR HE2  H N N 376 
TYR HH   H N N 377 
TYR HXT  H N N 378 
VAL N    N N N 379 
VAL CA   C N S 380 
VAL C    C N N 381 
VAL O    O N N 382 
VAL CB   C N N 383 
VAL CG1  C N N 384 
VAL CG2  C N N 385 
VAL OXT  O N N 386 
VAL H    H N N 387 
VAL H2   H N N 388 
VAL HA   H N N 389 
VAL HB   H N N 390 
VAL HG11 H N N 391 
VAL HG12 H N N 392 
VAL HG13 H N N 393 
VAL HG21 H N N 394 
VAL HG22 H N N 395 
VAL HG23 H N N 396 
VAL HXT  H N N 397 
# 
loop_
_chem_comp_bond.comp_id 
_chem_comp_bond.atom_id_1 
_chem_comp_bond.atom_id_2 
_chem_comp_bond.value_order 
_chem_comp_bond.pdbx_aromatic_flag 
_chem_comp_bond.pdbx_stereo_config 
_chem_comp_bond.pdbx_ordinal 
ACT C   O    doub N N 1   
ACT C   OXT  sing N N 2   
ACT C   CH3  sing N N 3   
ACT CH3 H1   sing N N 4   
ACT CH3 H2   sing N N 5   
ACT CH3 H3   sing N N 6   
ALA N   CA   sing N N 7   
ALA N   H    sing N N 8   
ALA N   H2   sing N N 9   
ALA CA  C    sing N N 10  
ALA CA  CB   sing N N 11  
ALA CA  HA   sing N N 12  
ALA C   O    doub N N 13  
ALA C   OXT  sing N N 14  
ALA CB  HB1  sing N N 15  
ALA CB  HB2  sing N N 16  
ALA CB  HB3  sing N N 17  
ALA OXT HXT  sing N N 18  
ARG N   CA   sing N N 19  
ARG N   H    sing N N 20  
ARG N   H2   sing N N 21  
ARG CA  C    sing N N 22  
ARG CA  CB   sing N N 23  
ARG CA  HA   sing N N 24  
ARG C   O    doub N N 25  
ARG C   OXT  sing N N 26  
ARG CB  CG   sing N N 27  
ARG CB  HB2  sing N N 28  
ARG CB  HB3  sing N N 29  
ARG CG  CD   sing N N 30  
ARG CG  HG2  sing N N 31  
ARG CG  HG3  sing N N 32  
ARG CD  NE   sing N N 33  
ARG CD  HD2  sing N N 34  
ARG CD  HD3  sing N N 35  
ARG NE  CZ   sing N N 36  
ARG NE  HE   sing N N 37  
ARG CZ  NH1  sing N N 38  
ARG CZ  NH2  doub N N 39  
ARG NH1 HH11 sing N N 40  
ARG NH1 HH12 sing N N 41  
ARG NH2 HH21 sing N N 42  
ARG NH2 HH22 sing N N 43  
ARG OXT HXT  sing N N 44  
ASN N   CA   sing N N 45  
ASN N   H    sing N N 46  
ASN N   H2   sing N N 47  
ASN CA  C    sing N N 48  
ASN CA  CB   sing N N 49  
ASN CA  HA   sing N N 50  
ASN C   O    doub N N 51  
ASN C   OXT  sing N N 52  
ASN CB  CG   sing N N 53  
ASN CB  HB2  sing N N 54  
ASN CB  HB3  sing N N 55  
ASN CG  OD1  doub N N 56  
ASN CG  ND2  sing N N 57  
ASN ND2 HD21 sing N N 58  
ASN ND2 HD22 sing N N 59  
ASN OXT HXT  sing N N 60  
ASP N   CA   sing N N 61  
ASP N   H    sing N N 62  
ASP N   H2   sing N N 63  
ASP CA  C    sing N N 64  
ASP CA  CB   sing N N 65  
ASP CA  HA   sing N N 66  
ASP C   O    doub N N 67  
ASP C   OXT  sing N N 68  
ASP CB  CG   sing N N 69  
ASP CB  HB2  sing N N 70  
ASP CB  HB3  sing N N 71  
ASP CG  OD1  doub N N 72  
ASP CG  OD2  sing N N 73  
ASP OD2 HD2  sing N N 74  
ASP OXT HXT  sing N N 75  
CYS N   CA   sing N N 76  
CYS N   H    sing N N 77  
CYS N   H2   sing N N 78  
CYS CA  C    sing N N 79  
CYS CA  CB   sing N N 80  
CYS CA  HA   sing N N 81  
CYS C   O    doub N N 82  
CYS C   OXT  sing N N 83  
CYS CB  SG   sing N N 84  
CYS CB  HB2  sing N N 85  
CYS CB  HB3  sing N N 86  
CYS SG  HG   sing N N 87  
CYS OXT HXT  sing N N 88  
GLN N   CA   sing N N 89  
GLN N   H    sing N N 90  
GLN N   H2   sing N N 91  
GLN CA  C    sing N N 92  
GLN CA  CB   sing N N 93  
GLN CA  HA   sing N N 94  
GLN C   O    doub N N 95  
GLN C   OXT  sing N N 96  
GLN CB  CG   sing N N 97  
GLN CB  HB2  sing N N 98  
GLN CB  HB3  sing N N 99  
GLN CG  CD   sing N N 100 
GLN CG  HG2  sing N N 101 
GLN CG  HG3  sing N N 102 
GLN CD  OE1  doub N N 103 
GLN CD  NE2  sing N N 104 
GLN NE2 HE21 sing N N 105 
GLN NE2 HE22 sing N N 106 
GLN OXT HXT  sing N N 107 
GLU N   CA   sing N N 108 
GLU N   H    sing N N 109 
GLU N   H2   sing N N 110 
GLU CA  C    sing N N 111 
GLU CA  CB   sing N N 112 
GLU CA  HA   sing N N 113 
GLU C   O    doub N N 114 
GLU C   OXT  sing N N 115 
GLU CB  CG   sing N N 116 
GLU CB  HB2  sing N N 117 
GLU CB  HB3  sing N N 118 
GLU CG  CD   sing N N 119 
GLU CG  HG2  sing N N 120 
GLU CG  HG3  sing N N 121 
GLU CD  OE1  doub N N 122 
GLU CD  OE2  sing N N 123 
GLU OE2 HE2  sing N N 124 
GLU OXT HXT  sing N N 125 
GLY N   CA   sing N N 126 
GLY N   H    sing N N 127 
GLY N   H2   sing N N 128 
GLY CA  C    sing N N 129 
GLY CA  HA2  sing N N 130 
GLY CA  HA3  sing N N 131 
GLY C   O    doub N N 132 
GLY C   OXT  sing N N 133 
GLY OXT HXT  sing N N 134 
HIS N   CA   sing N N 135 
HIS N   H    sing N N 136 
HIS N   H2   sing N N 137 
HIS CA  C    sing N N 138 
HIS CA  CB   sing N N 139 
HIS CA  HA   sing N N 140 
HIS C   O    doub N N 141 
HIS C   OXT  sing N N 142 
HIS CB  CG   sing N N 143 
HIS CB  HB2  sing N N 144 
HIS CB  HB3  sing N N 145 
HIS CG  ND1  sing Y N 146 
HIS CG  CD2  doub Y N 147 
HIS ND1 CE1  doub Y N 148 
HIS ND1 HD1  sing N N 149 
HIS CD2 NE2  sing Y N 150 
HIS CD2 HD2  sing N N 151 
HIS CE1 NE2  sing Y N 152 
HIS CE1 HE1  sing N N 153 
HIS NE2 HE2  sing N N 154 
HIS OXT HXT  sing N N 155 
HOH O   H1   sing N N 156 
HOH O   H2   sing N N 157 
ILE N   CA   sing N N 158 
ILE N   H    sing N N 159 
ILE N   H2   sing N N 160 
ILE CA  C    sing N N 161 
ILE CA  CB   sing N N 162 
ILE CA  HA   sing N N 163 
ILE C   O    doub N N 164 
ILE C   OXT  sing N N 165 
ILE CB  CG1  sing N N 166 
ILE CB  CG2  sing N N 167 
ILE CB  HB   sing N N 168 
ILE CG1 CD1  sing N N 169 
ILE CG1 HG12 sing N N 170 
ILE CG1 HG13 sing N N 171 
ILE CG2 HG21 sing N N 172 
ILE CG2 HG22 sing N N 173 
ILE CG2 HG23 sing N N 174 
ILE CD1 HD11 sing N N 175 
ILE CD1 HD12 sing N N 176 
ILE CD1 HD13 sing N N 177 
ILE OXT HXT  sing N N 178 
LEU N   CA   sing N N 179 
LEU N   H    sing N N 180 
LEU N   H2   sing N N 181 
LEU CA  C    sing N N 182 
LEU CA  CB   sing N N 183 
LEU CA  HA   sing N N 184 
LEU C   O    doub N N 185 
LEU C   OXT  sing N N 186 
LEU CB  CG   sing N N 187 
LEU CB  HB2  sing N N 188 
LEU CB  HB3  sing N N 189 
LEU CG  CD1  sing N N 190 
LEU CG  CD2  sing N N 191 
LEU CG  HG   sing N N 192 
LEU CD1 HD11 sing N N 193 
LEU CD1 HD12 sing N N 194 
LEU CD1 HD13 sing N N 195 
LEU CD2 HD21 sing N N 196 
LEU CD2 HD22 sing N N 197 
LEU CD2 HD23 sing N N 198 
LEU OXT HXT  sing N N 199 
LYS N   CA   sing N N 200 
LYS N   H    sing N N 201 
LYS N   H2   sing N N 202 
LYS CA  C    sing N N 203 
LYS CA  CB   sing N N 204 
LYS CA  HA   sing N N 205 
LYS C   O    doub N N 206 
LYS C   OXT  sing N N 207 
LYS CB  CG   sing N N 208 
LYS CB  HB2  sing N N 209 
LYS CB  HB3  sing N N 210 
LYS CG  CD   sing N N 211 
LYS CG  HG2  sing N N 212 
LYS CG  HG3  sing N N 213 
LYS CD  CE   sing N N 214 
LYS CD  HD2  sing N N 215 
LYS CD  HD3  sing N N 216 
LYS CE  NZ   sing N N 217 
LYS CE  HE2  sing N N 218 
LYS CE  HE3  sing N N 219 
LYS NZ  HZ1  sing N N 220 
LYS NZ  HZ2  sing N N 221 
LYS NZ  HZ3  sing N N 222 
LYS OXT HXT  sing N N 223 
MET N   CA   sing N N 224 
MET N   H    sing N N 225 
MET N   H2   sing N N 226 
MET CA  C    sing N N 227 
MET CA  CB   sing N N 228 
MET CA  HA   sing N N 229 
MET C   O    doub N N 230 
MET C   OXT  sing N N 231 
MET CB  CG   sing N N 232 
MET CB  HB2  sing N N 233 
MET CB  HB3  sing N N 234 
MET CG  SD   sing N N 235 
MET CG  HG2  sing N N 236 
MET CG  HG3  sing N N 237 
MET SD  CE   sing N N 238 
MET CE  HE1  sing N N 239 
MET CE  HE2  sing N N 240 
MET CE  HE3  sing N N 241 
MET OXT HXT  sing N N 242 
PHE N   CA   sing N N 243 
PHE N   H    sing N N 244 
PHE N   H2   sing N N 245 
PHE CA  C    sing N N 246 
PHE CA  CB   sing N N 247 
PHE CA  HA   sing N N 248 
PHE C   O    doub N N 249 
PHE C   OXT  sing N N 250 
PHE CB  CG   sing N N 251 
PHE CB  HB2  sing N N 252 
PHE CB  HB3  sing N N 253 
PHE CG  CD1  doub Y N 254 
PHE CG  CD2  sing Y N 255 
PHE CD1 CE1  sing Y N 256 
PHE CD1 HD1  sing N N 257 
PHE CD2 CE2  doub Y N 258 
PHE CD2 HD2  sing N N 259 
PHE CE1 CZ   doub Y N 260 
PHE CE1 HE1  sing N N 261 
PHE CE2 CZ   sing Y N 262 
PHE CE2 HE2  sing N N 263 
PHE CZ  HZ   sing N N 264 
PHE OXT HXT  sing N N 265 
PRO N   CA   sing N N 266 
PRO N   CD   sing N N 267 
PRO N   H    sing N N 268 
PRO CA  C    sing N N 269 
PRO CA  CB   sing N N 270 
PRO CA  HA   sing N N 271 
PRO C   O    doub N N 272 
PRO C   OXT  sing N N 273 
PRO CB  CG   sing N N 274 
PRO CB  HB2  sing N N 275 
PRO CB  HB3  sing N N 276 
PRO CG  CD   sing N N 277 
PRO CG  HG2  sing N N 278 
PRO CG  HG3  sing N N 279 
PRO CD  HD2  sing N N 280 
PRO CD  HD3  sing N N 281 
PRO OXT HXT  sing N N 282 
SER N   CA   sing N N 283 
SER N   H    sing N N 284 
SER N   H2   sing N N 285 
SER CA  C    sing N N 286 
SER CA  CB   sing N N 287 
SER CA  HA   sing N N 288 
SER C   O    doub N N 289 
SER C   OXT  sing N N 290 
SER CB  OG   sing N N 291 
SER CB  HB2  sing N N 292 
SER CB  HB3  sing N N 293 
SER OG  HG   sing N N 294 
SER OXT HXT  sing N N 295 
THR N   CA   sing N N 296 
THR N   H    sing N N 297 
THR N   H2   sing N N 298 
THR CA  C    sing N N 299 
THR CA  CB   sing N N 300 
THR CA  HA   sing N N 301 
THR C   O    doub N N 302 
THR C   OXT  sing N N 303 
THR CB  OG1  sing N N 304 
THR CB  CG2  sing N N 305 
THR CB  HB   sing N N 306 
THR OG1 HG1  sing N N 307 
THR CG2 HG21 sing N N 308 
THR CG2 HG22 sing N N 309 
THR CG2 HG23 sing N N 310 
THR OXT HXT  sing N N 311 
TRP N   CA   sing N N 312 
TRP N   H    sing N N 313 
TRP N   H2   sing N N 314 
TRP CA  C    sing N N 315 
TRP CA  CB   sing N N 316 
TRP CA  HA   sing N N 317 
TRP C   O    doub N N 318 
TRP C   OXT  sing N N 319 
TRP CB  CG   sing N N 320 
TRP CB  HB2  sing N N 321 
TRP CB  HB3  sing N N 322 
TRP CG  CD1  doub Y N 323 
TRP CG  CD2  sing Y N 324 
TRP CD1 NE1  sing Y N 325 
TRP CD1 HD1  sing N N 326 
TRP CD2 CE2  doub Y N 327 
TRP CD2 CE3  sing Y N 328 
TRP NE1 CE2  sing Y N 329 
TRP NE1 HE1  sing N N 330 
TRP CE2 CZ2  sing Y N 331 
TRP CE3 CZ3  doub Y N 332 
TRP CE3 HE3  sing N N 333 
TRP CZ2 CH2  doub Y N 334 
TRP CZ2 HZ2  sing N N 335 
TRP CZ3 CH2  sing Y N 336 
TRP CZ3 HZ3  sing N N 337 
TRP CH2 HH2  sing N N 338 
TRP OXT HXT  sing N N 339 
TYR N   CA   sing N N 340 
TYR N   H    sing N N 341 
TYR N   H2   sing N N 342 
TYR CA  C    sing N N 343 
TYR CA  CB   sing N N 344 
TYR CA  HA   sing N N 345 
TYR C   O    doub N N 346 
TYR C   OXT  sing N N 347 
TYR CB  CG   sing N N 348 
TYR CB  HB2  sing N N 349 
TYR CB  HB3  sing N N 350 
TYR CG  CD1  doub Y N 351 
TYR CG  CD2  sing Y N 352 
TYR CD1 CE1  sing Y N 353 
TYR CD1 HD1  sing N N 354 
TYR CD2 CE2  doub Y N 355 
TYR CD2 HD2  sing N N 356 
TYR CE1 CZ   doub Y N 357 
TYR CE1 HE1  sing N N 358 
TYR CE2 CZ   sing Y N 359 
TYR CE2 HE2  sing N N 360 
TYR CZ  OH   sing N N 361 
TYR OH  HH   sing N N 362 
TYR OXT HXT  sing N N 363 
VAL N   CA   sing N N 364 
VAL N   H    sing N N 365 
VAL N   H2   sing N N 366 
VAL CA  C    sing N N 367 
VAL CA  CB   sing N N 368 
VAL CA  HA   sing N N 369 
VAL C   O    doub N N 370 
VAL C   OXT  sing N N 371 
VAL CB  CG1  sing N N 372 
VAL CB  CG2  sing N N 373 
VAL CB  HB   sing N N 374 
VAL CG1 HG11 sing N N 375 
VAL CG1 HG12 sing N N 376 
VAL CG1 HG13 sing N N 377 
VAL CG2 HG21 sing N N 378 
VAL CG2 HG22 sing N N 379 
VAL CG2 HG23 sing N N 380 
VAL OXT HXT  sing N N 381 
# 
loop_
_pdbx_entity_nonpoly.entity_id 
_pdbx_entity_nonpoly.name 
_pdbx_entity_nonpoly.comp_id 
3 'ACETATE ION' ACT 
4 water         HOH 
# 
_pdbx_initial_refinement_model.id               1 
_pdbx_initial_refinement_model.entity_id_list   ? 
_pdbx_initial_refinement_model.type             'experimental model' 
_pdbx_initial_refinement_model.source_name      PDB 
_pdbx_initial_refinement_model.accession_code   2P1K 
_pdbx_initial_refinement_model.details          'pdb entry 2p1k' 
# 
